data_1UJD
#
_entry.id   1UJD
#
_cell.length_a   1.000
_cell.length_b   1.000
_cell.length_c   1.000
_cell.angle_alpha   90.00
_cell.angle_beta   90.00
_cell.angle_gamma   90.00
#
_symmetry.space_group_name_H-M   'P 1'
#
_entity_poly.entity_id   1
_entity_poly.type   'polypeptide(L)'
_entity_poly.pdbx_seq_one_letter_code
;GSSGSSGHYIFPHARIKITRDSKDHTVSGNGLGIRIVGGKEIPGHSGEIGAYIAKILPGGSAEQTGKLMEGMQVLEWNGI
PLTSKTYEEVQSIISQQSGEAEICVRLDLNMSGPSSG
;
_entity_poly.pdbx_strand_id   A
#
# COMPACT_ATOMS: atom_id res chain seq x y z
N GLY A 1 -10.96 -9.31 -12.95
CA GLY A 1 -12.31 -9.71 -12.59
C GLY A 1 -12.33 -10.39 -11.21
N SER A 2 -13.18 -9.87 -10.34
CA SER A 2 -13.31 -10.42 -9.00
C SER A 2 -14.59 -9.90 -8.34
N SER A 3 -14.68 -8.59 -8.26
CA SER A 3 -15.85 -7.96 -7.65
C SER A 3 -16.71 -7.30 -8.74
N GLY A 4 -17.95 -7.04 -8.38
CA GLY A 4 -18.88 -6.41 -9.31
C GLY A 4 -19.69 -5.31 -8.61
N SER A 5 -20.83 -5.71 -8.08
CA SER A 5 -21.70 -4.77 -7.39
C SER A 5 -21.13 -4.44 -6.01
N SER A 6 -20.56 -3.24 -5.91
CA SER A 6 -19.97 -2.80 -4.65
C SER A 6 -18.82 -3.73 -4.25
N GLY A 7 -17.71 -3.11 -3.88
CA GLY A 7 -16.54 -3.86 -3.46
C GLY A 7 -15.95 -3.31 -2.16
N HIS A 8 -16.72 -3.46 -1.09
CA HIS A 8 -16.30 -2.98 0.21
C HIS A 8 -15.89 -4.17 1.08
N TYR A 9 -15.25 -3.84 2.20
CA TYR A 9 -14.80 -4.87 3.13
C TYR A 9 -15.58 -4.80 4.45
N ILE A 10 -15.38 -5.82 5.27
CA ILE A 10 -16.06 -5.88 6.56
C ILE A 10 -15.35 -4.94 7.55
N PHE A 11 -14.08 -4.67 7.26
CA PHE A 11 -13.30 -3.80 8.10
C PHE A 11 -13.09 -2.44 7.45
N PRO A 12 -12.70 -1.44 8.30
CA PRO A 12 -12.48 -0.09 7.82
C PRO A 12 -11.16 0.00 7.05
N HIS A 13 -11.27 0.36 5.78
CA HIS A 13 -10.11 0.49 4.92
C HIS A 13 -10.15 1.82 4.18
N ALA A 14 -9.01 2.21 3.63
CA ALA A 14 -8.90 3.46 2.90
C ALA A 14 -8.34 3.17 1.51
N ARG A 15 -9.24 3.19 0.53
CA ARG A 15 -8.83 2.95 -0.85
C ARG A 15 -8.53 4.27 -1.56
N ILE A 16 -7.24 4.56 -1.65
CA ILE A 16 -6.80 5.79 -2.30
C ILE A 16 -5.90 5.42 -3.48
N LYS A 17 -6.02 6.22 -4.54
CA LYS A 17 -5.23 6.00 -5.74
C LYS A 17 -4.03 6.94 -5.73
N ILE A 18 -3.00 6.55 -6.46
CA ILE A 18 -1.79 7.34 -6.54
C ILE A 18 -1.51 7.70 -8.00
N THR A 19 -1.53 9.00 -8.28
CA THR A 19 -1.30 9.49 -9.62
C THR A 19 0.21 9.63 -9.88
N ARG A 20 0.58 9.41 -11.13
CA ARG A 20 1.98 9.50 -11.51
C ARG A 20 2.32 10.94 -11.91
N ASP A 21 3.51 11.37 -11.49
CA ASP A 21 3.97 12.72 -11.78
C ASP A 21 4.98 12.67 -12.93
N SER A 22 4.70 13.46 -13.95
CA SER A 22 5.58 13.51 -15.11
C SER A 22 6.72 14.50 -14.86
N LYS A 23 7.89 13.95 -14.58
CA LYS A 23 9.06 14.78 -14.32
C LYS A 23 8.86 15.54 -13.00
N ASP A 24 9.96 15.75 -12.30
CA ASP A 24 9.93 16.46 -11.03
C ASP A 24 11.36 16.70 -10.56
N HIS A 25 12.07 15.60 -10.33
CA HIS A 25 13.44 15.70 -9.87
C HIS A 25 14.06 14.29 -9.81
N THR A 26 14.17 13.68 -10.98
CA THR A 26 14.73 12.35 -11.08
C THR A 26 15.19 12.07 -12.51
N VAL A 27 15.99 11.01 -12.64
CA VAL A 27 16.51 10.63 -13.95
C VAL A 27 16.84 9.13 -13.94
N SER A 28 15.85 8.34 -13.61
CA SER A 28 16.02 6.90 -13.56
C SER A 28 14.70 6.20 -13.89
N GLY A 29 13.68 6.52 -13.10
CA GLY A 29 12.36 5.93 -13.31
C GLY A 29 11.99 5.00 -12.15
N ASN A 30 11.11 5.50 -11.28
CA ASN A 30 10.66 4.73 -10.14
C ASN A 30 9.15 4.53 -10.23
N GLY A 31 8.67 3.58 -9.43
CA GLY A 31 7.26 3.27 -9.42
C GLY A 31 6.56 3.97 -8.25
N LEU A 32 6.53 5.29 -8.32
CA LEU A 32 5.90 6.10 -7.28
C LEU A 32 6.70 5.97 -5.99
N GLY A 33 6.65 7.03 -5.19
CA GLY A 33 7.37 7.05 -3.94
C GLY A 33 6.63 6.25 -2.85
N ILE A 34 6.37 4.99 -3.18
CA ILE A 34 5.67 4.12 -2.26
C ILE A 34 6.46 2.82 -2.09
N ARG A 35 6.72 2.47 -0.84
CA ARG A 35 7.46 1.26 -0.54
C ARG A 35 6.66 0.37 0.42
N ILE A 36 6.55 -0.90 0.03
CA ILE A 36 5.81 -1.86 0.84
C ILE A 36 6.59 -3.17 0.89
N VAL A 37 6.71 -3.70 2.10
CA VAL A 37 7.42 -4.95 2.31
C VAL A 37 6.42 -6.06 2.62
N GLY A 38 6.57 -7.16 1.89
CA GLY A 38 5.68 -8.30 2.08
C GLY A 38 6.35 -9.37 2.95
N GLY A 39 5.61 -10.45 3.17
CA GLY A 39 6.11 -11.55 3.98
C GLY A 39 6.41 -11.08 5.41
N LYS A 40 5.49 -10.30 5.95
CA LYS A 40 5.65 -9.78 7.30
C LYS A 40 4.40 -10.11 8.11
N GLU A 41 4.62 -10.72 9.27
CA GLU A 41 3.53 -11.10 10.14
C GLU A 41 2.70 -9.87 10.51
N ILE A 42 1.39 -10.08 10.58
CA ILE A 42 0.47 -9.00 10.92
C ILE A 42 0.19 -9.04 12.42
N PRO A 43 0.17 -7.83 13.03
CA PRO A 43 -0.10 -7.71 14.46
C PRO A 43 -1.58 -7.92 14.76
N GLY A 44 -1.89 -9.12 15.22
CA GLY A 44 -3.27 -9.46 15.56
C GLY A 44 -3.70 -10.73 14.81
N HIS A 45 -3.58 -10.69 13.50
CA HIS A 45 -3.96 -11.83 12.67
C HIS A 45 -3.40 -13.11 13.29
N SER A 46 -4.11 -14.20 13.03
CA SER A 46 -3.69 -15.49 13.55
C SER A 46 -2.45 -15.99 12.80
N GLY A 47 -1.30 -15.58 13.30
CA GLY A 47 -0.03 -15.97 12.68
C GLY A 47 -0.13 -15.93 11.15
N GLU A 48 -0.37 -14.74 10.64
CA GLU A 48 -0.49 -14.56 9.20
C GLU A 48 0.47 -13.47 8.72
N ILE A 49 0.90 -13.62 7.48
CA ILE A 49 1.82 -12.66 6.89
C ILE A 49 1.05 -11.70 5.98
N GLY A 50 1.68 -10.58 5.68
CA GLY A 50 1.06 -9.58 4.82
C GLY A 50 2.10 -8.60 4.28
N ALA A 51 1.61 -7.47 3.80
CA ALA A 51 2.48 -6.44 3.26
C ALA A 51 2.17 -5.10 3.93
N TYR A 52 3.23 -4.38 4.26
CA TYR A 52 3.08 -3.09 4.91
C TYR A 52 4.01 -2.05 4.28
N ILE A 53 3.57 -0.80 4.34
CA ILE A 53 4.34 0.30 3.79
C ILE A 53 5.61 0.50 4.63
N ALA A 54 6.71 -0.01 4.11
CA ALA A 54 7.99 0.11 4.81
C ALA A 54 8.18 1.55 5.26
N LYS A 55 8.15 2.46 4.29
CA LYS A 55 8.32 3.88 4.59
C LYS A 55 7.79 4.69 3.41
N ILE A 56 7.79 6.01 3.59
CA ILE A 56 7.31 6.91 2.57
C ILE A 56 8.37 7.99 2.31
N LEU A 57 8.57 8.29 1.04
CA LEU A 57 9.54 9.30 0.65
C LEU A 57 9.10 10.66 1.20
N PRO A 58 10.07 11.62 1.19
CA PRO A 58 9.78 12.97 1.68
C PRO A 58 8.95 13.75 0.67
N GLY A 59 7.65 13.79 0.92
CA GLY A 59 6.74 14.50 0.04
C GLY A 59 6.71 13.87 -1.36
N GLY A 60 6.34 12.59 -1.38
CA GLY A 60 6.27 11.86 -2.63
C GLY A 60 4.84 11.80 -3.15
N SER A 61 4.60 10.83 -4.02
CA SER A 61 3.27 10.65 -4.59
C SER A 61 2.34 10.03 -3.55
N ALA A 62 2.88 9.09 -2.79
CA ALA A 62 2.10 8.42 -1.76
C ALA A 62 1.75 9.42 -0.66
N GLU A 63 2.77 10.15 -0.22
CA GLU A 63 2.58 11.14 0.83
C GLU A 63 1.69 12.28 0.32
N GLN A 64 1.79 12.52 -0.98
CA GLN A 64 1.01 13.59 -1.60
C GLN A 64 -0.46 13.49 -1.17
N THR A 65 -0.98 12.27 -1.19
CA THR A 65 -2.35 12.02 -0.81
C THR A 65 -2.60 12.51 0.62
N GLY A 66 -1.71 12.10 1.52
CA GLY A 66 -1.82 12.48 2.91
C GLY A 66 -2.40 11.33 3.75
N LYS A 67 -3.31 10.60 3.14
CA LYS A 67 -3.94 9.47 3.81
C LYS A 67 -2.89 8.40 4.09
N LEU A 68 -2.33 7.86 3.03
CA LEU A 68 -1.31 6.83 3.15
C LEU A 68 -0.31 7.23 4.24
N MET A 69 -0.05 6.28 5.12
CA MET A 69 0.87 6.52 6.22
C MET A 69 1.80 5.31 6.42
N GLU A 70 2.99 5.61 6.94
CA GLU A 70 3.97 4.55 7.19
C GLU A 70 3.48 3.63 8.31
N GLY A 71 3.82 2.36 8.17
CA GLY A 71 3.43 1.37 9.15
C GLY A 71 1.99 0.93 8.94
N MET A 72 1.52 1.10 7.72
CA MET A 72 0.16 0.73 7.37
C MET A 72 0.13 -0.61 6.61
N GLN A 73 -0.79 -1.46 7.03
CA GLN A 73 -0.94 -2.76 6.41
C GLN A 73 -1.70 -2.64 5.08
N VAL A 74 -1.02 -3.03 4.02
CA VAL A 74 -1.62 -2.97 2.69
C VAL A 74 -2.36 -4.28 2.41
N LEU A 75 -3.69 -4.17 2.35
CA LEU A 75 -4.52 -5.34 2.09
C LEU A 75 -4.25 -5.84 0.67
N GLU A 76 -4.39 -4.94 -0.28
CA GLU A 76 -4.16 -5.28 -1.68
C GLU A 76 -3.54 -4.09 -2.42
N TRP A 77 -2.91 -4.41 -3.55
CA TRP A 77 -2.27 -3.39 -4.36
C TRP A 77 -2.66 -3.64 -5.82
N ASN A 78 -3.23 -2.62 -6.43
CA ASN A 78 -3.63 -2.71 -7.82
C ASN A 78 -4.59 -3.90 -7.98
N GLY A 79 -5.32 -4.20 -6.92
CA GLY A 79 -6.27 -5.30 -6.93
C GLY A 79 -5.59 -6.59 -6.47
N ILE A 80 -4.38 -6.80 -6.97
CA ILE A 80 -3.63 -8.00 -6.62
C ILE A 80 -3.29 -7.96 -5.11
N PRO A 81 -3.68 -9.07 -4.42
CA PRO A 81 -3.44 -9.18 -3.00
C PRO A 81 -1.96 -9.47 -2.72
N LEU A 82 -1.50 -9.00 -1.58
CA LEU A 82 -0.12 -9.21 -1.18
C LEU A 82 -0.07 -10.18 0.00
N THR A 83 -1.21 -10.32 0.66
CA THR A 83 -1.32 -11.21 1.80
C THR A 83 -1.00 -12.65 1.39
N SER A 84 -0.20 -13.31 2.21
CA SER A 84 0.18 -14.68 1.94
C SER A 84 1.15 -14.74 0.75
N LYS A 85 2.08 -13.80 0.74
CA LYS A 85 3.07 -13.73 -0.31
C LYS A 85 4.47 -13.59 0.30
N THR A 86 5.38 -13.04 -0.50
CA THR A 86 6.74 -12.84 -0.05
C THR A 86 7.25 -11.47 -0.49
N TYR A 87 8.18 -10.94 0.28
CA TYR A 87 8.77 -9.64 -0.03
C TYR A 87 8.96 -9.48 -1.54
N GLU A 88 9.74 -10.38 -2.11
CA GLU A 88 10.02 -10.35 -3.53
C GLU A 88 8.71 -10.31 -4.33
N GLU A 89 7.96 -11.40 -4.23
CA GLU A 89 6.69 -11.51 -4.93
C GLU A 89 5.94 -10.19 -4.87
N VAL A 90 5.67 -9.76 -3.64
CA VAL A 90 4.95 -8.51 -3.42
C VAL A 90 5.61 -7.40 -4.23
N GLN A 91 6.87 -7.15 -3.91
CA GLN A 91 7.63 -6.11 -4.60
C GLN A 91 7.30 -6.13 -6.10
N SER A 92 7.56 -7.27 -6.71
CA SER A 92 7.30 -7.43 -8.14
C SER A 92 5.90 -6.91 -8.47
N ILE A 93 4.94 -7.34 -7.68
CA ILE A 93 3.56 -6.92 -7.88
C ILE A 93 3.48 -5.40 -7.84
N ILE A 94 4.25 -4.82 -6.95
CA ILE A 94 4.28 -3.37 -6.80
C ILE A 94 5.14 -2.77 -7.92
N SER A 95 6.41 -3.14 -7.92
CA SER A 95 7.35 -2.65 -8.91
C SER A 95 6.97 -3.20 -10.29
N GLN A 96 5.86 -2.68 -10.82
CA GLN A 96 5.39 -3.10 -12.12
C GLN A 96 4.11 -2.35 -12.50
N GLN A 97 4.29 -1.07 -12.77
CA GLN A 97 3.17 -0.21 -13.14
C GLN A 97 3.68 1.14 -13.65
N SER A 98 3.52 1.34 -14.95
CA SER A 98 3.95 2.57 -15.58
C SER A 98 2.81 3.60 -15.54
N GLY A 99 2.72 4.28 -14.41
CA GLY A 99 1.68 5.29 -14.23
C GLY A 99 0.95 5.10 -12.90
N GLU A 100 -0.04 5.95 -12.68
CA GLU A 100 -0.83 5.88 -11.47
C GLU A 100 -1.09 4.42 -11.08
N ALA A 101 -1.37 4.22 -9.81
CA ALA A 101 -1.63 2.89 -9.30
C ALA A 101 -2.66 2.97 -8.17
N GLU A 102 -3.24 1.82 -7.84
CA GLU A 102 -4.23 1.76 -6.79
C GLU A 102 -3.73 0.89 -5.63
N ILE A 103 -3.97 1.36 -4.42
CA ILE A 103 -3.55 0.64 -3.23
C ILE A 103 -4.75 0.47 -2.30
N CYS A 104 -4.75 -0.67 -1.61
CA CYS A 104 -5.84 -0.97 -0.68
C CYS A 104 -5.22 -1.28 0.68
N VAL A 105 -5.28 -0.29 1.56
CA VAL A 105 -4.72 -0.45 2.91
C VAL A 105 -5.86 -0.38 3.93
N ARG A 106 -5.57 -0.86 5.13
CA ARG A 106 -6.55 -0.85 6.19
C ARG A 106 -6.44 0.43 7.02
N LEU A 107 -7.58 0.88 7.51
CA LEU A 107 -7.63 2.09 8.31
C LEU A 107 -7.03 1.81 9.69
N ASP A 108 -7.84 1.22 10.55
CA ASP A 108 -7.40 0.89 11.90
C ASP A 108 -6.36 -0.23 11.83
N LEU A 109 -5.10 0.17 11.81
CA LEU A 109 -4.00 -0.78 11.75
C LEU A 109 -2.67 -0.03 11.80
N ASN A 110 -1.75 -0.57 12.59
CA ASN A 110 -0.45 0.04 12.74
C ASN A 110 0.59 -1.05 13.03
N MET A 111 1.59 -1.12 12.15
CA MET A 111 2.64 -2.11 12.29
C MET A 111 3.83 -1.53 13.07
N SER A 112 4.35 -0.43 12.55
CA SER A 112 5.48 0.22 13.18
C SER A 112 6.69 -0.73 13.21
N GLY A 113 7.47 -0.68 12.14
CA GLY A 113 8.64 -1.53 12.02
C GLY A 113 9.92 -0.73 12.30
N PRO A 114 10.99 -1.48 12.69
CA PRO A 114 12.27 -0.85 12.99
C PRO A 114 12.98 -0.42 11.71
N SER A 115 12.38 0.55 11.04
CA SER A 115 12.95 1.07 9.80
C SER A 115 13.75 2.34 10.07
N SER A 116 15.04 2.25 9.84
CA SER A 116 15.93 3.39 10.06
C SER A 116 16.00 4.24 8.79
N GLY A 117 16.46 3.62 7.72
CA GLY A 117 16.59 4.31 6.45
C GLY A 117 15.61 3.74 5.41
N GLY A 1 -32.22 4.12 -6.66
CA GLY A 1 -31.23 4.29 -7.71
C GLY A 1 -30.69 2.93 -8.17
N SER A 2 -30.05 2.95 -9.33
CA SER A 2 -29.49 1.74 -9.89
C SER A 2 -28.03 1.97 -10.29
N SER A 3 -27.31 0.86 -10.46
CA SER A 3 -25.92 0.93 -10.83
C SER A 3 -25.09 1.52 -9.70
N GLY A 4 -24.55 0.64 -8.87
CA GLY A 4 -23.74 1.06 -7.74
C GLY A 4 -23.66 -0.04 -6.69
N SER A 5 -22.44 -0.53 -6.49
CA SER A 5 -22.21 -1.59 -5.52
C SER A 5 -20.71 -1.90 -5.43
N SER A 6 -20.13 -1.58 -4.29
CA SER A 6 -18.71 -1.82 -4.06
C SER A 6 -18.52 -2.63 -2.78
N GLY A 7 -17.99 -3.82 -2.95
CA GLY A 7 -17.75 -4.70 -1.81
C GLY A 7 -17.06 -3.94 -0.68
N HIS A 8 -17.61 -4.10 0.52
CA HIS A 8 -17.07 -3.44 1.69
C HIS A 8 -16.68 -4.49 2.74
N TYR A 9 -15.41 -4.44 3.13
CA TYR A 9 -14.90 -5.37 4.12
C TYR A 9 -15.67 -5.25 5.44
N ILE A 10 -15.26 -6.06 6.40
CA ILE A 10 -15.90 -6.06 7.70
C ILE A 10 -15.18 -5.06 8.62
N PHE A 11 -14.04 -4.59 8.14
CA PHE A 11 -13.25 -3.63 8.89
C PHE A 11 -13.09 -2.32 8.11
N PRO A 12 -12.71 -1.26 8.86
CA PRO A 12 -12.52 0.05 8.27
C PRO A 12 -11.22 0.10 7.45
N HIS A 13 -11.37 0.38 6.16
CA HIS A 13 -10.22 0.46 5.28
C HIS A 13 -10.40 1.64 4.32
N ALA A 14 -9.29 2.00 3.68
CA ALA A 14 -9.31 3.10 2.73
C ALA A 14 -8.80 2.62 1.38
N ARG A 15 -9.32 3.23 0.32
CA ARG A 15 -8.93 2.88 -1.03
C ARG A 15 -8.54 4.13 -1.82
N ILE A 16 -7.30 4.54 -1.66
CA ILE A 16 -6.80 5.71 -2.35
C ILE A 16 -5.90 5.27 -3.52
N LYS A 17 -5.83 6.14 -4.52
CA LYS A 17 -5.02 5.85 -5.69
C LYS A 17 -3.84 6.83 -5.75
N ILE A 18 -2.83 6.45 -6.50
CA ILE A 18 -1.65 7.28 -6.65
C ILE A 18 -1.51 7.72 -8.11
N THR A 19 -1.63 9.03 -8.31
CA THR A 19 -1.52 9.58 -9.65
C THR A 19 -0.05 9.83 -10.01
N ARG A 20 0.30 9.43 -11.22
CA ARG A 20 1.66 9.61 -11.71
C ARG A 20 1.92 11.08 -12.06
N ASP A 21 2.53 11.78 -11.13
CA ASP A 21 2.83 13.19 -11.34
C ASP A 21 1.58 13.92 -11.81
N SER A 22 0.61 14.00 -10.91
CA SER A 22 -0.65 14.66 -11.23
C SER A 22 -1.42 13.86 -12.27
N LYS A 23 -0.89 13.84 -13.48
CA LYS A 23 -1.52 13.12 -14.57
C LYS A 23 -0.86 13.52 -15.89
N ASP A 24 0.32 12.94 -16.11
CA ASP A 24 1.07 13.22 -17.34
C ASP A 24 2.44 12.54 -17.25
N HIS A 25 2.84 11.94 -18.37
CA HIS A 25 4.11 11.25 -18.43
C HIS A 25 4.17 10.42 -19.72
N THR A 26 5.40 10.16 -20.15
CA THR A 26 5.61 9.38 -21.36
C THR A 26 7.02 8.78 -21.36
N VAL A 27 7.07 7.48 -21.65
CA VAL A 27 8.34 6.77 -21.68
C VAL A 27 8.98 6.81 -20.29
N SER A 28 9.23 5.63 -19.75
CA SER A 28 9.84 5.52 -18.44
C SER A 28 8.91 6.12 -17.38
N GLY A 29 8.62 5.30 -16.37
CA GLY A 29 7.75 5.74 -15.29
C GLY A 29 7.41 4.58 -14.36
N ASN A 30 8.36 4.26 -13.49
CA ASN A 30 8.17 3.17 -12.55
C ASN A 30 8.90 3.51 -11.23
N GLY A 31 8.10 3.81 -10.23
CA GLY A 31 8.65 4.15 -8.92
C GLY A 31 7.56 4.74 -8.01
N LEU A 32 7.05 5.88 -8.43
CA LEU A 32 6.00 6.56 -7.66
C LEU A 32 6.60 7.07 -6.35
N GLY A 33 6.93 6.13 -5.48
CA GLY A 33 7.51 6.48 -4.19
C GLY A 33 6.75 5.80 -3.05
N ILE A 34 6.95 4.49 -2.95
CA ILE A 34 6.29 3.70 -1.92
C ILE A 34 7.13 2.47 -1.61
N ARG A 35 7.34 2.23 -0.33
CA ARG A 35 8.11 1.07 0.11
C ARG A 35 7.27 0.17 1.02
N ILE A 36 6.98 -1.01 0.52
CA ILE A 36 6.19 -1.97 1.27
C ILE A 36 6.92 -3.31 1.33
N VAL A 37 6.97 -3.87 2.52
CA VAL A 37 7.64 -5.14 2.73
C VAL A 37 6.60 -6.25 2.89
N GLY A 38 6.61 -7.19 1.95
CA GLY A 38 5.68 -8.29 1.99
C GLY A 38 6.26 -9.49 2.73
N GLY A 39 5.40 -10.43 3.06
CA GLY A 39 5.82 -11.63 3.77
C GLY A 39 6.04 -11.34 5.25
N LYS A 40 5.61 -10.16 5.66
CA LYS A 40 5.76 -9.74 7.04
C LYS A 40 4.55 -10.22 7.85
N GLU A 41 4.81 -10.56 9.10
CA GLU A 41 3.75 -11.04 9.98
C GLU A 41 2.87 -9.87 10.43
N ILE A 42 1.57 -10.09 10.33
CA ILE A 42 0.61 -9.07 10.73
C ILE A 42 0.29 -9.22 12.22
N PRO A 43 0.16 -8.06 12.90
CA PRO A 43 -0.14 -8.05 14.32
C PRO A 43 -1.61 -8.39 14.57
N GLY A 44 -2.48 -7.54 14.05
CA GLY A 44 -3.91 -7.75 14.21
C GLY A 44 -4.28 -9.21 14.01
N HIS A 45 -4.15 -9.66 12.77
CA HIS A 45 -4.47 -11.03 12.43
C HIS A 45 -3.88 -11.98 13.48
N SER A 46 -4.31 -13.22 13.42
CA SER A 46 -3.83 -14.23 14.36
C SER A 46 -2.49 -14.79 13.89
N GLY A 47 -2.46 -15.17 12.62
CA GLY A 47 -1.25 -15.73 12.03
C GLY A 47 -1.33 -15.71 10.50
N GLU A 48 -0.83 -14.63 9.93
CA GLU A 48 -0.84 -14.48 8.48
C GLU A 48 0.20 -13.46 8.05
N ILE A 49 0.76 -13.68 6.87
CA ILE A 49 1.77 -12.79 6.32
C ILE A 49 1.12 -11.82 5.35
N GLY A 50 1.69 -10.63 5.27
CA GLY A 50 1.17 -9.60 4.38
C GLY A 50 2.23 -8.53 4.10
N ALA A 51 1.78 -7.43 3.50
CA ALA A 51 2.67 -6.34 3.17
C ALA A 51 2.20 -5.08 3.90
N TYR A 52 3.17 -4.22 4.20
CA TYR A 52 2.88 -2.97 4.90
C TYR A 52 3.89 -1.89 4.52
N ILE A 53 3.39 -0.67 4.44
CA ILE A 53 4.23 0.47 4.09
C ILE A 53 5.36 0.58 5.11
N ALA A 54 6.58 0.48 4.60
CA ALA A 54 7.76 0.57 5.45
C ALA A 54 8.21 2.03 5.53
N LYS A 55 8.39 2.63 4.36
CA LYS A 55 8.81 4.01 4.28
C LYS A 55 8.08 4.71 3.13
N ILE A 56 7.70 5.95 3.39
CA ILE A 56 6.99 6.73 2.39
C ILE A 56 7.87 7.91 1.94
N LEU A 57 8.26 7.87 0.69
CA LEU A 57 9.10 8.93 0.13
C LEU A 57 8.63 10.28 0.65
N PRO A 58 9.55 11.27 0.63
CA PRO A 58 9.25 12.61 1.10
C PRO A 58 8.37 13.36 0.09
N GLY A 59 7.12 13.55 0.47
CA GLY A 59 6.18 14.25 -0.39
C GLY A 59 6.06 13.55 -1.75
N GLY A 60 6.43 12.27 -1.77
CA GLY A 60 6.37 11.49 -2.98
C GLY A 60 4.94 11.44 -3.54
N SER A 61 4.69 10.44 -4.37
CA SER A 61 3.39 10.27 -4.97
C SER A 61 2.41 9.67 -3.95
N ALA A 62 2.92 8.71 -3.19
CA ALA A 62 2.11 8.05 -2.18
C ALA A 62 1.88 9.02 -1.01
N GLU A 63 2.89 9.83 -0.75
CA GLU A 63 2.81 10.80 0.33
C GLU A 63 1.90 11.96 -0.05
N GLN A 64 1.87 12.23 -1.35
CA GLN A 64 1.04 13.31 -1.87
C GLN A 64 -0.40 13.15 -1.38
N THR A 65 -0.93 11.96 -1.59
CA THR A 65 -2.30 11.67 -1.19
C THR A 65 -2.54 12.16 0.24
N GLY A 66 -1.67 11.73 1.14
CA GLY A 66 -1.78 12.11 2.54
C GLY A 66 -2.60 11.08 3.33
N LYS A 67 -3.56 10.48 2.63
CA LYS A 67 -4.41 9.48 3.26
C LYS A 67 -3.59 8.24 3.57
N LEU A 68 -2.37 8.21 3.04
CA LEU A 68 -1.48 7.09 3.27
C LEU A 68 -0.51 7.43 4.40
N MET A 69 0.12 6.40 4.92
CA MET A 69 1.07 6.57 6.01
C MET A 69 1.81 5.26 6.30
N GLU A 70 3.01 5.41 6.86
CA GLU A 70 3.82 4.25 7.19
C GLU A 70 3.16 3.43 8.30
N GLY A 71 3.54 2.17 8.38
CA GLY A 71 3.00 1.28 9.39
C GLY A 71 1.66 0.69 8.94
N MET A 72 1.18 1.19 7.80
CA MET A 72 -0.08 0.72 7.25
C MET A 72 0.09 -0.63 6.57
N GLN A 73 -0.91 -1.49 6.76
CA GLN A 73 -0.89 -2.81 6.16
C GLN A 73 -1.58 -2.79 4.79
N VAL A 74 -0.78 -3.05 3.76
CA VAL A 74 -1.31 -3.07 2.40
C VAL A 74 -2.11 -4.35 2.19
N LEU A 75 -3.42 -4.17 2.06
CA LEU A 75 -4.31 -5.30 1.85
C LEU A 75 -4.19 -5.77 0.39
N GLU A 76 -4.46 -4.84 -0.51
CA GLU A 76 -4.39 -5.16 -1.93
C GLU A 76 -3.72 -4.01 -2.69
N TRP A 77 -3.15 -4.35 -3.84
CA TRP A 77 -2.48 -3.36 -4.67
C TRP A 77 -2.90 -3.60 -6.12
N ASN A 78 -3.63 -2.64 -6.65
CA ASN A 78 -4.09 -2.73 -8.02
C ASN A 78 -4.90 -4.02 -8.20
N GLY A 79 -5.62 -4.40 -7.15
CA GLY A 79 -6.42 -5.60 -7.18
C GLY A 79 -5.64 -6.80 -6.64
N ILE A 80 -4.40 -6.92 -7.12
CA ILE A 80 -3.54 -8.01 -6.70
C ILE A 80 -3.32 -7.93 -5.19
N PRO A 81 -3.76 -9.01 -4.48
CA PRO A 81 -3.61 -9.07 -3.04
C PRO A 81 -2.16 -9.34 -2.64
N LEU A 82 -1.75 -8.70 -1.56
CA LEU A 82 -0.39 -8.87 -1.07
C LEU A 82 -0.39 -9.89 0.09
N THR A 83 -1.58 -10.14 0.60
CA THR A 83 -1.73 -11.08 1.69
C THR A 83 -1.44 -12.51 1.21
N SER A 84 -0.54 -13.16 1.94
CA SER A 84 -0.17 -14.54 1.60
C SER A 84 0.85 -14.53 0.47
N LYS A 85 1.68 -13.49 0.47
CA LYS A 85 2.70 -13.36 -0.55
C LYS A 85 4.07 -13.20 0.13
N THR A 86 5.08 -12.95 -0.70
CA THR A 86 6.43 -12.78 -0.19
C THR A 86 6.98 -11.42 -0.60
N TYR A 87 7.96 -10.95 0.18
CA TYR A 87 8.56 -9.66 -0.09
C TYR A 87 8.74 -9.44 -1.60
N GLU A 88 9.56 -10.29 -2.19
CA GLU A 88 9.83 -10.20 -3.62
C GLU A 88 8.52 -10.00 -4.39
N GLU A 89 7.69 -11.03 -4.35
CA GLU A 89 6.41 -10.99 -5.04
C GLU A 89 5.77 -9.62 -4.88
N VAL A 90 5.32 -9.33 -3.67
CA VAL A 90 4.69 -8.06 -3.38
C VAL A 90 5.47 -6.94 -4.09
N GLN A 91 6.72 -6.78 -3.69
CA GLN A 91 7.57 -5.76 -4.26
C GLN A 91 7.46 -5.78 -5.79
N SER A 92 7.56 -6.97 -6.35
CA SER A 92 7.47 -7.15 -7.79
C SER A 92 6.11 -6.68 -8.29
N ILE A 93 5.10 -6.92 -7.46
CA ILE A 93 3.74 -6.52 -7.81
C ILE A 93 3.62 -4.99 -7.70
N ILE A 94 3.86 -4.50 -6.49
CA ILE A 94 3.78 -3.06 -6.25
C ILE A 94 4.73 -2.34 -7.20
N SER A 95 5.86 -2.99 -7.48
CA SER A 95 6.85 -2.41 -8.36
C SER A 95 6.47 -2.68 -9.82
N GLN A 96 7.31 -2.20 -10.72
CA GLN A 96 7.09 -2.37 -12.15
C GLN A 96 5.61 -2.12 -12.48
N GLN A 97 5.16 -0.91 -12.19
CA GLN A 97 3.80 -0.53 -12.46
C GLN A 97 3.75 0.76 -13.30
N SER A 98 2.91 0.72 -14.33
CA SER A 98 2.77 1.86 -15.21
C SER A 98 1.47 2.61 -14.89
N GLY A 99 1.55 3.93 -14.97
CA GLY A 99 0.41 4.77 -14.69
C GLY A 99 -0.03 4.65 -13.23
N GLU A 100 -0.95 5.51 -12.84
CA GLU A 100 -1.44 5.52 -11.47
C GLU A 100 -1.63 4.08 -10.98
N ALA A 101 -1.68 3.95 -9.66
CA ALA A 101 -1.85 2.64 -9.05
C ALA A 101 -2.81 2.77 -7.86
N GLU A 102 -3.51 1.67 -7.59
CA GLU A 102 -4.47 1.64 -6.50
C GLU A 102 -3.93 0.80 -5.34
N ILE A 103 -4.10 1.33 -4.14
CA ILE A 103 -3.64 0.64 -2.94
C ILE A 103 -4.78 0.56 -1.93
N CYS A 104 -4.88 -0.60 -1.30
CA CYS A 104 -5.92 -0.83 -0.30
C CYS A 104 -5.25 -1.10 1.04
N VAL A 105 -5.38 -0.13 1.94
CA VAL A 105 -4.78 -0.26 3.26
C VAL A 105 -5.90 -0.22 4.31
N ARG A 106 -5.56 -0.68 5.51
CA ARG A 106 -6.51 -0.70 6.61
C ARG A 106 -6.44 0.61 7.39
N LEU A 107 -7.61 1.07 7.82
CA LEU A 107 -7.69 2.31 8.58
C LEU A 107 -7.12 2.08 9.98
N ASP A 108 -7.75 1.17 10.71
CA ASP A 108 -7.32 0.85 12.06
C ASP A 108 -6.36 -0.35 12.01
N LEU A 109 -5.09 -0.04 11.84
CA LEU A 109 -4.07 -1.08 11.78
C LEU A 109 -2.70 -0.43 11.66
N ASN A 110 -1.82 -0.79 12.58
CA ASN A 110 -0.47 -0.26 12.58
C ASN A 110 0.53 -1.40 12.77
N MET A 111 1.64 -1.30 12.06
CA MET A 111 2.68 -2.32 12.13
C MET A 111 3.89 -1.81 12.93
N SER A 112 4.53 -0.79 12.37
CA SER A 112 5.70 -0.20 13.01
C SER A 112 6.85 -1.21 13.00
N GLY A 113 7.99 -0.74 12.52
CA GLY A 113 9.17 -1.58 12.45
C GLY A 113 9.93 -1.56 13.79
N PRO A 114 10.47 -2.77 14.16
CA PRO A 114 11.21 -2.89 15.40
C PRO A 114 12.60 -2.28 15.28
N SER A 115 12.70 -1.02 15.70
CA SER A 115 13.97 -0.31 15.64
C SER A 115 13.97 0.85 16.64
N SER A 116 14.95 0.83 17.52
CA SER A 116 15.07 1.86 18.54
C SER A 116 16.39 2.60 18.37
N GLY A 117 16.28 3.89 18.06
CA GLY A 117 17.45 4.72 17.87
C GLY A 117 17.32 5.59 16.62
N GLY A 1 -35.45 -8.64 -1.89
CA GLY A 1 -34.87 -8.03 -0.71
C GLY A 1 -34.20 -9.06 0.19
N SER A 2 -33.28 -8.59 1.00
CA SER A 2 -32.55 -9.46 1.92
C SER A 2 -31.61 -8.64 2.80
N SER A 3 -30.72 -7.91 2.13
CA SER A 3 -29.76 -7.08 2.83
C SER A 3 -28.92 -6.29 1.82
N GLY A 4 -28.21 -5.30 2.34
CA GLY A 4 -27.35 -4.47 1.50
C GLY A 4 -26.42 -5.33 0.64
N SER A 5 -25.90 -4.71 -0.40
CA SER A 5 -25.00 -5.40 -1.31
C SER A 5 -23.82 -4.50 -1.67
N SER A 6 -22.80 -4.52 -0.82
CA SER A 6 -21.61 -3.71 -1.04
C SER A 6 -20.41 -4.35 -0.34
N GLY A 7 -19.70 -5.18 -1.09
CA GLY A 7 -18.53 -5.86 -0.56
C GLY A 7 -17.69 -4.90 0.29
N HIS A 8 -17.59 -5.22 1.57
CA HIS A 8 -16.82 -4.41 2.49
C HIS A 8 -16.22 -5.29 3.58
N TYR A 9 -15.04 -4.89 4.04
CA TYR A 9 -14.34 -5.63 5.07
C TYR A 9 -14.94 -5.33 6.45
N ILE A 10 -14.76 -6.28 7.36
CA ILE A 10 -15.26 -6.12 8.72
C ILE A 10 -14.63 -4.88 9.35
N PHE A 11 -13.40 -4.61 8.94
CA PHE A 11 -12.67 -3.47 9.46
C PHE A 11 -12.71 -2.29 8.47
N PRO A 12 -12.43 -1.09 9.01
CA PRO A 12 -12.43 0.11 8.18
C PRO A 12 -11.18 0.17 7.30
N HIS A 13 -11.42 0.46 6.03
CA HIS A 13 -10.33 0.54 5.07
C HIS A 13 -10.56 1.75 4.15
N ALA A 14 -9.51 2.08 3.40
CA ALA A 14 -9.58 3.20 2.47
C ALA A 14 -8.84 2.85 1.19
N ARG A 15 -9.51 3.07 0.08
CA ARG A 15 -8.93 2.78 -1.22
C ARG A 15 -8.49 4.07 -1.91
N ILE A 16 -7.23 4.44 -1.69
CA ILE A 16 -6.70 5.65 -2.28
C ILE A 16 -5.87 5.28 -3.52
N LYS A 17 -5.98 6.12 -4.53
CA LYS A 17 -5.25 5.90 -5.77
C LYS A 17 -4.04 6.83 -5.81
N ILE A 18 -3.05 6.42 -6.60
CA ILE A 18 -1.83 7.19 -6.73
C ILE A 18 -1.55 7.43 -8.22
N THR A 19 -1.51 8.71 -8.58
CA THR A 19 -1.26 9.09 -9.97
C THR A 19 0.24 9.28 -10.19
N ARG A 20 0.64 9.12 -11.44
CA ARG A 20 2.05 9.29 -11.80
C ARG A 20 2.22 10.53 -12.68
N ASP A 21 1.69 10.45 -13.89
CA ASP A 21 1.77 11.55 -14.83
C ASP A 21 3.23 12.02 -14.91
N SER A 22 4.01 11.29 -15.68
CA SER A 22 5.42 11.62 -15.84
C SER A 22 6.05 10.67 -16.87
N LYS A 23 5.82 9.38 -16.66
CA LYS A 23 6.37 8.37 -17.55
C LYS A 23 7.89 8.52 -17.61
N ASP A 24 8.56 7.72 -16.80
CA ASP A 24 10.02 7.75 -16.75
C ASP A 24 10.57 7.53 -18.17
N HIS A 25 10.42 6.29 -18.64
CA HIS A 25 10.90 5.93 -19.96
C HIS A 25 10.32 4.57 -20.36
N THR A 26 10.75 3.55 -19.65
CA THR A 26 10.29 2.20 -19.92
C THR A 26 10.51 1.30 -18.70
N VAL A 27 11.67 0.66 -18.69
CA VAL A 27 12.02 -0.23 -17.59
C VAL A 27 12.81 0.55 -16.54
N SER A 28 12.60 1.86 -16.53
CA SER A 28 13.28 2.73 -15.60
C SER A 28 12.26 3.42 -14.68
N GLY A 29 12.32 3.06 -13.41
CA GLY A 29 11.41 3.64 -12.44
C GLY A 29 11.10 2.64 -11.32
N ASN A 30 11.48 3.01 -10.11
CA ASN A 30 11.25 2.16 -8.95
C ASN A 30 9.75 1.93 -8.79
N GLY A 31 9.04 3.01 -8.50
CA GLY A 31 7.60 2.93 -8.33
C GLY A 31 7.01 4.30 -7.99
N LEU A 32 5.90 4.28 -7.28
CA LEU A 32 5.23 5.52 -6.90
C LEU A 32 5.82 6.01 -5.57
N GLY A 33 7.13 6.10 -5.54
CA GLY A 33 7.83 6.55 -4.34
C GLY A 33 7.16 6.02 -3.07
N ILE A 34 7.26 4.70 -2.91
CA ILE A 34 6.67 4.06 -1.75
C ILE A 34 7.42 2.75 -1.46
N ARG A 35 7.61 2.49 -0.18
CA ARG A 35 8.32 1.28 0.24
C ARG A 35 7.37 0.36 1.01
N ILE A 36 6.95 -0.71 0.34
CA ILE A 36 6.05 -1.67 0.94
C ILE A 36 6.78 -3.01 1.11
N VAL A 37 6.92 -3.39 2.36
CA VAL A 37 7.59 -4.65 2.67
C VAL A 37 6.56 -5.77 2.81
N GLY A 38 6.74 -6.80 2.01
CA GLY A 38 5.84 -7.93 2.01
C GLY A 38 6.42 -9.10 2.80
N GLY A 39 5.61 -10.13 2.97
CA GLY A 39 6.04 -11.31 3.70
C GLY A 39 6.32 -10.98 5.17
N LYS A 40 5.58 -10.01 5.66
CA LYS A 40 5.73 -9.59 7.05
C LYS A 40 4.57 -10.15 7.88
N GLU A 41 4.92 -10.63 9.07
CA GLU A 41 3.91 -11.20 9.96
C GLU A 41 2.93 -10.12 10.41
N ILE A 42 1.66 -10.49 10.45
CA ILE A 42 0.62 -9.57 10.86
C ILE A 42 0.12 -9.96 12.24
N PRO A 43 -0.14 -8.92 13.08
CA PRO A 43 -0.63 -9.13 14.43
C PRO A 43 -2.11 -9.54 14.42
N GLY A 44 -2.95 -8.56 14.13
CA GLY A 44 -4.38 -8.79 14.08
C GLY A 44 -4.70 -10.11 13.39
N HIS A 45 -4.13 -10.27 12.20
CA HIS A 45 -4.34 -11.49 11.42
C HIS A 45 -3.79 -12.69 12.19
N SER A 46 -4.54 -13.78 12.15
CA SER A 46 -4.15 -14.99 12.83
C SER A 46 -2.85 -15.54 12.22
N GLY A 47 -1.74 -15.02 12.71
CA GLY A 47 -0.44 -15.45 12.21
C GLY A 47 -0.46 -15.62 10.70
N GLU A 48 -0.47 -14.48 10.01
CA GLU A 48 -0.49 -14.49 8.55
C GLU A 48 0.44 -13.40 8.01
N ILE A 49 1.18 -13.76 6.96
CA ILE A 49 2.10 -12.83 6.34
C ILE A 49 1.32 -11.88 5.42
N GLY A 50 1.92 -10.73 5.17
CA GLY A 50 1.30 -9.73 4.31
C GLY A 50 2.30 -8.65 3.92
N ALA A 51 1.78 -7.46 3.67
CA ALA A 51 2.61 -6.33 3.29
C ALA A 51 2.13 -5.08 4.03
N TYR A 52 3.08 -4.20 4.31
CA TYR A 52 2.79 -2.96 5.02
C TYR A 52 3.76 -1.85 4.62
N ILE A 53 3.26 -0.64 4.63
CA ILE A 53 4.07 0.52 4.28
C ILE A 53 5.23 0.63 5.25
N ALA A 54 6.42 0.31 4.75
CA ALA A 54 7.62 0.37 5.58
C ALA A 54 8.10 1.82 5.67
N LYS A 55 8.31 2.41 4.51
CA LYS A 55 8.77 3.79 4.44
C LYS A 55 8.03 4.52 3.32
N ILE A 56 7.72 5.78 3.57
CA ILE A 56 7.02 6.59 2.60
C ILE A 56 7.96 7.67 2.06
N LEU A 57 8.39 7.47 0.82
CA LEU A 57 9.30 8.40 0.19
C LEU A 57 8.87 9.83 0.51
N PRO A 58 9.87 10.75 0.56
CA PRO A 58 9.60 12.14 0.85
C PRO A 58 8.96 12.85 -0.35
N GLY A 59 7.96 13.66 -0.05
CA GLY A 59 7.26 14.39 -1.08
C GLY A 59 7.11 13.56 -2.35
N GLY A 60 6.57 12.36 -2.17
CA GLY A 60 6.37 11.45 -3.28
C GLY A 60 4.89 11.40 -3.69
N SER A 61 4.56 10.40 -4.48
CA SER A 61 3.20 10.23 -4.95
C SER A 61 2.33 9.64 -3.85
N ALA A 62 2.95 8.78 -3.05
CA ALA A 62 2.26 8.14 -1.94
C ALA A 62 2.00 9.16 -0.84
N GLU A 63 3.05 9.89 -0.49
CA GLU A 63 2.95 10.91 0.55
C GLU A 63 2.05 12.05 0.07
N GLN A 64 2.02 12.23 -1.24
CA GLN A 64 1.20 13.28 -1.82
C GLN A 64 -0.24 13.20 -1.31
N THR A 65 -0.78 11.98 -1.38
CA THR A 65 -2.14 11.75 -0.94
C THR A 65 -2.34 12.30 0.49
N GLY A 66 -1.37 12.00 1.34
CA GLY A 66 -1.42 12.45 2.72
C GLY A 66 -2.37 11.58 3.54
N LYS A 67 -2.76 10.46 2.95
CA LYS A 67 -3.66 9.54 3.61
C LYS A 67 -2.89 8.27 4.00
N LEU A 68 -1.82 8.03 3.26
CA LEU A 68 -0.99 6.85 3.51
C LEU A 68 -0.05 7.14 4.67
N MET A 69 0.20 6.11 5.45
CA MET A 69 1.08 6.23 6.61
C MET A 69 1.93 4.97 6.80
N GLU A 70 3.10 5.16 7.38
CA GLU A 70 4.01 4.05 7.63
C GLU A 70 3.38 3.07 8.61
N GLY A 71 3.76 1.81 8.46
CA GLY A 71 3.25 0.76 9.34
C GLY A 71 1.96 0.17 8.79
N MET A 72 1.16 1.03 8.17
CA MET A 72 -0.11 0.62 7.60
C MET A 72 0.06 -0.68 6.80
N GLN A 73 -0.88 -1.59 7.02
CA GLN A 73 -0.85 -2.87 6.32
C GLN A 73 -1.64 -2.79 5.02
N VAL A 74 -0.93 -2.93 3.92
CA VAL A 74 -1.55 -2.88 2.60
C VAL A 74 -2.27 -4.19 2.34
N LEU A 75 -3.59 -4.13 2.34
CA LEU A 75 -4.41 -5.31 2.09
C LEU A 75 -4.18 -5.78 0.65
N GLU A 76 -4.46 -4.90 -0.28
CA GLU A 76 -4.29 -5.22 -1.69
C GLU A 76 -3.66 -4.04 -2.43
N TRP A 77 -3.01 -4.36 -3.54
CA TRP A 77 -2.36 -3.34 -4.35
C TRP A 77 -2.86 -3.48 -5.79
N ASN A 78 -3.44 -2.40 -6.29
CA ASN A 78 -3.97 -2.40 -7.65
C ASN A 78 -4.91 -3.58 -7.83
N GLY A 79 -5.55 -3.97 -6.74
CA GLY A 79 -6.48 -5.08 -6.75
C GLY A 79 -5.80 -6.38 -6.32
N ILE A 80 -4.55 -6.52 -6.74
CA ILE A 80 -3.77 -7.70 -6.41
C ILE A 80 -3.44 -7.68 -4.91
N PRO A 81 -3.79 -8.81 -4.24
CA PRO A 81 -3.54 -8.93 -2.81
C PRO A 81 -2.06 -9.19 -2.54
N LEU A 82 -1.64 -8.84 -1.33
CA LEU A 82 -0.26 -9.02 -0.93
C LEU A 82 -0.19 -9.99 0.26
N THR A 83 -1.38 -10.42 0.70
CA THR A 83 -1.47 -11.34 1.81
C THR A 83 -1.12 -12.76 1.35
N SER A 84 -0.22 -13.39 2.10
CA SER A 84 0.21 -14.73 1.78
C SER A 84 1.25 -14.71 0.67
N LYS A 85 2.07 -13.67 0.68
CA LYS A 85 3.11 -13.51 -0.32
C LYS A 85 4.45 -13.24 0.37
N THR A 86 5.46 -12.99 -0.45
CA THR A 86 6.79 -12.71 0.07
C THR A 86 7.28 -11.36 -0.45
N TYR A 87 8.23 -10.80 0.29
CA TYR A 87 8.80 -9.50 -0.08
C TYR A 87 8.95 -9.39 -1.60
N GLU A 88 9.72 -10.32 -2.16
CA GLU A 88 9.95 -10.33 -3.59
C GLU A 88 8.63 -10.26 -4.34
N GLU A 89 7.87 -11.35 -4.27
CA GLU A 89 6.59 -11.42 -4.95
C GLU A 89 5.86 -10.08 -4.83
N VAL A 90 5.50 -9.74 -3.60
CA VAL A 90 4.79 -8.49 -3.34
C VAL A 90 5.43 -7.37 -4.17
N GLN A 91 6.71 -7.15 -3.94
CA GLN A 91 7.43 -6.12 -4.66
C GLN A 91 7.05 -6.14 -6.14
N SER A 92 7.38 -7.25 -6.79
CA SER A 92 7.08 -7.40 -8.20
C SER A 92 5.69 -6.82 -8.50
N ILE A 93 4.72 -7.29 -7.75
CA ILE A 93 3.35 -6.82 -7.92
C ILE A 93 3.33 -5.30 -7.89
N ILE A 94 4.07 -4.74 -6.95
CA ILE A 94 4.14 -3.30 -6.81
C ILE A 94 5.02 -2.72 -7.92
N SER A 95 6.26 -3.18 -7.95
CA SER A 95 7.19 -2.72 -8.97
C SER A 95 6.48 -2.55 -10.31
N GLN A 96 6.22 -3.67 -10.95
CA GLN A 96 5.54 -3.66 -12.24
C GLN A 96 4.31 -2.77 -12.18
N GLN A 97 4.41 -1.63 -12.85
CA GLN A 97 3.31 -0.68 -12.89
C GLN A 97 3.46 0.28 -14.08
N SER A 98 4.33 1.26 -13.88
CA SER A 98 4.58 2.25 -14.92
C SER A 98 3.35 3.13 -15.12
N GLY A 99 3.04 3.92 -14.10
CA GLY A 99 1.90 4.81 -14.15
C GLY A 99 1.08 4.72 -12.86
N GLU A 100 0.05 5.55 -12.79
CA GLU A 100 -0.82 5.58 -11.62
C GLU A 100 -1.10 4.16 -11.14
N ALA A 101 -1.45 4.06 -9.87
CA ALA A 101 -1.74 2.78 -9.26
C ALA A 101 -2.69 2.97 -8.09
N GLU A 102 -3.39 1.89 -7.74
CA GLU A 102 -4.34 1.94 -6.64
C GLU A 102 -3.74 1.27 -5.40
N ILE A 103 -4.43 1.44 -4.29
CA ILE A 103 -3.98 0.87 -3.03
C ILE A 103 -5.20 0.46 -2.19
N CYS A 104 -4.99 -0.54 -1.35
CA CYS A 104 -6.05 -1.04 -0.50
C CYS A 104 -5.46 -1.35 0.88
N VAL A 105 -5.44 -0.33 1.73
CA VAL A 105 -4.90 -0.49 3.07
C VAL A 105 -6.04 -0.43 4.09
N ARG A 106 -5.74 -0.86 5.30
CA ARG A 106 -6.73 -0.87 6.36
C ARG A 106 -6.58 0.38 7.23
N LEU A 107 -7.71 0.92 7.63
CA LEU A 107 -7.72 2.10 8.47
C LEU A 107 -7.25 1.74 9.88
N ASP A 108 -8.23 1.55 10.76
CA ASP A 108 -7.93 1.20 12.14
C ASP A 108 -6.84 0.13 12.16
N LEU A 109 -6.27 -0.09 13.34
CA LEU A 109 -5.22 -1.08 13.51
C LEU A 109 -3.96 -0.60 12.79
N ASN A 110 -2.84 -1.16 13.20
CA ASN A 110 -1.56 -0.81 12.61
C ASN A 110 -0.48 -1.73 13.16
N MET A 111 0.39 -2.18 12.26
CA MET A 111 1.47 -3.07 12.64
C MET A 111 2.49 -2.34 13.52
N SER A 112 2.31 -2.49 14.82
CA SER A 112 3.19 -1.86 15.79
C SER A 112 3.15 -0.34 15.62
N GLY A 113 3.98 0.33 16.40
CA GLY A 113 4.04 1.79 16.35
C GLY A 113 5.49 2.27 16.22
N PRO A 114 5.63 3.61 16.06
CA PRO A 114 6.95 4.21 15.92
C PRO A 114 7.67 4.26 17.27
N SER A 115 8.97 4.50 17.20
CA SER A 115 9.78 4.58 18.40
C SER A 115 9.85 3.20 19.08
N SER A 116 11.06 2.68 19.17
CA SER A 116 11.27 1.39 19.79
C SER A 116 12.52 1.42 20.67
N GLY A 117 13.65 1.74 20.05
CA GLY A 117 14.90 1.82 20.76
C GLY A 117 16.08 1.75 19.80
N GLY A 1 -33.19 -0.93 -3.81
CA GLY A 1 -33.03 0.26 -2.98
C GLY A 1 -31.95 1.19 -3.55
N SER A 2 -32.39 2.08 -4.43
CA SER A 2 -31.48 3.03 -5.04
C SER A 2 -30.53 2.29 -6.00
N SER A 3 -29.50 1.70 -5.42
CA SER A 3 -28.52 0.96 -6.19
C SER A 3 -27.76 -0.02 -5.30
N GLY A 4 -27.62 -1.23 -5.79
CA GLY A 4 -26.91 -2.26 -5.05
C GLY A 4 -25.40 -2.11 -5.20
N SER A 5 -24.69 -3.08 -4.65
CA SER A 5 -23.23 -3.07 -4.71
C SER A 5 -22.69 -1.87 -3.93
N SER A 6 -21.62 -2.13 -3.19
CA SER A 6 -20.99 -1.09 -2.40
C SER A 6 -19.48 -1.09 -2.63
N GLY A 7 -18.88 -2.25 -2.38
CA GLY A 7 -17.44 -2.39 -2.56
C GLY A 7 -16.68 -1.81 -1.37
N HIS A 8 -17.08 -2.25 -0.18
CA HIS A 8 -16.44 -1.78 1.04
C HIS A 8 -16.38 -2.91 2.05
N TYR A 9 -15.18 -3.15 2.56
CA TYR A 9 -14.98 -4.20 3.54
C TYR A 9 -15.74 -3.92 4.83
N ILE A 10 -15.91 -4.96 5.63
CA ILE A 10 -16.61 -4.83 6.89
C ILE A 10 -15.78 -3.97 7.86
N PHE A 11 -14.47 -4.13 7.75
CA PHE A 11 -13.56 -3.38 8.60
C PHE A 11 -13.20 -2.04 7.96
N PRO A 12 -12.69 -1.12 8.84
CA PRO A 12 -12.29 0.21 8.37
C PRO A 12 -10.99 0.15 7.58
N HIS A 13 -11.07 0.60 6.34
CA HIS A 13 -9.89 0.61 5.48
C HIS A 13 -9.95 1.84 4.56
N ALA A 14 -8.79 2.16 4.00
CA ALA A 14 -8.68 3.29 3.09
C ALA A 14 -8.48 2.80 1.66
N ARG A 15 -9.20 3.43 0.74
CA ARG A 15 -9.11 3.05 -0.66
C ARG A 15 -8.78 4.28 -1.50
N ILE A 16 -7.49 4.48 -1.73
CA ILE A 16 -7.02 5.60 -2.52
C ILE A 16 -6.13 5.09 -3.65
N LYS A 17 -5.89 5.97 -4.62
CA LYS A 17 -5.05 5.63 -5.75
C LYS A 17 -3.76 6.46 -5.70
N ILE A 18 -2.73 5.91 -6.32
CA ILE A 18 -1.45 6.60 -6.36
C ILE A 18 -1.23 7.20 -7.75
N THR A 19 -1.13 8.52 -7.78
CA THR A 19 -0.93 9.22 -9.03
C THR A 19 0.54 9.63 -9.18
N ARG A 20 1.08 9.35 -10.36
CA ARG A 20 2.47 9.67 -10.65
C ARG A 20 2.56 11.07 -11.27
N ASP A 21 2.87 12.03 -10.41
CA ASP A 21 3.00 13.42 -10.86
C ASP A 21 3.53 14.27 -9.71
N SER A 22 4.68 14.88 -9.94
CA SER A 22 5.28 15.74 -8.94
C SER A 22 6.50 16.45 -9.52
N LYS A 23 6.47 17.77 -9.44
CA LYS A 23 7.55 18.59 -9.96
C LYS A 23 8.89 17.99 -9.51
N ASP A 24 9.79 17.85 -10.47
CA ASP A 24 11.10 17.30 -10.18
C ASP A 24 11.94 17.29 -11.46
N HIS A 25 12.87 18.22 -11.53
CA HIS A 25 13.74 18.33 -12.68
C HIS A 25 15.13 17.79 -12.34
N THR A 26 15.39 16.58 -12.82
CA THR A 26 16.67 15.94 -12.58
C THR A 26 16.78 14.63 -13.37
N VAL A 27 18.01 14.19 -13.57
CA VAL A 27 18.25 12.96 -14.29
C VAL A 27 17.57 11.80 -13.56
N SER A 28 16.95 10.93 -14.35
CA SER A 28 16.25 9.78 -13.80
C SER A 28 14.92 10.21 -13.20
N GLY A 29 15.00 11.12 -12.23
CA GLY A 29 13.81 11.62 -11.57
C GLY A 29 13.48 10.80 -10.32
N ASN A 30 12.22 10.48 -10.17
CA ASN A 30 11.76 9.70 -9.03
C ASN A 30 10.34 9.19 -9.29
N GLY A 31 10.26 7.89 -9.53
CA GLY A 31 8.97 7.26 -9.80
C GLY A 31 8.09 7.29 -8.56
N LEU A 32 7.55 6.13 -8.23
CA LEU A 32 6.68 6.00 -7.07
C LEU A 32 7.53 5.78 -5.82
N GLY A 33 7.68 6.86 -5.05
CA GLY A 33 8.47 6.81 -3.83
C GLY A 33 7.67 6.15 -2.71
N ILE A 34 7.50 4.85 -2.81
CA ILE A 34 6.76 4.10 -1.81
C ILE A 34 7.56 2.86 -1.41
N ARG A 35 7.68 2.66 -0.10
CA ARG A 35 8.41 1.52 0.41
C ARG A 35 7.47 0.58 1.15
N ILE A 36 7.17 -0.54 0.50
CA ILE A 36 6.28 -1.53 1.09
C ILE A 36 7.03 -2.86 1.22
N VAL A 37 6.99 -3.41 2.43
CA VAL A 37 7.66 -4.68 2.70
C VAL A 37 6.61 -5.79 2.79
N GLY A 38 6.73 -6.75 1.90
CA GLY A 38 5.80 -7.87 1.88
C GLY A 38 6.33 -9.04 2.70
N GLY A 39 5.42 -9.94 3.04
CA GLY A 39 5.79 -11.11 3.83
C GLY A 39 6.13 -10.71 5.27
N LYS A 40 5.20 -9.97 5.87
CA LYS A 40 5.38 -9.53 7.24
C LYS A 40 4.20 -10.01 8.08
N GLU A 41 4.52 -10.40 9.31
CA GLU A 41 3.49 -10.87 10.23
C GLU A 41 2.53 -9.74 10.59
N ILE A 42 1.25 -10.05 10.54
CA ILE A 42 0.21 -9.08 10.85
C ILE A 42 -0.24 -9.27 12.30
N PRO A 43 -0.47 -8.13 12.99
CA PRO A 43 -0.90 -8.16 14.37
C PRO A 43 -2.38 -8.55 14.48
N GLY A 44 -2.61 -9.81 14.80
CA GLY A 44 -3.96 -10.32 14.94
C GLY A 44 -4.53 -10.73 13.57
N HIS A 45 -4.10 -11.90 13.12
CA HIS A 45 -4.56 -12.41 11.84
C HIS A 45 -4.26 -13.91 11.75
N SER A 46 -4.46 -14.58 12.88
CA SER A 46 -4.23 -16.01 12.94
C SER A 46 -2.83 -16.34 12.40
N GLY A 47 -1.88 -15.49 12.73
CA GLY A 47 -0.51 -15.67 12.28
C GLY A 47 -0.45 -15.73 10.75
N GLU A 48 -0.71 -14.58 10.14
CA GLU A 48 -0.69 -14.48 8.69
C GLU A 48 0.30 -13.39 8.25
N ILE A 49 0.77 -13.53 7.02
CA ILE A 49 1.71 -12.58 6.47
C ILE A 49 0.99 -11.65 5.50
N GLY A 50 1.61 -10.50 5.25
CA GLY A 50 1.03 -9.52 4.34
C GLY A 50 2.08 -8.49 3.92
N ALA A 51 1.58 -7.36 3.43
CA ALA A 51 2.46 -6.28 3.00
C ALA A 51 2.03 -4.98 3.67
N TYR A 52 3.03 -4.18 4.01
CA TYR A 52 2.79 -2.90 4.66
C TYR A 52 3.81 -1.85 4.22
N ILE A 53 3.49 -0.60 4.52
CA ILE A 53 4.36 0.50 4.15
C ILE A 53 5.46 0.63 5.20
N ALA A 54 6.70 0.42 4.75
CA ALA A 54 7.84 0.52 5.64
C ALA A 54 8.13 1.98 5.95
N LYS A 55 8.24 2.77 4.88
CA LYS A 55 8.52 4.18 5.02
C LYS A 55 7.85 4.95 3.87
N ILE A 56 7.43 6.17 4.18
CA ILE A 56 6.78 7.00 3.18
C ILE A 56 7.71 8.16 2.80
N LEU A 57 8.17 8.11 1.56
CA LEU A 57 9.06 9.15 1.06
C LEU A 57 8.42 10.52 1.28
N PRO A 58 9.28 11.57 1.21
CA PRO A 58 8.80 12.94 1.39
C PRO A 58 8.05 13.43 0.15
N GLY A 59 6.82 13.88 0.39
CA GLY A 59 5.99 14.37 -0.70
C GLY A 59 6.06 13.44 -1.92
N GLY A 60 6.16 12.15 -1.62
CA GLY A 60 6.23 11.15 -2.67
C GLY A 60 4.85 10.88 -3.27
N SER A 61 4.83 10.00 -4.27
CA SER A 61 3.58 9.65 -4.93
C SER A 61 2.58 9.14 -3.90
N ALA A 62 3.10 8.48 -2.87
CA ALA A 62 2.26 7.95 -1.81
C ALA A 62 1.87 9.08 -0.85
N GLU A 63 2.88 9.68 -0.27
CA GLU A 63 2.67 10.77 0.68
C GLU A 63 1.73 11.82 0.06
N GLN A 64 1.76 11.88 -1.27
CA GLN A 64 0.93 12.83 -1.98
C GLN A 64 -0.53 12.65 -1.59
N THR A 65 -0.92 11.39 -1.44
CA THR A 65 -2.30 11.07 -1.07
C THR A 65 -2.62 11.65 0.31
N GLY A 66 -1.71 11.42 1.24
CA GLY A 66 -1.90 11.92 2.60
C GLY A 66 -2.62 10.88 3.47
N LYS A 67 -3.61 10.23 2.86
CA LYS A 67 -4.37 9.22 3.55
C LYS A 67 -3.49 8.03 3.87
N LEU A 68 -2.32 8.02 3.23
CA LEU A 68 -1.37 6.94 3.43
C LEU A 68 -0.43 7.30 4.59
N MET A 69 0.07 6.26 5.24
CA MET A 69 0.98 6.45 6.36
C MET A 69 1.92 5.26 6.52
N GLU A 70 2.91 5.43 7.39
CA GLU A 70 3.88 4.38 7.64
C GLU A 70 3.28 3.29 8.54
N GLY A 71 3.86 2.11 8.46
CA GLY A 71 3.40 1.00 9.26
C GLY A 71 1.97 0.60 8.88
N MET A 72 1.58 0.98 7.67
CA MET A 72 0.26 0.68 7.18
C MET A 72 0.25 -0.63 6.39
N GLN A 73 -0.65 -1.52 6.78
CA GLN A 73 -0.78 -2.80 6.12
C GLN A 73 -1.61 -2.66 4.84
N VAL A 74 -0.97 -2.94 3.72
CA VAL A 74 -1.63 -2.84 2.43
C VAL A 74 -2.32 -4.18 2.13
N LEU A 75 -3.64 -4.14 2.14
CA LEU A 75 -4.43 -5.33 1.87
C LEU A 75 -4.16 -5.81 0.44
N GLU A 76 -4.38 -4.88 -0.50
CA GLU A 76 -4.17 -5.19 -1.91
C GLU A 76 -3.51 -4.01 -2.61
N TRP A 77 -2.94 -4.30 -3.77
CA TRP A 77 -2.27 -3.27 -4.55
C TRP A 77 -2.62 -3.48 -6.02
N ASN A 78 -3.27 -2.48 -6.60
CA ASN A 78 -3.67 -2.55 -8.00
C ASN A 78 -4.62 -3.73 -8.19
N GLY A 79 -5.35 -4.04 -7.12
CA GLY A 79 -6.29 -5.15 -7.18
C GLY A 79 -5.65 -6.43 -6.65
N ILE A 80 -4.45 -6.69 -7.13
CA ILE A 80 -3.73 -7.88 -6.73
C ILE A 80 -3.41 -7.80 -5.23
N PRO A 81 -3.85 -8.85 -4.49
CA PRO A 81 -3.62 -8.91 -3.05
C PRO A 81 -2.17 -9.26 -2.75
N LEU A 82 -1.72 -8.79 -1.59
CA LEU A 82 -0.35 -9.04 -1.16
C LEU A 82 -0.36 -9.92 0.08
N THR A 83 -1.54 -10.43 0.40
CA THR A 83 -1.71 -11.28 1.56
C THR A 83 -1.35 -12.73 1.22
N SER A 84 -0.39 -13.26 1.95
CA SER A 84 0.04 -14.64 1.73
C SER A 84 1.08 -14.68 0.61
N LYS A 85 1.88 -13.63 0.53
CA LYS A 85 2.90 -13.53 -0.49
C LYS A 85 4.27 -13.33 0.19
N THR A 86 5.22 -12.87 -0.61
CA THR A 86 6.57 -12.64 -0.11
C THR A 86 7.10 -11.30 -0.63
N TYR A 87 7.99 -10.71 0.16
CA TYR A 87 8.58 -9.43 -0.20
C TYR A 87 8.84 -9.35 -1.71
N GLU A 88 9.61 -10.32 -2.20
CA GLU A 88 9.93 -10.36 -3.61
C GLU A 88 8.66 -10.29 -4.45
N GLU A 89 7.86 -11.34 -4.35
CA GLU A 89 6.61 -11.40 -5.09
C GLU A 89 5.92 -10.04 -5.07
N VAL A 90 5.51 -9.64 -3.88
CA VAL A 90 4.83 -8.37 -3.70
C VAL A 90 5.55 -7.29 -4.53
N GLN A 91 6.83 -7.13 -4.23
CA GLN A 91 7.64 -6.14 -4.93
C GLN A 91 7.28 -6.12 -6.42
N SER A 92 7.31 -7.30 -7.01
CA SER A 92 6.99 -7.42 -8.43
C SER A 92 5.58 -6.90 -8.70
N ILE A 93 4.68 -7.21 -7.78
CA ILE A 93 3.30 -6.78 -7.90
C ILE A 93 3.25 -5.25 -7.88
N ILE A 94 4.14 -4.67 -7.08
CA ILE A 94 4.21 -3.23 -6.95
C ILE A 94 5.07 -2.66 -8.08
N SER A 95 6.35 -3.00 -8.03
CA SER A 95 7.29 -2.54 -9.04
C SER A 95 6.77 -2.87 -10.44
N GLN A 96 7.19 -2.07 -11.40
CA GLN A 96 6.78 -2.27 -12.78
C GLN A 96 5.25 -2.29 -12.88
N GLN A 97 4.70 -1.18 -13.34
CA GLN A 97 3.27 -1.05 -13.48
C GLN A 97 2.92 -0.12 -14.64
N SER A 98 1.68 0.33 -14.65
CA SER A 98 1.22 1.23 -15.69
C SER A 98 0.80 2.57 -15.09
N GLY A 99 1.80 3.34 -14.69
CA GLY A 99 1.54 4.65 -14.09
C GLY A 99 0.93 4.50 -12.70
N GLU A 100 -0.16 5.23 -12.49
CA GLU A 100 -0.85 5.18 -11.21
C GLU A 100 -1.18 3.75 -10.83
N ALA A 101 -1.83 3.60 -9.68
CA ALA A 101 -2.20 2.28 -9.19
C ALA A 101 -3.05 2.43 -7.92
N GLU A 102 -3.94 1.48 -7.73
CA GLU A 102 -4.81 1.50 -6.56
C GLU A 102 -4.12 0.83 -5.37
N ILE A 103 -4.24 1.46 -4.22
CA ILE A 103 -3.63 0.93 -3.01
C ILE A 103 -4.72 0.71 -1.96
N CYS A 104 -4.96 -0.55 -1.65
CA CYS A 104 -5.96 -0.91 -0.66
C CYS A 104 -5.26 -1.21 0.67
N VAL A 105 -5.33 -0.25 1.57
CA VAL A 105 -4.71 -0.40 2.87
C VAL A 105 -5.77 -0.33 3.96
N ARG A 106 -5.40 -0.77 5.15
CA ARG A 106 -6.32 -0.77 6.27
C ARG A 106 -6.20 0.55 7.05
N LEU A 107 -7.27 0.88 7.76
CA LEU A 107 -7.29 2.09 8.54
C LEU A 107 -6.58 1.86 9.88
N ASP A 108 -7.34 1.34 10.84
CA ASP A 108 -6.80 1.05 12.15
C ASP A 108 -5.83 -0.12 12.06
N LEU A 109 -4.58 0.20 11.75
CA LEU A 109 -3.55 -0.82 11.63
C LEU A 109 -2.18 -0.18 11.82
N ASN A 110 -1.32 -0.90 12.55
CA ASN A 110 0.01 -0.41 12.82
C ASN A 110 1.01 -1.57 12.67
N MET A 111 2.11 -1.26 11.98
CA MET A 111 3.14 -2.26 11.76
C MET A 111 4.54 -1.64 11.86
N SER A 112 4.89 -1.26 13.07
CA SER A 112 6.19 -0.65 13.33
C SER A 112 6.84 -1.28 14.57
N GLY A 113 8.14 -1.13 14.65
CA GLY A 113 8.90 -1.67 15.77
C GLY A 113 9.69 -0.57 16.48
N PRO A 114 10.89 -0.97 16.99
CA PRO A 114 11.75 -0.04 17.70
C PRO A 114 12.44 0.91 16.71
N SER A 115 13.30 1.76 17.27
CA SER A 115 14.04 2.72 16.46
C SER A 115 14.91 1.98 15.44
N SER A 116 14.98 2.55 14.25
CA SER A 116 15.77 1.96 13.19
C SER A 116 17.14 2.63 13.11
N GLY A 117 18.13 1.96 13.66
CA GLY A 117 19.49 2.48 13.68
C GLY A 117 19.73 3.35 14.91
N GLY A 1 -19.51 -0.69 -17.04
CA GLY A 1 -20.17 -1.39 -15.95
C GLY A 1 -19.72 -0.83 -14.60
N SER A 2 -19.90 -1.64 -13.57
CA SER A 2 -19.51 -1.24 -12.22
C SER A 2 -19.92 0.21 -11.97
N SER A 3 -21.13 0.38 -11.44
CA SER A 3 -21.63 1.70 -11.14
C SER A 3 -22.62 1.64 -9.97
N GLY A 4 -22.06 1.56 -8.77
CA GLY A 4 -22.87 1.50 -7.57
C GLY A 4 -22.80 0.09 -6.95
N SER A 5 -21.63 -0.25 -6.44
CA SER A 5 -21.44 -1.54 -5.82
C SER A 5 -21.24 -1.38 -4.31
N SER A 6 -21.89 -2.26 -3.57
CA SER A 6 -21.79 -2.22 -2.11
C SER A 6 -20.79 -3.26 -1.63
N GLY A 7 -19.51 -2.91 -1.76
CA GLY A 7 -18.45 -3.80 -1.33
C GLY A 7 -17.52 -3.12 -0.33
N HIS A 8 -17.71 -3.48 0.93
CA HIS A 8 -16.91 -2.90 2.00
C HIS A 8 -16.67 -3.95 3.08
N TYR A 9 -15.41 -4.11 3.47
CA TYR A 9 -15.05 -5.07 4.49
C TYR A 9 -15.69 -4.72 5.83
N ILE A 10 -15.63 -5.66 6.76
CA ILE A 10 -16.20 -5.46 8.07
C ILE A 10 -15.36 -4.44 8.84
N PHE A 11 -14.10 -4.34 8.45
CA PHE A 11 -13.19 -3.40 9.08
C PHE A 11 -13.09 -2.10 8.29
N PRO A 12 -12.59 -1.04 8.97
CA PRO A 12 -12.44 0.26 8.34
C PRO A 12 -11.24 0.27 7.38
N HIS A 13 -11.52 0.64 6.14
CA HIS A 13 -10.47 0.70 5.13
C HIS A 13 -10.77 1.83 4.15
N ALA A 14 -9.79 2.12 3.31
CA ALA A 14 -9.93 3.18 2.33
C ALA A 14 -9.22 2.76 1.04
N ARG A 15 -9.73 3.29 -0.07
CA ARG A 15 -9.15 2.98 -1.37
C ARG A 15 -8.73 4.27 -2.09
N ILE A 16 -7.48 4.65 -1.85
CA ILE A 16 -6.94 5.85 -2.46
C ILE A 16 -6.16 5.47 -3.71
N LYS A 17 -6.04 6.45 -4.61
CA LYS A 17 -5.31 6.23 -5.86
C LYS A 17 -4.09 7.15 -5.89
N ILE A 18 -2.96 6.55 -6.21
CA ILE A 18 -1.71 7.30 -6.29
C ILE A 18 -1.51 7.80 -7.71
N THR A 19 -1.41 9.12 -7.84
CA THR A 19 -1.22 9.74 -9.14
C THR A 19 0.20 10.31 -9.26
N ARG A 20 0.88 9.91 -10.32
CA ARG A 20 2.24 10.37 -10.55
C ARG A 20 2.27 11.90 -10.65
N ASP A 21 3.45 12.45 -10.41
CA ASP A 21 3.62 13.90 -10.46
C ASP A 21 5.08 14.23 -10.16
N SER A 22 5.70 14.93 -11.11
CA SER A 22 7.09 15.33 -10.96
C SER A 22 7.54 16.10 -12.21
N LYS A 23 7.31 17.40 -12.18
CA LYS A 23 7.69 18.25 -13.30
C LYS A 23 7.37 17.53 -14.61
N ASP A 24 6.10 17.52 -14.95
CA ASP A 24 5.65 16.88 -16.18
C ASP A 24 6.04 15.39 -16.14
N HIS A 25 5.32 14.61 -16.92
CA HIS A 25 5.57 13.18 -16.98
C HIS A 25 6.33 12.85 -18.27
N THR A 26 6.68 13.90 -19.00
CA THR A 26 7.40 13.73 -20.25
C THR A 26 8.92 13.70 -19.99
N VAL A 27 9.30 14.21 -18.82
CA VAL A 27 10.69 14.23 -18.44
C VAL A 27 10.88 13.43 -17.16
N SER A 28 11.94 12.62 -17.14
CA SER A 28 12.24 11.79 -15.98
C SER A 28 11.10 10.81 -15.73
N GLY A 29 11.34 9.90 -14.79
CA GLY A 29 10.35 8.89 -14.45
C GLY A 29 11.01 7.68 -13.80
N ASN A 30 10.71 7.51 -12.52
CA ASN A 30 11.26 6.39 -11.77
C ASN A 30 10.12 5.52 -11.24
N GLY A 31 9.20 6.17 -10.53
CA GLY A 31 8.06 5.46 -9.97
C GLY A 31 7.31 6.36 -8.97
N LEU A 32 6.12 5.92 -8.61
CA LEU A 32 5.29 6.65 -7.67
C LEU A 32 6.14 7.07 -6.47
N GLY A 33 6.81 6.09 -5.89
CA GLY A 33 7.66 6.34 -4.74
C GLY A 33 7.02 5.81 -3.46
N ILE A 34 7.09 4.50 -3.30
CA ILE A 34 6.52 3.86 -2.12
C ILE A 34 7.31 2.58 -1.81
N ARG A 35 7.56 2.38 -0.53
CA ARG A 35 8.30 1.22 -0.08
C ARG A 35 7.40 0.30 0.74
N ILE A 36 7.08 -0.85 0.16
CA ILE A 36 6.23 -1.81 0.83
C ILE A 36 7.01 -3.11 1.03
N VAL A 37 6.96 -3.61 2.26
CA VAL A 37 7.66 -4.84 2.60
C VAL A 37 6.63 -5.96 2.82
N GLY A 38 6.89 -7.09 2.19
CA GLY A 38 6.00 -8.23 2.32
C GLY A 38 6.59 -9.29 3.25
N GLY A 39 5.94 -10.44 3.28
CA GLY A 39 6.39 -11.54 4.12
C GLY A 39 6.55 -11.07 5.57
N LYS A 40 5.67 -10.18 5.98
CA LYS A 40 5.71 -9.65 7.34
C LYS A 40 4.47 -10.11 8.09
N GLU A 41 4.69 -10.50 9.34
CA GLU A 41 3.59 -10.96 10.19
C GLU A 41 2.60 -9.83 10.44
N ILE A 42 1.34 -10.18 10.47
CA ILE A 42 0.28 -9.21 10.69
C ILE A 42 -0.18 -9.29 12.16
N PRO A 43 -0.43 -8.10 12.75
CA PRO A 43 -0.87 -8.03 14.14
C PRO A 43 -2.34 -8.44 14.26
N GLY A 44 -3.16 -7.87 13.38
CA GLY A 44 -4.58 -8.16 13.38
C GLY A 44 -4.83 -9.65 13.08
N HIS A 45 -4.48 -10.04 11.88
CA HIS A 45 -4.66 -11.42 11.45
C HIS A 45 -3.95 -12.36 12.44
N SER A 46 -4.24 -13.65 12.29
CA SER A 46 -3.65 -14.64 13.17
C SER A 46 -2.64 -15.49 12.38
N GLY A 47 -1.40 -15.46 12.86
CA GLY A 47 -0.34 -16.21 12.21
C GLY A 47 -0.47 -16.14 10.69
N GLU A 48 -0.28 -14.94 10.16
CA GLU A 48 -0.37 -14.72 8.73
C GLU A 48 0.59 -13.60 8.30
N ILE A 49 1.23 -13.82 7.16
CA ILE A 49 2.17 -12.85 6.64
C ILE A 49 1.47 -12.00 5.57
N GLY A 50 1.94 -10.77 5.43
CA GLY A 50 1.37 -9.86 4.46
C GLY A 50 2.37 -8.76 4.08
N ALA A 51 1.82 -7.64 3.63
CA ALA A 51 2.66 -6.51 3.24
C ALA A 51 2.15 -5.25 3.95
N TYR A 52 3.05 -4.29 4.09
CA TYR A 52 2.73 -3.03 4.75
C TYR A 52 3.73 -1.94 4.37
N ILE A 53 3.23 -0.72 4.31
CA ILE A 53 4.06 0.42 3.97
C ILE A 53 5.24 0.50 4.96
N ALA A 54 6.42 0.26 4.43
CA ALA A 54 7.63 0.30 5.25
C ALA A 54 8.12 1.74 5.34
N LYS A 55 8.33 2.35 4.19
CA LYS A 55 8.80 3.72 4.13
C LYS A 55 8.02 4.48 3.05
N ILE A 56 7.68 5.72 3.37
CA ILE A 56 6.95 6.56 2.44
C ILE A 56 7.87 7.63 1.87
N LEU A 57 8.20 7.47 0.60
CA LEU A 57 9.08 8.41 -0.07
C LEU A 57 8.73 9.83 0.37
N PRO A 58 9.75 10.73 0.31
CA PRO A 58 9.56 12.11 0.71
C PRO A 58 8.79 12.89 -0.37
N GLY A 59 7.78 13.62 0.09
CA GLY A 59 6.97 14.41 -0.83
C GLY A 59 6.75 13.67 -2.15
N GLY A 60 6.45 12.39 -2.02
CA GLY A 60 6.22 11.55 -3.20
C GLY A 60 4.72 11.51 -3.55
N SER A 61 4.41 10.69 -4.54
CA SER A 61 3.04 10.55 -4.98
C SER A 61 2.18 9.94 -3.86
N ALA A 62 2.82 9.08 -3.07
CA ALA A 62 2.14 8.43 -1.97
C ALA A 62 1.92 9.44 -0.84
N GLU A 63 3.02 9.95 -0.32
CA GLU A 63 2.95 10.93 0.76
C GLU A 63 2.05 12.09 0.36
N GLN A 64 1.89 12.27 -0.94
CA GLN A 64 1.04 13.34 -1.46
C GLN A 64 -0.38 13.19 -0.95
N THR A 65 -0.95 12.01 -1.21
CA THR A 65 -2.31 11.72 -0.78
C THR A 65 -2.54 12.21 0.65
N GLY A 66 -1.67 11.75 1.54
CA GLY A 66 -1.76 12.13 2.93
C GLY A 66 -2.41 11.02 3.77
N LYS A 67 -3.42 10.40 3.16
CA LYS A 67 -4.13 9.33 3.84
C LYS A 67 -3.18 8.16 4.08
N LEU A 68 -2.28 7.96 3.14
CA LEU A 68 -1.31 6.88 3.24
C LEU A 68 -0.30 7.21 4.35
N MET A 69 0.13 6.17 5.03
CA MET A 69 1.09 6.33 6.11
C MET A 69 1.82 5.01 6.41
N GLU A 70 3.01 5.15 6.96
CA GLU A 70 3.82 3.98 7.29
C GLU A 70 3.11 3.13 8.35
N GLY A 71 3.48 1.86 8.38
CA GLY A 71 2.89 0.93 9.34
C GLY A 71 1.48 0.53 8.91
N MET A 72 1.16 0.86 7.67
CA MET A 72 -0.15 0.53 7.12
C MET A 72 -0.11 -0.80 6.34
N GLN A 73 -0.90 -1.74 6.81
CA GLN A 73 -0.96 -3.05 6.17
C GLN A 73 -1.68 -2.94 4.82
N VAL A 74 -0.92 -3.24 3.76
CA VAL A 74 -1.47 -3.18 2.41
C VAL A 74 -2.26 -4.46 2.14
N LEU A 75 -3.57 -4.29 2.06
CA LEU A 75 -4.46 -5.41 1.80
C LEU A 75 -4.31 -5.84 0.34
N GLU A 76 -4.52 -4.89 -0.55
CA GLU A 76 -4.42 -5.15 -1.97
C GLU A 76 -3.73 -3.98 -2.68
N TRP A 77 -3.06 -4.30 -3.78
CA TRP A 77 -2.37 -3.29 -4.55
C TRP A 77 -2.80 -3.42 -6.01
N ASN A 78 -3.49 -2.40 -6.49
CA ASN A 78 -3.97 -2.39 -7.87
C ASN A 78 -4.84 -3.62 -8.11
N GLY A 79 -5.49 -4.07 -7.04
CA GLY A 79 -6.35 -5.23 -7.11
C GLY A 79 -5.65 -6.47 -6.56
N ILE A 80 -4.46 -6.72 -7.09
CA ILE A 80 -3.68 -7.86 -6.65
C ILE A 80 -3.41 -7.76 -5.14
N PRO A 81 -3.76 -8.85 -4.42
CA PRO A 81 -3.56 -8.88 -2.98
C PRO A 81 -2.09 -9.09 -2.63
N LEU A 82 -1.73 -8.66 -1.44
CA LEU A 82 -0.35 -8.79 -0.97
C LEU A 82 -0.34 -9.55 0.36
N THR A 83 -1.26 -10.51 0.47
CA THR A 83 -1.37 -11.29 1.68
C THR A 83 -0.88 -12.73 1.41
N SER A 84 -0.18 -13.27 2.39
CA SER A 84 0.34 -14.62 2.29
C SER A 84 1.36 -14.70 1.15
N LYS A 85 2.12 -13.62 1.00
CA LYS A 85 3.13 -13.55 -0.03
C LYS A 85 4.50 -13.30 0.60
N THR A 86 5.41 -12.77 -0.20
CA THR A 86 6.76 -12.48 0.27
C THR A 86 7.23 -11.14 -0.29
N TYR A 87 8.27 -10.60 0.34
CA TYR A 87 8.83 -9.33 -0.08
C TYR A 87 8.99 -9.27 -1.60
N GLU A 88 9.83 -10.18 -2.11
CA GLU A 88 10.08 -10.24 -3.53
C GLU A 88 8.75 -10.27 -4.31
N GLU A 89 8.00 -11.34 -4.07
CA GLU A 89 6.71 -11.50 -4.74
C GLU A 89 5.93 -10.19 -4.70
N VAL A 90 5.58 -9.79 -3.49
CA VAL A 90 4.82 -8.56 -3.31
C VAL A 90 5.44 -7.45 -4.17
N GLN A 91 6.70 -7.15 -3.86
CA GLN A 91 7.41 -6.12 -4.60
C GLN A 91 7.10 -6.22 -6.10
N SER A 92 7.49 -7.34 -6.68
CA SER A 92 7.26 -7.57 -8.09
C SER A 92 5.88 -7.06 -8.49
N ILE A 93 4.87 -7.50 -7.72
CA ILE A 93 3.50 -7.09 -7.99
C ILE A 93 3.42 -5.56 -8.01
N ILE A 94 4.11 -4.95 -7.05
CA ILE A 94 4.13 -3.50 -6.96
C ILE A 94 5.03 -2.93 -8.05
N SER A 95 6.31 -3.26 -7.96
CA SER A 95 7.28 -2.80 -8.93
C SER A 95 6.82 -3.16 -10.35
N GLN A 96 7.74 -2.98 -11.30
CA GLN A 96 7.43 -3.29 -12.68
C GLN A 96 6.61 -2.16 -13.31
N GLN A 97 5.43 -1.94 -12.74
CA GLN A 97 4.54 -0.90 -13.22
C GLN A 97 5.11 0.48 -12.89
N SER A 98 4.83 1.42 -13.79
CA SER A 98 5.30 2.77 -13.60
C SER A 98 4.20 3.77 -13.97
N GLY A 99 3.56 4.31 -12.93
CA GLY A 99 2.49 5.27 -13.14
C GLY A 99 1.43 5.15 -12.03
N GLU A 100 0.27 5.73 -12.30
CA GLU A 100 -0.82 5.70 -11.35
C GLU A 100 -1.05 4.27 -10.85
N ALA A 101 -1.57 4.17 -9.64
CA ALA A 101 -1.85 2.88 -9.05
C ALA A 101 -2.80 3.06 -7.87
N GLU A 102 -3.41 1.95 -7.47
CA GLU A 102 -4.35 1.97 -6.36
C GLU A 102 -3.82 1.12 -5.20
N ILE A 103 -3.93 1.69 -4.01
CA ILE A 103 -3.45 1.00 -2.80
C ILE A 103 -4.61 0.85 -1.83
N CYS A 104 -4.76 -0.35 -1.30
CA CYS A 104 -5.82 -0.64 -0.35
C CYS A 104 -5.18 -0.96 1.01
N VAL A 105 -5.43 -0.08 1.96
CA VAL A 105 -4.89 -0.27 3.30
C VAL A 105 -6.05 -0.33 4.31
N ARG A 106 -5.67 -0.60 5.55
CA ARG A 106 -6.66 -0.70 6.61
C ARG A 106 -6.47 0.44 7.63
N LEU A 107 -7.52 1.22 7.80
CA LEU A 107 -7.47 2.33 8.73
C LEU A 107 -7.01 1.84 10.10
N ASP A 108 -7.83 0.99 10.70
CA ASP A 108 -7.53 0.44 12.00
C ASP A 108 -6.47 -0.67 11.84
N LEU A 109 -5.22 -0.24 11.77
CA LEU A 109 -4.12 -1.18 11.62
C LEU A 109 -2.80 -0.44 11.87
N ASN A 110 -1.84 -1.20 12.39
CA ASN A 110 -0.53 -0.63 12.68
C ASN A 110 0.50 -1.76 12.69
N MET A 111 1.66 -1.45 12.11
CA MET A 111 2.74 -2.42 12.05
C MET A 111 4.05 -1.82 12.57
N SER A 112 4.58 -2.46 13.60
CA SER A 112 5.83 -2.00 14.20
C SER A 112 6.50 -3.16 14.94
N GLY A 113 5.83 -3.63 15.98
CA GLY A 113 6.35 -4.72 16.78
C GLY A 113 7.67 -4.33 17.47
N PRO A 114 8.47 -5.36 17.81
CA PRO A 114 9.75 -5.13 18.46
C PRO A 114 10.78 -4.59 17.47
N SER A 115 11.50 -3.56 17.92
CA SER A 115 12.51 -2.95 17.08
C SER A 115 13.18 -1.80 17.83
N SER A 116 14.50 -1.73 17.70
CA SER A 116 15.26 -0.69 18.37
C SER A 116 14.68 0.68 18.03
N GLY A 117 15.09 1.67 18.82
CA GLY A 117 14.61 3.03 18.61
C GLY A 117 15.50 4.04 19.34
N GLY A 1 -32.41 5.21 -9.34
CA GLY A 1 -31.15 4.64 -8.86
C GLY A 1 -31.40 3.66 -7.72
N SER A 2 -30.30 3.18 -7.15
CA SER A 2 -30.38 2.23 -6.05
C SER A 2 -29.61 2.77 -4.83
N SER A 3 -30.26 2.67 -3.68
CA SER A 3 -29.64 3.14 -2.45
C SER A 3 -30.09 2.26 -1.28
N GLY A 4 -29.51 1.07 -1.21
CA GLY A 4 -29.84 0.14 -0.16
C GLY A 4 -28.75 0.12 0.92
N SER A 5 -27.64 -0.52 0.59
CA SER A 5 -26.52 -0.62 1.50
C SER A 5 -25.22 -0.83 0.73
N SER A 6 -24.11 -0.71 1.44
CA SER A 6 -22.79 -0.88 0.84
C SER A 6 -21.73 -0.95 1.93
N GLY A 7 -20.90 -1.99 1.83
CA GLY A 7 -19.84 -2.18 2.80
C GLY A 7 -18.51 -2.44 2.09
N HIS A 8 -17.55 -2.95 2.87
CA HIS A 8 -16.24 -3.25 2.33
C HIS A 8 -15.54 -4.28 3.22
N TYR A 9 -15.39 -3.91 4.49
CA TYR A 9 -14.76 -4.80 5.45
C TYR A 9 -15.26 -4.51 6.87
N ILE A 10 -15.07 -5.51 7.73
CA ILE A 10 -15.50 -5.37 9.12
C ILE A 10 -14.60 -4.37 9.83
N PHE A 11 -13.52 -3.99 9.15
CA PHE A 11 -12.58 -3.04 9.71
C PHE A 11 -12.54 -1.75 8.89
N PRO A 12 -11.98 -0.69 9.51
CA PRO A 12 -11.88 0.61 8.84
C PRO A 12 -10.78 0.59 7.79
N HIS A 13 -11.19 0.82 6.55
CA HIS A 13 -10.25 0.84 5.44
C HIS A 13 -10.55 2.03 4.52
N ALA A 14 -9.68 2.21 3.54
CA ALA A 14 -9.85 3.31 2.60
C ALA A 14 -9.22 2.92 1.25
N ARG A 15 -9.78 3.47 0.19
CA ARG A 15 -9.29 3.19 -1.15
C ARG A 15 -8.91 4.48 -1.86
N ILE A 16 -7.62 4.81 -1.77
CA ILE A 16 -7.12 6.02 -2.40
C ILE A 16 -6.12 5.64 -3.49
N LYS A 17 -6.44 6.04 -4.72
CA LYS A 17 -5.59 5.76 -5.85
C LYS A 17 -4.55 6.87 -6.00
N ILE A 18 -3.31 6.46 -6.18
CA ILE A 18 -2.21 7.41 -6.32
C ILE A 18 -2.25 7.99 -7.75
N THR A 19 -2.41 9.30 -7.80
CA THR A 19 -2.46 10.00 -9.09
C THR A 19 -1.21 10.87 -9.27
N ARG A 20 -0.60 10.72 -10.44
CA ARG A 20 0.59 11.48 -10.76
C ARG A 20 0.23 12.75 -11.54
N ASP A 21 0.47 13.89 -10.91
CA ASP A 21 0.18 15.16 -11.53
C ASP A 21 0.72 16.29 -10.65
N SER A 22 1.79 16.91 -11.13
CA SER A 22 2.41 18.01 -10.39
C SER A 22 3.49 18.66 -11.25
N LYS A 23 4.41 17.82 -11.72
CA LYS A 23 5.51 18.30 -12.55
C LYS A 23 5.74 17.32 -13.70
N ASP A 24 6.26 17.85 -14.79
CA ASP A 24 6.54 17.03 -15.97
C ASP A 24 7.54 17.76 -16.86
N HIS A 25 8.25 16.98 -17.65
CA HIS A 25 9.25 17.53 -18.56
C HIS A 25 9.55 16.52 -19.67
N THR A 26 10.32 15.51 -19.31
CA THR A 26 10.69 14.46 -20.26
C THR A 26 10.33 13.08 -19.71
N VAL A 27 10.65 12.89 -18.44
CA VAL A 27 10.36 11.62 -17.79
C VAL A 27 8.92 11.21 -18.09
N SER A 28 8.70 9.90 -18.09
CA SER A 28 7.37 9.36 -18.35
C SER A 28 7.37 7.85 -18.11
N GLY A 29 7.10 7.49 -16.86
CA GLY A 29 7.06 6.09 -16.48
C GLY A 29 7.80 5.87 -15.15
N ASN A 30 7.13 5.14 -14.26
CA ASN A 30 7.70 4.84 -12.96
C ASN A 30 8.05 6.15 -12.24
N GLY A 31 7.13 6.59 -11.41
CA GLY A 31 7.32 7.83 -10.66
C GLY A 31 6.28 7.97 -9.56
N LEU A 32 6.49 7.24 -8.48
CA LEU A 32 5.57 7.27 -7.35
C LEU A 32 6.37 7.52 -6.07
N GLY A 33 6.96 6.45 -5.56
CA GLY A 33 7.75 6.53 -4.35
C GLY A 33 7.00 5.90 -3.17
N ILE A 34 7.19 4.60 -3.02
CA ILE A 34 6.55 3.88 -1.94
C ILE A 34 7.35 2.60 -1.64
N ARG A 35 7.54 2.35 -0.36
CA ARG A 35 8.28 1.18 0.07
C ARG A 35 7.38 0.25 0.89
N ILE A 36 7.07 -0.89 0.29
CA ILE A 36 6.23 -1.88 0.96
C ILE A 36 7.03 -3.16 1.17
N VAL A 37 6.96 -3.65 2.41
CA VAL A 37 7.67 -4.87 2.76
C VAL A 37 6.66 -6.00 2.93
N GLY A 38 6.87 -7.06 2.15
CA GLY A 38 6.00 -8.22 2.20
C GLY A 38 6.53 -9.28 3.17
N GLY A 39 5.78 -10.36 3.29
CA GLY A 39 6.18 -11.45 4.16
C GLY A 39 6.39 -10.95 5.59
N LYS A 40 5.43 -10.16 6.07
CA LYS A 40 5.51 -9.61 7.41
C LYS A 40 4.26 -10.02 8.19
N GLU A 41 4.49 -10.60 9.36
CA GLU A 41 3.40 -11.04 10.21
C GLU A 41 2.43 -9.87 10.46
N ILE A 42 1.15 -10.19 10.41
CA ILE A 42 0.11 -9.19 10.63
C ILE A 42 -0.31 -9.22 12.10
N PRO A 43 -0.07 -8.07 12.79
CA PRO A 43 -0.42 -7.96 14.19
C PRO A 43 -1.93 -7.79 14.37
N GLY A 44 -2.66 -8.84 14.00
CA GLY A 44 -4.11 -8.81 14.11
C GLY A 44 -4.71 -10.12 13.61
N HIS A 45 -4.30 -10.50 12.41
CA HIS A 45 -4.80 -11.73 11.80
C HIS A 45 -4.26 -12.93 12.57
N SER A 46 -4.70 -14.11 12.17
CA SER A 46 -4.27 -15.34 12.81
C SER A 46 -3.00 -15.87 12.13
N GLY A 47 -1.87 -15.39 12.62
CA GLY A 47 -0.59 -15.81 12.08
C GLY A 47 -0.62 -15.82 10.55
N GLU A 48 -0.60 -14.62 9.97
CA GLU A 48 -0.62 -14.49 8.53
C GLU A 48 0.37 -13.42 8.08
N ILE A 49 1.02 -13.70 6.96
CA ILE A 49 2.00 -12.76 6.41
C ILE A 49 1.35 -11.96 5.29
N GLY A 50 1.75 -10.70 5.20
CA GLY A 50 1.22 -9.81 4.17
C GLY A 50 2.25 -8.77 3.76
N ALA A 51 1.77 -7.56 3.51
CA ALA A 51 2.64 -6.47 3.10
C ALA A 51 2.22 -5.20 3.83
N TYR A 52 3.21 -4.40 4.18
CA TYR A 52 2.96 -3.14 4.87
C TYR A 52 3.93 -2.05 4.41
N ILE A 53 3.43 -0.82 4.42
CA ILE A 53 4.24 0.31 4.01
C ILE A 53 5.39 0.50 5.01
N ALA A 54 6.59 0.19 4.56
CA ALA A 54 7.77 0.33 5.39
C ALA A 54 8.16 1.80 5.49
N LYS A 55 8.36 2.40 4.32
CA LYS A 55 8.73 3.81 4.26
C LYS A 55 7.93 4.49 3.15
N ILE A 56 7.64 5.77 3.37
CA ILE A 56 6.89 6.55 2.40
C ILE A 56 7.77 7.67 1.86
N LEU A 57 8.21 7.50 0.61
CA LEU A 57 9.06 8.49 -0.02
C LEU A 57 8.56 9.89 0.34
N PRO A 58 9.54 10.82 0.50
CA PRO A 58 9.23 12.20 0.85
C PRO A 58 8.64 12.95 -0.36
N GLY A 59 7.73 13.87 -0.05
CA GLY A 59 7.10 14.66 -1.10
C GLY A 59 6.83 13.81 -2.34
N GLY A 60 6.57 12.54 -2.10
CA GLY A 60 6.29 11.61 -3.18
C GLY A 60 4.80 11.63 -3.54
N SER A 61 4.42 10.69 -4.40
CA SER A 61 3.04 10.59 -4.83
C SER A 61 2.20 9.92 -3.75
N ALA A 62 2.77 8.88 -3.16
CA ALA A 62 2.08 8.15 -2.10
C ALA A 62 1.93 9.04 -0.88
N GLU A 63 2.96 9.83 -0.63
CA GLU A 63 2.94 10.74 0.51
C GLU A 63 2.02 11.92 0.23
N GLN A 64 1.90 12.25 -1.04
CA GLN A 64 1.06 13.36 -1.46
C GLN A 64 -0.37 13.14 -0.97
N THR A 65 -0.90 11.97 -1.29
CA THR A 65 -2.25 11.64 -0.88
C THR A 65 -2.54 12.13 0.54
N GLY A 66 -1.66 11.74 1.45
CA GLY A 66 -1.80 12.15 2.84
C GLY A 66 -2.48 11.05 3.66
N LYS A 67 -3.44 10.39 3.03
CA LYS A 67 -4.17 9.33 3.68
C LYS A 67 -3.24 8.14 3.92
N LEU A 68 -2.21 8.06 3.09
CA LEU A 68 -1.24 6.99 3.20
C LEU A 68 -0.21 7.34 4.27
N MET A 69 0.17 6.33 5.05
CA MET A 69 1.14 6.53 6.11
C MET A 69 1.85 5.22 6.45
N GLU A 70 3.03 5.35 7.04
CA GLU A 70 3.82 4.19 7.41
C GLU A 70 3.09 3.38 8.48
N GLY A 71 3.27 2.06 8.41
CA GLY A 71 2.64 1.16 9.36
C GLY A 71 1.27 0.71 8.85
N MET A 72 0.98 1.10 7.61
CA MET A 72 -0.29 0.73 7.00
C MET A 72 -0.19 -0.62 6.30
N GLN A 73 -1.07 -1.53 6.69
CA GLN A 73 -1.08 -2.86 6.11
C GLN A 73 -1.66 -2.81 4.69
N VAL A 74 -0.81 -3.14 3.73
CA VAL A 74 -1.23 -3.14 2.33
C VAL A 74 -2.13 -4.34 2.07
N LEU A 75 -3.41 -4.05 1.86
CA LEU A 75 -4.38 -5.09 1.59
C LEU A 75 -4.24 -5.56 0.15
N GLU A 76 -4.40 -4.61 -0.77
CA GLU A 76 -4.29 -4.91 -2.19
C GLU A 76 -3.54 -3.80 -2.91
N TRP A 77 -2.89 -4.19 -4.00
CA TRP A 77 -2.13 -3.23 -4.80
C TRP A 77 -2.52 -3.41 -6.26
N ASN A 78 -3.10 -2.36 -6.82
CA ASN A 78 -3.53 -2.39 -8.21
C ASN A 78 -4.38 -3.64 -8.46
N GLY A 79 -5.15 -3.99 -7.44
CA GLY A 79 -6.01 -5.16 -7.52
C GLY A 79 -5.31 -6.40 -6.96
N ILE A 80 -4.05 -6.57 -7.35
CA ILE A 80 -3.27 -7.70 -6.89
C ILE A 80 -3.07 -7.60 -5.38
N PRO A 81 -3.58 -8.63 -4.66
CA PRO A 81 -3.46 -8.67 -3.21
C PRO A 81 -2.04 -9.02 -2.78
N LEU A 82 -1.70 -8.61 -1.57
CA LEU A 82 -0.37 -8.87 -1.03
C LEU A 82 -0.50 -9.68 0.26
N THR A 83 -1.44 -10.62 0.24
CA THR A 83 -1.68 -11.46 1.40
C THR A 83 -1.11 -12.87 1.17
N SER A 84 -0.31 -13.32 2.12
CA SER A 84 0.30 -14.63 2.03
C SER A 84 1.30 -14.66 0.88
N LYS A 85 2.15 -13.64 0.84
CA LYS A 85 3.16 -13.54 -0.20
C LYS A 85 4.53 -13.31 0.44
N THR A 86 5.54 -13.24 -0.41
CA THR A 86 6.90 -13.02 0.06
C THR A 86 7.41 -11.65 -0.38
N TYR A 87 8.32 -11.11 0.40
CA TYR A 87 8.90 -9.80 0.11
C TYR A 87 9.10 -9.62 -1.39
N GLU A 88 9.86 -10.55 -1.97
CA GLU A 88 10.14 -10.50 -3.39
C GLU A 88 8.84 -10.42 -4.18
N GLU A 89 8.06 -11.48 -4.11
CA GLU A 89 6.79 -11.54 -4.81
C GLU A 89 6.08 -10.19 -4.76
N VAL A 90 5.69 -9.81 -3.54
CA VAL A 90 5.00 -8.55 -3.33
C VAL A 90 5.71 -7.45 -4.14
N GLN A 91 6.99 -7.28 -3.83
CA GLN A 91 7.79 -6.28 -4.51
C GLN A 91 7.55 -6.34 -6.03
N SER A 92 7.46 -7.57 -6.53
CA SER A 92 7.23 -7.78 -7.95
C SER A 92 5.86 -7.25 -8.34
N ILE A 93 4.92 -7.40 -7.43
CA ILE A 93 3.56 -6.94 -7.67
C ILE A 93 3.55 -5.41 -7.73
N ILE A 94 4.40 -4.81 -6.91
CA ILE A 94 4.50 -3.36 -6.86
C ILE A 94 5.45 -2.88 -7.96
N SER A 95 6.69 -3.32 -7.86
CA SER A 95 7.70 -2.94 -8.84
C SER A 95 7.09 -2.92 -10.24
N GLN A 96 7.46 -1.90 -10.99
CA GLN A 96 6.95 -1.75 -12.35
C GLN A 96 5.49 -1.29 -12.32
N GLN A 97 5.31 0.01 -12.41
CA GLN A 97 3.97 0.59 -12.40
C GLN A 97 3.85 1.66 -13.49
N SER A 98 2.61 1.85 -13.94
CA SER A 98 2.35 2.83 -14.98
C SER A 98 1.30 3.83 -14.50
N GLY A 99 1.58 5.11 -14.74
CA GLY A 99 0.67 6.15 -14.33
C GLY A 99 0.19 5.95 -12.89
N GLU A 100 -1.07 6.27 -12.66
CA GLU A 100 -1.66 6.13 -11.34
C GLU A 100 -1.76 4.65 -10.97
N ALA A 101 -2.27 4.41 -9.77
CA ALA A 101 -2.42 3.05 -9.28
C ALA A 101 -3.42 3.04 -8.12
N GLU A 102 -3.92 1.85 -7.83
CA GLU A 102 -4.88 1.70 -6.75
C GLU A 102 -4.24 0.94 -5.58
N ILE A 103 -4.53 1.43 -4.38
CA ILE A 103 -3.99 0.81 -3.18
C ILE A 103 -5.10 0.70 -2.13
N CYS A 104 -4.94 -0.28 -1.24
CA CYS A 104 -5.92 -0.50 -0.19
C CYS A 104 -5.16 -0.85 1.09
N VAL A 105 -5.31 0.02 2.09
CA VAL A 105 -4.65 -0.18 3.36
C VAL A 105 -5.71 -0.35 4.46
N ARG A 106 -5.23 -0.63 5.66
CA ARG A 106 -6.12 -0.81 6.80
C ARG A 106 -5.85 0.24 7.86
N LEU A 107 -6.84 1.09 8.08
CA LEU A 107 -6.73 2.15 9.08
C LEU A 107 -6.35 1.53 10.42
N ASP A 108 -7.29 0.80 10.99
CA ASP A 108 -7.07 0.16 12.27
C ASP A 108 -5.65 -0.42 12.31
N LEU A 109 -5.47 -1.50 11.56
CA LEU A 109 -4.18 -2.16 11.50
C LEU A 109 -3.07 -1.09 11.42
N ASN A 110 -2.07 -1.26 12.27
CA ASN A 110 -0.95 -0.33 12.31
C ASN A 110 0.33 -1.09 12.62
N MET A 111 1.10 -1.34 11.58
CA MET A 111 2.36 -2.06 11.73
C MET A 111 3.52 -1.09 11.98
N SER A 112 3.56 -0.57 13.19
CA SER A 112 4.60 0.36 13.58
C SER A 112 5.69 -0.36 14.38
N GLY A 113 6.53 -1.09 13.66
CA GLY A 113 7.61 -1.84 14.30
C GLY A 113 8.36 -0.95 15.29
N PRO A 114 9.08 -1.64 16.23
CA PRO A 114 9.84 -0.93 17.25
C PRO A 114 11.13 -0.35 16.65
N SER A 115 11.99 0.13 17.54
CA SER A 115 13.24 0.72 17.12
C SER A 115 14.34 0.41 18.14
N SER A 116 15.10 -0.64 17.86
CA SER A 116 16.17 -1.04 18.75
C SER A 116 15.60 -1.45 20.10
N GLY A 117 16.02 -2.63 20.56
CA GLY A 117 15.56 -3.14 21.84
C GLY A 117 15.47 -4.67 21.81
N GLY A 1 -31.02 -3.69 0.64
CA GLY A 1 -29.86 -4.24 1.32
C GLY A 1 -28.57 -3.60 0.79
N SER A 2 -27.54 -4.44 0.69
CA SER A 2 -26.25 -3.98 0.20
C SER A 2 -25.34 -5.17 -0.06
N SER A 3 -25.46 -5.72 -1.27
CA SER A 3 -24.65 -6.86 -1.66
C SER A 3 -24.76 -7.08 -3.17
N GLY A 4 -23.61 -6.96 -3.82
CA GLY A 4 -23.56 -7.14 -5.27
C GLY A 4 -22.11 -7.17 -5.76
N SER A 5 -21.55 -5.99 -5.95
CA SER A 5 -20.18 -5.87 -6.42
C SER A 5 -19.35 -5.08 -5.41
N SER A 6 -18.15 -5.60 -5.15
CA SER A 6 -17.25 -4.96 -4.21
C SER A 6 -17.91 -4.87 -2.83
N GLY A 7 -17.40 -5.68 -1.91
CA GLY A 7 -17.93 -5.70 -0.56
C GLY A 7 -17.02 -4.94 0.41
N HIS A 8 -17.55 -4.66 1.58
CA HIS A 8 -16.79 -3.93 2.60
C HIS A 8 -16.46 -4.88 3.75
N TYR A 9 -15.18 -4.90 4.11
CA TYR A 9 -14.72 -5.75 5.19
C TYR A 9 -15.40 -5.38 6.50
N ILE A 10 -15.11 -6.17 7.53
CA ILE A 10 -15.69 -5.94 8.85
C ILE A 10 -14.99 -4.74 9.50
N PHE A 11 -13.75 -4.52 9.08
CA PHE A 11 -12.97 -3.42 9.61
C PHE A 11 -12.97 -2.23 8.65
N PRO A 12 -12.62 -1.04 9.21
CA PRO A 12 -12.57 0.17 8.40
C PRO A 12 -11.33 0.19 7.51
N HIS A 13 -11.59 0.42 6.23
CA HIS A 13 -10.50 0.46 5.25
C HIS A 13 -10.83 1.50 4.17
N ALA A 14 -9.85 1.74 3.32
CA ALA A 14 -10.01 2.70 2.23
C ALA A 14 -9.08 2.33 1.08
N ARG A 15 -9.50 2.71 -0.12
CA ARG A 15 -8.70 2.43 -1.31
C ARG A 15 -8.27 3.74 -1.98
N ILE A 16 -7.18 4.28 -1.48
CA ILE A 16 -6.65 5.53 -2.02
C ILE A 16 -5.90 5.24 -3.32
N LYS A 17 -5.75 6.28 -4.12
CA LYS A 17 -5.07 6.16 -5.40
C LYS A 17 -3.72 6.88 -5.32
N ILE A 18 -2.76 6.34 -6.06
CA ILE A 18 -1.43 6.93 -6.07
C ILE A 18 -1.23 7.66 -7.41
N THR A 19 -1.03 8.98 -7.30
CA THR A 19 -0.83 9.79 -8.47
C THR A 19 0.64 10.22 -8.58
N ARG A 20 1.20 10.01 -9.76
CA ARG A 20 2.59 10.36 -10.01
C ARG A 20 2.69 11.81 -10.47
N ASP A 21 3.66 12.50 -9.89
CA ASP A 21 3.89 13.90 -10.24
C ASP A 21 5.31 14.30 -9.86
N SER A 22 6.17 14.35 -10.86
CA SER A 22 7.56 14.72 -10.64
C SER A 22 8.32 14.68 -11.96
N LYS A 23 8.25 15.79 -12.69
CA LYS A 23 8.93 15.90 -13.97
C LYS A 23 8.39 14.83 -14.92
N ASP A 24 7.54 15.28 -15.83
CA ASP A 24 6.94 14.37 -16.81
C ASP A 24 6.12 13.32 -16.07
N HIS A 25 5.21 12.70 -16.82
CA HIS A 25 4.36 11.67 -16.26
C HIS A 25 5.08 10.33 -16.29
N THR A 26 5.38 9.89 -17.50
CA THR A 26 6.07 8.62 -17.69
C THR A 26 7.53 8.75 -17.26
N VAL A 27 7.76 8.55 -15.97
CA VAL A 27 9.10 8.64 -15.42
C VAL A 27 9.61 7.23 -15.12
N SER A 28 10.86 6.99 -15.49
CA SER A 28 11.49 5.69 -15.27
C SER A 28 12.09 5.64 -13.87
N GLY A 29 11.80 4.55 -13.18
CA GLY A 29 12.31 4.36 -11.83
C GLY A 29 11.87 3.01 -11.25
N ASN A 30 11.48 3.04 -9.99
CA ASN A 30 11.04 1.83 -9.32
C ASN A 30 9.87 2.17 -8.38
N GLY A 31 8.80 1.42 -8.54
CA GLY A 31 7.61 1.62 -7.72
C GLY A 31 7.17 3.09 -7.76
N LEU A 32 6.03 3.34 -7.14
CA LEU A 32 5.49 4.70 -7.11
C LEU A 32 6.00 5.41 -5.85
N GLY A 33 7.31 5.60 -5.81
CA GLY A 33 7.94 6.26 -4.69
C GLY A 33 7.34 5.80 -3.37
N ILE A 34 7.06 4.51 -3.30
CA ILE A 34 6.48 3.92 -2.10
C ILE A 34 7.26 2.68 -1.71
N ARG A 35 7.53 2.56 -0.42
CA ARG A 35 8.27 1.42 0.09
C ARG A 35 7.34 0.50 0.90
N ILE A 36 7.04 -0.64 0.31
CA ILE A 36 6.18 -1.61 0.95
C ILE A 36 6.91 -2.94 1.11
N VAL A 37 7.02 -3.39 2.34
CA VAL A 37 7.71 -4.63 2.64
C VAL A 37 6.67 -5.75 2.82
N GLY A 38 6.87 -6.83 2.09
CA GLY A 38 5.97 -7.97 2.17
C GLY A 38 6.50 -9.03 3.12
N GLY A 39 5.88 -10.20 3.08
CA GLY A 39 6.28 -11.30 3.92
C GLY A 39 6.42 -10.85 5.38
N LYS A 40 5.50 -9.99 5.79
CA LYS A 40 5.51 -9.48 7.15
C LYS A 40 4.31 -10.03 7.91
N GLU A 41 4.54 -10.36 9.17
CA GLU A 41 3.49 -10.90 10.01
C GLU A 41 2.54 -9.80 10.45
N ILE A 42 1.24 -10.07 10.30
CA ILE A 42 0.23 -9.10 10.67
C ILE A 42 -0.22 -9.38 12.11
N PRO A 43 -0.43 -8.27 12.87
CA PRO A 43 -0.87 -8.38 14.25
C PRO A 43 -2.35 -8.76 14.33
N GLY A 44 -2.61 -9.81 15.11
CA GLY A 44 -3.97 -10.29 15.28
C GLY A 44 -4.24 -11.51 14.39
N HIS A 45 -3.74 -11.43 13.17
CA HIS A 45 -3.92 -12.51 12.21
C HIS A 45 -3.32 -13.79 12.78
N SER A 46 -3.99 -14.90 12.49
CA SER A 46 -3.53 -16.20 12.96
C SER A 46 -2.40 -16.72 12.08
N GLY A 47 -1.17 -16.42 12.51
CA GLY A 47 0.00 -16.85 11.77
C GLY A 47 -0.18 -16.60 10.27
N GLU A 48 -0.19 -15.32 9.92
CA GLU A 48 -0.35 -14.94 8.52
C GLU A 48 0.57 -13.76 8.19
N ILE A 49 1.06 -13.77 6.95
CA ILE A 49 1.94 -12.72 6.50
C ILE A 49 1.19 -11.82 5.51
N GLY A 50 1.80 -10.67 5.21
CA GLY A 50 1.21 -9.72 4.29
C GLY A 50 2.23 -8.66 3.86
N ALA A 51 1.71 -7.49 3.57
CA ALA A 51 2.56 -6.38 3.15
C ALA A 51 2.09 -5.10 3.84
N TYR A 52 3.05 -4.23 4.13
CA TYR A 52 2.75 -2.97 4.78
C TYR A 52 3.78 -1.90 4.40
N ILE A 53 3.32 -0.66 4.42
CA ILE A 53 4.18 0.47 4.07
C ILE A 53 5.28 0.60 5.12
N ALA A 54 6.51 0.43 4.67
CA ALA A 54 7.66 0.53 5.55
C ALA A 54 7.94 2.01 5.86
N LYS A 55 8.05 2.78 4.79
CA LYS A 55 8.32 4.20 4.93
C LYS A 55 7.87 4.93 3.66
N ILE A 56 7.01 5.92 3.86
CA ILE A 56 6.51 6.70 2.74
C ILE A 56 7.60 7.65 2.23
N LEU A 57 8.27 7.20 1.18
CA LEU A 57 9.34 8.00 0.60
C LEU A 57 8.93 9.47 0.58
N PRO A 58 9.96 10.36 0.63
CA PRO A 58 9.71 11.79 0.62
C PRO A 58 9.32 12.28 -0.78
N GLY A 59 8.52 13.33 -0.80
CA GLY A 59 8.07 13.90 -2.06
C GLY A 59 7.76 12.80 -3.08
N GLY A 60 7.34 11.65 -2.55
CA GLY A 60 7.02 10.51 -3.40
C GLY A 60 5.53 10.55 -3.81
N SER A 61 5.16 9.56 -4.61
CA SER A 61 3.78 9.46 -5.07
C SER A 61 2.86 9.06 -3.92
N ALA A 62 3.44 8.40 -2.93
CA ALA A 62 2.69 7.97 -1.76
C ALA A 62 2.48 9.16 -0.82
N GLU A 63 3.60 9.81 -0.50
CA GLU A 63 3.55 10.96 0.39
C GLU A 63 2.64 12.04 -0.19
N GLN A 64 2.42 11.95 -1.49
CA GLN A 64 1.57 12.92 -2.19
C GLN A 64 0.15 12.87 -1.63
N THR A 65 -0.45 11.68 -1.71
CA THR A 65 -1.80 11.50 -1.22
C THR A 65 -2.00 12.27 0.09
N GLY A 66 -1.09 12.05 1.02
CA GLY A 66 -1.15 12.72 2.31
C GLY A 66 -1.92 11.87 3.32
N LYS A 67 -2.90 11.13 2.80
CA LYS A 67 -3.71 10.28 3.64
C LYS A 67 -2.91 9.05 4.06
N LEU A 68 -2.13 8.54 3.12
CA LEU A 68 -1.32 7.37 3.37
C LEU A 68 -0.45 7.61 4.61
N MET A 69 -0.33 6.57 5.41
CA MET A 69 0.46 6.66 6.63
C MET A 69 1.31 5.41 6.83
N GLU A 70 2.58 5.63 7.14
CA GLU A 70 3.50 4.52 7.36
C GLU A 70 2.93 3.56 8.39
N GLY A 71 3.28 2.29 8.22
CA GLY A 71 2.81 1.25 9.13
C GLY A 71 1.43 0.73 8.71
N MET A 72 0.98 1.21 7.56
CA MET A 72 -0.32 0.81 7.04
C MET A 72 -0.20 -0.50 6.25
N GLN A 73 -0.90 -1.51 6.75
CA GLN A 73 -0.89 -2.82 6.11
C GLN A 73 -1.59 -2.75 4.74
N VAL A 74 -0.86 -3.14 3.72
CA VAL A 74 -1.40 -3.12 2.37
C VAL A 74 -2.12 -4.45 2.10
N LEU A 75 -3.44 -4.36 2.01
CA LEU A 75 -4.25 -5.53 1.77
C LEU A 75 -4.08 -5.97 0.31
N GLU A 76 -4.32 -5.03 -0.59
CA GLU A 76 -4.19 -5.29 -2.01
C GLU A 76 -3.59 -4.09 -2.73
N TRP A 77 -3.05 -4.35 -3.91
CA TRP A 77 -2.43 -3.30 -4.71
C TRP A 77 -2.91 -3.45 -6.15
N ASN A 78 -3.83 -2.58 -6.52
CA ASN A 78 -4.39 -2.61 -7.87
C ASN A 78 -5.19 -3.90 -8.06
N GLY A 79 -5.75 -4.38 -6.96
CA GLY A 79 -6.53 -5.60 -6.99
C GLY A 79 -5.74 -6.78 -6.43
N ILE A 80 -4.57 -7.00 -7.02
CA ILE A 80 -3.71 -8.08 -6.59
C ILE A 80 -3.42 -7.95 -5.10
N PRO A 81 -3.82 -9.00 -4.34
CA PRO A 81 -3.61 -9.00 -2.90
C PRO A 81 -2.15 -9.28 -2.56
N LEU A 82 -1.72 -8.73 -1.44
CA LEU A 82 -0.35 -8.91 -0.99
C LEU A 82 -0.35 -9.72 0.31
N THR A 83 -1.29 -10.64 0.40
CA THR A 83 -1.41 -11.49 1.57
C THR A 83 -0.96 -12.92 1.24
N SER A 84 -0.02 -13.41 2.04
CA SER A 84 0.50 -14.75 1.85
C SER A 84 1.46 -14.77 0.67
N LYS A 85 2.31 -13.75 0.61
CA LYS A 85 3.29 -13.65 -0.46
C LYS A 85 4.68 -13.45 0.14
N THR A 86 5.56 -12.88 -0.66
CA THR A 86 6.93 -12.64 -0.21
C THR A 86 7.36 -11.22 -0.57
N TYR A 87 8.29 -10.70 0.21
CA TYR A 87 8.80 -9.35 -0.02
C TYR A 87 8.99 -9.08 -1.51
N GLU A 88 9.72 -10.00 -2.15
CA GLU A 88 9.99 -9.87 -3.57
C GLU A 88 8.67 -9.85 -4.36
N GLU A 89 7.99 -10.98 -4.32
CA GLU A 89 6.72 -11.11 -5.02
C GLU A 89 5.90 -9.83 -4.88
N VAL A 90 5.59 -9.49 -3.65
CA VAL A 90 4.81 -8.29 -3.37
C VAL A 90 5.33 -7.14 -4.22
N GLN A 91 6.58 -6.77 -3.96
CA GLN A 91 7.21 -5.69 -4.71
C GLN A 91 6.78 -5.73 -6.17
N SER A 92 7.17 -6.81 -6.83
CA SER A 92 6.83 -6.98 -8.24
C SER A 92 5.40 -6.52 -8.50
N ILE A 93 4.48 -7.09 -7.73
CA ILE A 93 3.08 -6.73 -7.86
C ILE A 93 2.93 -5.22 -7.81
N ILE A 94 3.68 -4.60 -6.91
CA ILE A 94 3.64 -3.16 -6.75
C ILE A 94 4.43 -2.50 -7.89
N SER A 95 5.71 -2.80 -7.92
CA SER A 95 6.59 -2.25 -8.94
C SER A 95 6.01 -2.53 -10.33
N GLN A 96 6.50 -1.78 -11.30
CA GLN A 96 6.05 -1.93 -12.67
C GLN A 96 4.62 -1.41 -12.81
N GLN A 97 4.49 -0.09 -12.73
CA GLN A 97 3.19 0.54 -12.86
C GLN A 97 3.34 2.06 -12.89
N SER A 98 3.76 2.56 -14.05
CA SER A 98 3.95 3.98 -14.23
C SER A 98 2.70 4.59 -14.88
N GLY A 99 1.65 4.72 -14.08
CA GLY A 99 0.40 5.28 -14.56
C GLY A 99 -0.68 5.22 -13.48
N GLU A 100 -0.29 5.59 -12.28
CA GLU A 100 -1.21 5.59 -11.16
C GLU A 100 -1.58 4.15 -10.78
N ALA A 101 -1.84 3.95 -9.50
CA ALA A 101 -2.20 2.63 -9.00
C ALA A 101 -3.13 2.78 -7.79
N GLU A 102 -3.81 1.70 -7.47
CA GLU A 102 -4.72 1.69 -6.34
C GLU A 102 -4.12 0.89 -5.18
N ILE A 103 -4.23 1.47 -3.99
CA ILE A 103 -3.71 0.82 -2.80
C ILE A 103 -4.84 0.63 -1.79
N CYS A 104 -4.96 -0.61 -1.32
CA CYS A 104 -5.99 -0.94 -0.35
C CYS A 104 -5.33 -1.16 1.01
N VAL A 105 -5.47 -0.16 1.86
CA VAL A 105 -4.89 -0.22 3.20
C VAL A 105 -6.02 -0.23 4.23
N ARG A 106 -5.66 -0.70 5.43
CA ARG A 106 -6.64 -0.76 6.50
C ARG A 106 -6.52 0.48 7.40
N LEU A 107 -7.68 1.02 7.75
CA LEU A 107 -7.72 2.20 8.59
C LEU A 107 -7.23 1.85 10.00
N ASP A 108 -8.17 1.56 10.87
CA ASP A 108 -7.85 1.20 12.23
C ASP A 108 -6.76 0.14 12.23
N LEU A 109 -6.31 -0.21 13.43
CA LEU A 109 -5.27 -1.22 13.58
C LEU A 109 -4.01 -0.76 12.83
N ASN A 110 -2.89 -1.29 13.26
CA ASN A 110 -1.61 -0.96 12.65
C ASN A 110 -0.62 -2.11 12.86
N MET A 111 0.44 -2.08 12.07
CA MET A 111 1.47 -3.10 12.16
C MET A 111 2.55 -2.71 13.16
N SER A 112 3.06 -3.71 13.86
CA SER A 112 4.10 -3.48 14.85
C SER A 112 4.71 -4.83 15.28
N GLY A 113 3.90 -5.62 15.95
CA GLY A 113 4.34 -6.91 16.43
C GLY A 113 4.29 -6.98 17.96
N PRO A 114 5.28 -7.73 18.53
CA PRO A 114 5.36 -7.89 19.97
C PRO A 114 5.88 -6.61 20.63
N SER A 115 7.05 -6.18 20.18
CA SER A 115 7.67 -4.99 20.72
C SER A 115 6.64 -3.85 20.77
N SER A 116 6.18 -3.58 21.98
CA SER A 116 5.21 -2.52 22.18
C SER A 116 5.63 -1.62 23.34
N GLY A 117 6.38 -0.58 23.00
CA GLY A 117 6.86 0.36 24.00
C GLY A 117 5.91 1.54 24.15
N GLY A 1 -31.02 -5.50 6.69
CA GLY A 1 -31.22 -4.07 6.59
C GLY A 1 -29.91 -3.35 6.28
N SER A 2 -29.65 -3.20 4.99
CA SER A 2 -28.44 -2.53 4.54
C SER A 2 -28.78 -1.40 3.57
N SER A 3 -28.41 -0.20 3.97
CA SER A 3 -28.68 0.97 3.14
C SER A 3 -27.47 1.27 2.26
N GLY A 4 -27.66 1.06 0.97
CA GLY A 4 -26.60 1.31 0.00
C GLY A 4 -25.30 0.65 0.45
N SER A 5 -24.23 0.98 -0.27
CA SER A 5 -22.92 0.44 0.04
C SER A 5 -22.88 -1.05 -0.32
N SER A 6 -22.07 -1.37 -1.32
CA SER A 6 -21.93 -2.74 -1.76
C SER A 6 -20.49 -3.21 -1.57
N GLY A 7 -20.36 -4.36 -0.92
CA GLY A 7 -19.04 -4.92 -0.65
C GLY A 7 -18.21 -3.99 0.23
N HIS A 8 -17.94 -4.47 1.44
CA HIS A 8 -17.15 -3.69 2.39
C HIS A 8 -16.73 -4.59 3.55
N TYR A 9 -15.43 -4.58 3.81
CA TYR A 9 -14.88 -5.39 4.89
C TYR A 9 -15.55 -5.05 6.23
N ILE A 10 -15.15 -5.78 7.25
CA ILE A 10 -15.69 -5.56 8.58
C ILE A 10 -14.90 -4.45 9.28
N PHE A 11 -13.70 -4.22 8.77
CA PHE A 11 -12.84 -3.19 9.33
C PHE A 11 -12.83 -1.94 8.46
N PRO A 12 -12.39 -0.81 9.07
CA PRO A 12 -12.33 0.46 8.35
C PRO A 12 -11.15 0.48 7.39
N HIS A 13 -11.48 0.66 6.11
CA HIS A 13 -10.45 0.70 5.08
C HIS A 13 -10.76 1.84 4.10
N ALA A 14 -9.97 1.89 3.04
CA ALA A 14 -10.14 2.93 2.03
C ALA A 14 -9.20 2.65 0.86
N ARG A 15 -9.78 2.59 -0.33
CA ARG A 15 -9.02 2.33 -1.53
C ARG A 15 -8.57 3.65 -2.17
N ILE A 16 -7.44 4.16 -1.71
CA ILE A 16 -6.91 5.40 -2.23
C ILE A 16 -6.08 5.12 -3.47
N LYS A 17 -6.10 6.07 -4.39
CA LYS A 17 -5.34 5.93 -5.63
C LYS A 17 -3.99 6.63 -5.48
N ILE A 18 -3.07 6.26 -6.35
CA ILE A 18 -1.74 6.84 -6.34
C ILE A 18 -1.46 7.55 -7.66
N THR A 19 -1.30 8.86 -7.58
CA THR A 19 -1.04 9.66 -8.76
C THR A 19 0.37 10.26 -8.70
N ARG A 20 1.12 10.02 -9.77
CA ARG A 20 2.48 10.52 -9.84
C ARG A 20 2.50 12.04 -9.68
N ASP A 21 3.12 12.48 -8.59
CA ASP A 21 3.22 13.90 -8.30
C ASP A 21 3.78 14.63 -9.52
N SER A 22 4.88 14.09 -10.03
CA SER A 22 5.53 14.69 -11.19
C SER A 22 6.96 14.16 -11.32
N LYS A 23 7.86 14.81 -10.60
CA LYS A 23 9.26 14.41 -10.63
C LYS A 23 9.68 13.96 -9.22
N ASP A 24 9.74 14.93 -8.32
CA ASP A 24 10.12 14.65 -6.95
C ASP A 24 11.41 13.84 -6.94
N HIS A 25 12.53 14.55 -6.99
CA HIS A 25 13.83 13.91 -7.00
C HIS A 25 14.07 13.24 -8.36
N THR A 26 13.62 12.01 -8.46
CA THR A 26 13.77 11.25 -9.69
C THR A 26 13.35 12.09 -10.90
N VAL A 27 14.30 12.30 -11.79
CA VAL A 27 14.03 13.09 -12.99
C VAL A 27 13.37 12.20 -14.04
N SER A 28 13.93 11.01 -14.22
CA SER A 28 13.41 10.07 -15.18
C SER A 28 13.54 8.65 -14.64
N GLY A 29 12.40 7.96 -14.55
CA GLY A 29 12.37 6.61 -14.06
C GLY A 29 12.09 6.57 -12.55
N ASN A 30 11.30 5.57 -12.17
CA ASN A 30 10.94 5.42 -10.77
C ASN A 30 10.26 6.70 -10.27
N GLY A 31 8.94 6.72 -10.39
CA GLY A 31 8.16 7.87 -9.96
C GLY A 31 7.43 7.58 -8.65
N LEU A 32 6.75 6.44 -8.62
CA LEU A 32 6.00 6.04 -7.44
C LEU A 32 6.98 5.84 -6.28
N GLY A 33 6.89 6.73 -5.31
CA GLY A 33 7.76 6.66 -4.14
C GLY A 33 7.04 5.98 -2.97
N ILE A 34 7.07 4.66 -2.98
CA ILE A 34 6.44 3.88 -1.93
C ILE A 34 7.27 2.63 -1.66
N ARG A 35 7.51 2.38 -0.38
CA ARG A 35 8.28 1.22 0.03
C ARG A 35 7.42 0.28 0.87
N ILE A 36 7.01 -0.82 0.25
CA ILE A 36 6.20 -1.80 0.94
C ILE A 36 6.99 -3.10 1.11
N VAL A 37 6.95 -3.61 2.33
CA VAL A 37 7.67 -4.84 2.65
C VAL A 37 6.66 -5.98 2.81
N GLY A 38 6.88 -7.03 2.04
CA GLY A 38 6.00 -8.20 2.09
C GLY A 38 6.63 -9.32 2.90
N GLY A 39 5.78 -10.14 3.50
CA GLY A 39 6.24 -11.26 4.30
C GLY A 39 6.24 -10.91 5.79
N LYS A 40 5.66 -9.76 6.10
CA LYS A 40 5.58 -9.30 7.47
C LYS A 40 4.31 -9.85 8.12
N GLU A 41 4.47 -10.32 9.35
CA GLU A 41 3.36 -10.88 10.08
C GLU A 41 2.42 -9.77 10.55
N ILE A 42 1.15 -9.92 10.18
CA ILE A 42 0.15 -8.93 10.55
C ILE A 42 -0.25 -9.14 12.02
N PRO A 43 -0.34 -8.00 12.75
CA PRO A 43 -0.70 -8.05 14.16
C PRO A 43 -2.20 -8.31 14.33
N GLY A 44 -2.60 -9.51 13.94
CA GLY A 44 -4.00 -9.90 14.04
C GLY A 44 -4.53 -10.41 12.70
N HIS A 45 -4.19 -11.66 12.40
CA HIS A 45 -4.63 -12.27 11.16
C HIS A 45 -4.32 -13.77 11.18
N SER A 46 -4.60 -14.37 12.32
CA SER A 46 -4.35 -15.79 12.49
C SER A 46 -2.98 -16.16 11.95
N GLY A 47 -1.96 -15.52 12.52
CA GLY A 47 -0.58 -15.76 12.09
C GLY A 47 -0.48 -15.82 10.57
N GLU A 48 -0.70 -14.66 9.96
CA GLU A 48 -0.64 -14.56 8.51
C GLU A 48 0.28 -13.40 8.10
N ILE A 49 1.04 -13.63 7.04
CA ILE A 49 1.95 -12.63 6.53
C ILE A 49 1.22 -11.71 5.56
N GLY A 50 1.93 -10.69 5.11
CA GLY A 50 1.35 -9.73 4.18
C GLY A 50 2.35 -8.61 3.84
N ALA A 51 1.80 -7.50 3.37
CA ALA A 51 2.63 -6.37 3.01
C ALA A 51 2.13 -5.12 3.75
N TYR A 52 3.08 -4.25 4.07
CA TYR A 52 2.75 -3.01 4.78
C TYR A 52 3.74 -1.90 4.43
N ILE A 53 3.24 -0.68 4.46
CA ILE A 53 4.06 0.48 4.15
C ILE A 53 5.26 0.51 5.11
N ALA A 54 6.45 0.32 4.54
CA ALA A 54 7.66 0.32 5.32
C ALA A 54 8.22 1.74 5.39
N LYS A 55 8.41 2.33 4.21
CA LYS A 55 8.93 3.68 4.11
C LYS A 55 8.10 4.48 3.11
N ILE A 56 7.92 5.76 3.40
CA ILE A 56 7.16 6.63 2.54
C ILE A 56 8.05 7.78 2.06
N LEU A 57 8.43 7.70 0.78
CA LEU A 57 9.27 8.72 0.19
C LEU A 57 8.84 10.10 0.68
N PRO A 58 9.82 11.03 0.74
CA PRO A 58 9.55 12.38 1.20
C PRO A 58 8.81 13.18 0.12
N GLY A 59 7.50 13.28 0.29
CA GLY A 59 6.67 14.01 -0.65
C GLY A 59 6.67 13.32 -2.03
N GLY A 60 6.51 12.00 -1.99
CA GLY A 60 6.49 11.23 -3.22
C GLY A 60 5.06 11.09 -3.76
N SER A 61 4.81 9.96 -4.39
CA SER A 61 3.50 9.69 -4.95
C SER A 61 2.54 9.22 -3.86
N ALA A 62 3.08 8.46 -2.92
CA ALA A 62 2.30 7.94 -1.82
C ALA A 62 2.06 9.05 -0.80
N GLU A 63 3.15 9.61 -0.31
CA GLU A 63 3.09 10.68 0.66
C GLU A 63 2.15 11.79 0.16
N GLN A 64 2.02 11.86 -1.15
CA GLN A 64 1.17 12.87 -1.76
C GLN A 64 -0.25 12.74 -1.23
N THR A 65 -0.83 11.57 -1.45
CA THR A 65 -2.19 11.31 -1.00
C THR A 65 -2.41 11.90 0.40
N GLY A 66 -1.61 11.42 1.34
CA GLY A 66 -1.70 11.89 2.71
C GLY A 66 -2.22 10.79 3.64
N LYS A 67 -3.34 10.21 3.23
CA LYS A 67 -3.94 9.14 4.02
C LYS A 67 -2.92 8.00 4.19
N LEU A 68 -2.05 7.88 3.19
CA LEU A 68 -1.04 6.84 3.22
C LEU A 68 0.04 7.22 4.24
N MET A 69 0.31 6.31 5.15
CA MET A 69 1.32 6.53 6.17
C MET A 69 1.94 5.20 6.63
N GLU A 70 3.17 5.29 7.08
CA GLU A 70 3.89 4.12 7.56
C GLU A 70 3.09 3.41 8.65
N GLY A 71 3.28 2.11 8.73
CA GLY A 71 2.59 1.31 9.72
C GLY A 71 1.22 0.86 9.20
N MET A 72 0.87 1.36 8.03
CA MET A 72 -0.40 1.02 7.40
C MET A 72 -0.31 -0.31 6.66
N GLN A 73 -1.21 -1.22 7.02
CA GLN A 73 -1.25 -2.53 6.40
C GLN A 73 -1.71 -2.42 4.95
N VAL A 74 -1.16 -3.29 4.12
CA VAL A 74 -1.51 -3.31 2.71
C VAL A 74 -2.22 -4.62 2.37
N LEU A 75 -3.51 -4.51 2.10
CA LEU A 75 -4.31 -5.68 1.77
C LEU A 75 -4.11 -6.02 0.29
N GLU A 76 -4.40 -5.04 -0.55
CA GLU A 76 -4.26 -5.22 -1.99
C GLU A 76 -3.64 -3.97 -2.63
N TRP A 77 -2.93 -4.19 -3.72
CA TRP A 77 -2.28 -3.10 -4.42
C TRP A 77 -2.66 -3.20 -5.90
N ASN A 78 -3.52 -2.29 -6.33
CA ASN A 78 -3.97 -2.26 -7.71
C ASN A 78 -4.87 -3.47 -7.97
N GLY A 79 -5.55 -3.91 -6.91
CA GLY A 79 -6.45 -5.04 -7.01
C GLY A 79 -5.76 -6.32 -6.53
N ILE A 80 -4.55 -6.52 -7.01
CA ILE A 80 -3.77 -7.70 -6.63
C ILE A 80 -3.47 -7.64 -5.14
N PRO A 81 -3.81 -8.77 -4.45
CA PRO A 81 -3.59 -8.86 -3.01
C PRO A 81 -2.11 -9.09 -2.70
N LEU A 82 -1.71 -8.67 -1.50
CA LEU A 82 -0.34 -8.82 -1.08
C LEU A 82 -0.28 -9.67 0.18
N THR A 83 -1.21 -10.61 0.27
CA THR A 83 -1.29 -11.50 1.41
C THR A 83 -0.85 -12.92 1.02
N SER A 84 -0.11 -13.54 1.92
CA SER A 84 0.36 -14.90 1.69
C SER A 84 1.40 -14.89 0.56
N LYS A 85 2.14 -13.80 0.49
CA LYS A 85 3.16 -13.65 -0.54
C LYS A 85 4.52 -13.42 0.13
N THR A 86 5.47 -12.96 -0.67
CA THR A 86 6.81 -12.71 -0.16
C THR A 86 7.29 -11.33 -0.61
N TYR A 87 8.24 -10.79 0.15
CA TYR A 87 8.79 -9.48 -0.16
C TYR A 87 8.94 -9.29 -1.66
N GLU A 88 9.78 -10.13 -2.26
CA GLU A 88 10.03 -10.06 -3.69
C GLU A 88 8.71 -10.00 -4.45
N GLU A 89 7.99 -11.11 -4.42
CA GLU A 89 6.71 -11.19 -5.10
C GLU A 89 5.94 -9.89 -4.96
N VAL A 90 5.54 -9.61 -3.72
CA VAL A 90 4.80 -8.40 -3.42
C VAL A 90 5.39 -7.23 -4.22
N GLN A 91 6.64 -6.94 -3.93
CA GLN A 91 7.33 -5.85 -4.61
C GLN A 91 6.97 -5.84 -6.09
N SER A 92 7.31 -6.93 -6.77
CA SER A 92 7.03 -7.06 -8.18
C SER A 92 5.63 -6.53 -8.48
N ILE A 93 4.66 -7.06 -7.77
CA ILE A 93 3.27 -6.66 -7.94
C ILE A 93 3.18 -5.13 -7.88
N ILE A 94 3.97 -4.56 -6.99
CA ILE A 94 4.00 -3.12 -6.82
C ILE A 94 4.87 -2.49 -7.91
N SER A 95 6.15 -2.87 -7.88
CA SER A 95 7.10 -2.36 -8.85
C SER A 95 6.43 -2.21 -10.21
N GLN A 96 5.72 -3.26 -10.60
CA GLN A 96 5.02 -3.27 -11.88
C GLN A 96 3.87 -2.27 -11.87
N GLN A 97 4.03 -1.22 -12.67
CA GLN A 97 3.01 -0.19 -12.76
C GLN A 97 3.43 0.88 -13.77
N SER A 98 2.43 1.47 -14.41
CA SER A 98 2.67 2.50 -15.40
C SER A 98 1.38 3.23 -15.74
N GLY A 99 1.01 4.15 -14.87
CA GLY A 99 -0.21 4.92 -15.06
C GLY A 99 -1.03 4.97 -13.77
N GLU A 100 -0.37 5.36 -12.70
CA GLU A 100 -1.02 5.47 -11.41
C GLU A 100 -1.58 4.10 -10.99
N ALA A 101 -1.53 3.85 -9.69
CA ALA A 101 -2.02 2.59 -9.14
C ALA A 101 -2.87 2.87 -7.91
N GLU A 102 -3.60 1.85 -7.48
CA GLU A 102 -4.46 1.97 -6.32
C GLU A 102 -3.89 1.16 -5.15
N ILE A 103 -3.90 1.77 -3.98
CA ILE A 103 -3.39 1.11 -2.78
C ILE A 103 -4.52 0.97 -1.76
N CYS A 104 -4.66 -0.23 -1.23
CA CYS A 104 -5.69 -0.50 -0.25
C CYS A 104 -5.02 -0.66 1.12
N VAL A 105 -5.35 0.27 2.01
CA VAL A 105 -4.79 0.26 3.34
C VAL A 105 -5.89 -0.03 4.36
N ARG A 106 -5.48 -0.48 5.53
CA ARG A 106 -6.42 -0.80 6.59
C ARG A 106 -6.31 0.22 7.73
N LEU A 107 -7.28 1.12 7.77
CA LEU A 107 -7.31 2.14 8.80
C LEU A 107 -6.87 1.54 10.14
N ASP A 108 -7.75 0.72 10.69
CA ASP A 108 -7.47 0.07 11.97
C ASP A 108 -6.40 -1.01 11.76
N LEU A 109 -6.22 -1.82 12.79
CA LEU A 109 -5.23 -2.89 12.73
C LEU A 109 -3.83 -2.28 12.61
N ASN A 110 -3.46 -1.96 11.39
CA ASN A 110 -2.16 -1.38 11.13
C ASN A 110 -1.07 -2.36 11.55
N MET A 111 0.00 -2.38 10.78
CA MET A 111 1.12 -3.27 11.05
C MET A 111 2.23 -2.54 11.80
N SER A 112 2.14 -2.55 13.11
CA SER A 112 3.12 -1.89 13.94
C SER A 112 3.11 -0.38 13.68
N GLY A 113 2.61 0.35 14.65
CA GLY A 113 2.54 1.80 14.54
C GLY A 113 3.84 2.46 15.01
N PRO A 114 3.68 3.65 15.64
CA PRO A 114 4.83 4.39 16.15
C PRO A 114 5.38 3.75 17.42
N SER A 115 6.41 2.92 17.23
CA SER A 115 7.02 2.24 18.35
C SER A 115 8.31 2.97 18.76
N SER A 116 8.67 2.82 20.03
CA SER A 116 9.87 3.44 20.54
C SER A 116 11.12 2.68 20.07
N GLY A 117 12.22 3.42 19.97
CA GLY A 117 13.46 2.82 19.53
C GLY A 117 13.27 2.00 18.26
N GLY A 1 -33.84 -5.74 -1.58
CA GLY A 1 -32.70 -4.97 -1.15
C GLY A 1 -32.93 -3.47 -1.36
N SER A 2 -32.65 -2.70 -0.31
CA SER A 2 -32.83 -1.26 -0.36
C SER A 2 -31.51 -0.56 -0.07
N SER A 3 -31.03 0.17 -1.06
CA SER A 3 -29.77 0.90 -0.93
C SER A 3 -28.61 -0.09 -0.79
N GLY A 4 -28.43 -0.57 0.43
CA GLY A 4 -27.36 -1.51 0.72
C GLY A 4 -25.99 -0.89 0.45
N SER A 5 -25.50 -0.16 1.45
CA SER A 5 -24.21 0.50 1.33
C SER A 5 -23.20 -0.43 0.64
N SER A 6 -22.49 0.12 -0.32
CA SER A 6 -21.51 -0.64 -1.07
C SER A 6 -20.10 -0.31 -0.55
N GLY A 7 -19.67 -1.08 0.44
CA GLY A 7 -18.35 -0.89 1.02
C GLY A 7 -17.34 -1.86 0.43
N HIS A 8 -16.23 -2.03 1.14
CA HIS A 8 -15.18 -2.92 0.69
C HIS A 8 -15.20 -4.20 1.54
N TYR A 9 -14.64 -4.08 2.73
CA TYR A 9 -14.58 -5.21 3.65
C TYR A 9 -15.32 -4.91 4.95
N ILE A 10 -15.44 -5.92 5.78
CA ILE A 10 -16.13 -5.77 7.06
C ILE A 10 -15.42 -4.69 7.89
N PHE A 11 -14.11 -4.65 7.75
CA PHE A 11 -13.31 -3.68 8.48
C PHE A 11 -13.09 -2.42 7.65
N PRO A 12 -12.71 -1.32 8.35
CA PRO A 12 -12.46 -0.05 7.69
C PRO A 12 -11.14 -0.07 6.93
N HIS A 13 -11.16 0.50 5.73
CA HIS A 13 -9.98 0.56 4.90
C HIS A 13 -9.92 1.90 4.17
N ALA A 14 -8.78 2.16 3.56
CA ALA A 14 -8.59 3.40 2.83
C ALA A 14 -8.23 3.07 1.38
N ARG A 15 -9.17 3.33 0.50
CA ARG A 15 -8.97 3.06 -0.92
C ARG A 15 -8.59 4.36 -1.66
N ILE A 16 -7.31 4.54 -1.86
CA ILE A 16 -6.81 5.73 -2.54
C ILE A 16 -5.89 5.30 -3.70
N LYS A 17 -5.81 6.17 -4.68
CA LYS A 17 -4.97 5.90 -5.85
C LYS A 17 -3.78 6.86 -5.84
N ILE A 18 -2.59 6.28 -5.94
CA ILE A 18 -1.37 7.06 -5.96
C ILE A 18 -1.05 7.48 -7.39
N THR A 19 -1.04 8.78 -7.62
CA THR A 19 -0.75 9.32 -8.94
C THR A 19 0.64 9.95 -8.96
N ARG A 20 1.39 9.60 -10.01
CA ARG A 20 2.74 10.12 -10.16
C ARG A 20 2.69 11.60 -10.53
N ASP A 21 3.21 12.43 -9.62
CA ASP A 21 3.23 13.87 -9.84
C ASP A 21 4.12 14.17 -11.04
N SER A 22 3.55 14.94 -11.97
CA SER A 22 4.28 15.33 -13.16
C SER A 22 4.88 14.08 -13.82
N LYS A 23 4.02 13.31 -14.46
CA LYS A 23 4.45 12.10 -15.14
C LYS A 23 5.39 12.47 -16.29
N ASP A 24 6.67 12.52 -15.97
CA ASP A 24 7.68 12.87 -16.96
C ASP A 24 8.03 11.61 -17.77
N HIS A 25 8.28 11.83 -19.06
CA HIS A 25 8.63 10.73 -19.95
C HIS A 25 10.07 10.28 -19.67
N THR A 26 10.17 9.24 -18.85
CA THR A 26 11.48 8.71 -18.49
C THR A 26 11.46 7.18 -18.54
N VAL A 27 12.60 6.61 -18.90
CA VAL A 27 12.72 5.16 -18.99
C VAL A 27 12.42 4.55 -17.63
N SER A 28 11.83 3.36 -17.67
CA SER A 28 11.49 2.65 -16.45
C SER A 28 12.60 2.81 -15.41
N GLY A 29 12.29 3.58 -14.37
CA GLY A 29 13.26 3.82 -13.31
C GLY A 29 12.57 3.89 -11.94
N ASN A 30 12.42 5.12 -11.46
CA ASN A 30 11.79 5.34 -10.18
C ASN A 30 10.50 6.15 -10.38
N GLY A 31 9.61 6.05 -9.41
CA GLY A 31 8.35 6.77 -9.47
C GLY A 31 7.45 6.38 -8.29
N LEU A 32 6.40 7.17 -8.11
CA LEU A 32 5.46 6.94 -7.02
C LEU A 32 6.13 7.29 -5.69
N GLY A 33 7.18 6.54 -5.38
CA GLY A 33 7.92 6.76 -4.15
C GLY A 33 7.19 6.12 -2.96
N ILE A 34 7.18 4.80 -2.95
CA ILE A 34 6.53 4.06 -1.89
C ILE A 34 7.23 2.71 -1.71
N ARG A 35 7.59 2.43 -0.46
CA ARG A 35 8.26 1.17 -0.15
C ARG A 35 7.37 0.30 0.74
N ILE A 36 7.01 -0.85 0.21
CA ILE A 36 6.17 -1.78 0.94
C ILE A 36 6.91 -3.10 1.12
N VAL A 37 6.93 -3.57 2.37
CA VAL A 37 7.60 -4.81 2.69
C VAL A 37 6.56 -5.93 2.85
N GLY A 38 6.71 -6.96 2.04
CA GLY A 38 5.79 -8.09 2.09
C GLY A 38 6.32 -9.19 3.01
N GLY A 39 5.57 -10.28 3.06
CA GLY A 39 5.95 -11.41 3.89
C GLY A 39 6.37 -10.94 5.29
N LYS A 40 5.46 -10.24 5.94
CA LYS A 40 5.72 -9.74 7.28
C LYS A 40 4.56 -10.13 8.21
N GLU A 41 4.93 -10.52 9.42
CA GLU A 41 3.94 -10.93 10.40
C GLU A 41 3.02 -9.75 10.73
N ILE A 42 1.73 -10.04 10.76
CA ILE A 42 0.74 -9.01 11.06
C ILE A 42 0.41 -9.06 12.55
N PRO A 43 0.27 -7.85 13.15
CA PRO A 43 -0.04 -7.74 14.56
C PRO A 43 -1.51 -8.08 14.83
N GLY A 44 -2.39 -7.27 14.27
CA GLY A 44 -3.82 -7.49 14.43
C GLY A 44 -4.16 -8.98 14.35
N HIS A 45 -3.70 -9.61 13.28
CA HIS A 45 -3.95 -11.02 13.09
C HIS A 45 -3.15 -11.84 14.11
N SER A 46 -3.47 -13.12 14.17
CA SER A 46 -2.80 -14.01 15.10
C SER A 46 -1.53 -14.57 14.46
N GLY A 47 -1.70 -15.13 13.27
CA GLY A 47 -0.58 -15.71 12.55
C GLY A 47 -0.83 -15.66 11.03
N GLU A 48 -0.34 -14.58 10.42
CA GLU A 48 -0.51 -14.41 8.99
C GLU A 48 0.49 -13.37 8.46
N ILE A 49 1.05 -13.67 7.30
CA ILE A 49 2.01 -12.78 6.68
C ILE A 49 1.30 -11.90 5.65
N GLY A 50 1.69 -10.63 5.63
CA GLY A 50 1.09 -9.68 4.70
C GLY A 50 2.14 -8.66 4.22
N ALA A 51 1.63 -7.54 3.73
CA ALA A 51 2.50 -6.48 3.24
C ALA A 51 2.09 -5.15 3.89
N TYR A 52 3.09 -4.33 4.14
CA TYR A 52 2.86 -3.03 4.75
C TYR A 52 3.86 -1.99 4.24
N ILE A 53 3.43 -0.75 4.25
CA ILE A 53 4.27 0.34 3.79
C ILE A 53 5.37 0.60 4.83
N ALA A 54 6.58 0.22 4.45
CA ALA A 54 7.73 0.40 5.33
C ALA A 54 7.84 1.87 5.71
N LYS A 55 7.91 2.72 4.71
CA LYS A 55 8.03 4.14 4.92
C LYS A 55 7.53 4.88 3.68
N ILE A 56 7.50 6.21 3.80
CA ILE A 56 7.06 7.04 2.69
C ILE A 56 8.22 7.91 2.21
N LEU A 57 8.17 8.26 0.93
CA LEU A 57 9.21 9.08 0.34
C LEU A 57 8.94 10.55 0.66
N PRO A 58 10.04 11.35 0.66
CA PRO A 58 9.94 12.76 0.95
C PRO A 58 9.35 13.52 -0.23
N GLY A 59 8.08 13.86 -0.10
CA GLY A 59 7.39 14.59 -1.16
C GLY A 59 7.10 13.68 -2.35
N GLY A 60 6.65 12.48 -2.06
CA GLY A 60 6.35 11.52 -3.10
C GLY A 60 4.85 11.53 -3.44
N SER A 61 4.46 10.59 -4.29
CA SER A 61 3.07 10.48 -4.70
C SER A 61 2.22 9.97 -3.54
N ALA A 62 2.78 9.01 -2.81
CA ALA A 62 2.08 8.43 -1.68
C ALA A 62 1.90 9.50 -0.60
N GLU A 63 2.91 10.35 -0.48
CA GLU A 63 2.87 11.42 0.51
C GLU A 63 1.87 12.49 0.09
N GLN A 64 1.74 12.65 -1.23
CA GLN A 64 0.83 13.64 -1.76
C GLN A 64 -0.58 13.41 -1.24
N THR A 65 -1.08 12.20 -1.48
CA THR A 65 -2.41 11.83 -1.03
C THR A 65 -2.69 12.42 0.36
N GLY A 66 -1.86 12.03 1.31
CA GLY A 66 -2.02 12.50 2.67
C GLY A 66 -2.89 11.55 3.49
N LYS A 67 -3.53 10.62 2.78
CA LYS A 67 -4.40 9.66 3.43
C LYS A 67 -3.58 8.44 3.86
N LEU A 68 -2.51 8.21 3.12
CA LEU A 68 -1.63 7.09 3.41
C LEU A 68 -0.77 7.42 4.64
N MET A 69 -0.29 6.36 5.28
CA MET A 69 0.53 6.52 6.47
C MET A 69 1.56 5.40 6.57
N GLU A 70 2.71 5.74 7.14
CA GLU A 70 3.79 4.79 7.30
C GLU A 70 3.38 3.70 8.31
N GLY A 71 3.94 2.52 8.12
CA GLY A 71 3.65 1.41 9.00
C GLY A 71 2.21 0.92 8.81
N MET A 72 1.74 1.04 7.58
CA MET A 72 0.39 0.62 7.25
C MET A 72 0.39 -0.71 6.51
N GLN A 73 -0.56 -1.56 6.88
CA GLN A 73 -0.68 -2.88 6.26
C GLN A 73 -1.52 -2.78 4.99
N VAL A 74 -0.92 -3.19 3.88
CA VAL A 74 -1.61 -3.16 2.60
C VAL A 74 -2.31 -4.50 2.38
N LEU A 75 -3.64 -4.42 2.25
CA LEU A 75 -4.43 -5.61 2.03
C LEU A 75 -4.25 -6.09 0.59
N GLU A 76 -4.43 -5.16 -0.34
CA GLU A 76 -4.30 -5.48 -1.75
C GLU A 76 -3.72 -4.27 -2.51
N TRP A 77 -3.21 -4.55 -3.70
CA TRP A 77 -2.62 -3.51 -4.52
C TRP A 77 -3.13 -3.71 -5.96
N ASN A 78 -3.89 -2.73 -6.42
CA ASN A 78 -4.43 -2.79 -7.77
C ASN A 78 -5.27 -4.05 -7.92
N GLY A 79 -5.87 -4.47 -6.82
CA GLY A 79 -6.70 -5.66 -6.81
C GLY A 79 -5.91 -6.88 -6.31
N ILE A 80 -4.72 -7.04 -6.87
CA ILE A 80 -3.87 -8.15 -6.50
C ILE A 80 -3.59 -8.10 -5.00
N PRO A 81 -3.90 -9.24 -4.32
CA PRO A 81 -3.70 -9.33 -2.88
C PRO A 81 -2.20 -9.50 -2.55
N LEU A 82 -1.82 -8.93 -1.42
CA LEU A 82 -0.44 -9.00 -0.99
C LEU A 82 -0.36 -9.81 0.32
N THR A 83 -1.36 -10.65 0.51
CA THR A 83 -1.42 -11.47 1.71
C THR A 83 -0.99 -12.91 1.39
N SER A 84 -0.21 -13.47 2.31
CA SER A 84 0.27 -14.84 2.13
C SER A 84 1.25 -14.90 0.95
N LYS A 85 1.93 -13.80 0.73
CA LYS A 85 2.89 -13.72 -0.36
C LYS A 85 4.30 -13.56 0.22
N THR A 86 5.17 -12.96 -0.58
CA THR A 86 6.55 -12.74 -0.17
C THR A 86 7.03 -11.35 -0.61
N TYR A 87 7.97 -10.82 0.14
CA TYR A 87 8.52 -9.51 -0.16
C TYR A 87 8.66 -9.32 -1.67
N GLU A 88 9.44 -10.19 -2.28
CA GLU A 88 9.66 -10.12 -3.71
C GLU A 88 8.33 -9.97 -4.46
N GLU A 89 7.54 -11.03 -4.40
CA GLU A 89 6.24 -11.04 -5.05
C GLU A 89 5.57 -9.67 -4.90
N VAL A 90 5.12 -9.38 -3.69
CA VAL A 90 4.47 -8.12 -3.41
C VAL A 90 5.19 -7.00 -4.17
N GLN A 91 6.51 -7.02 -4.08
CA GLN A 91 7.32 -6.01 -4.76
C GLN A 91 7.12 -6.10 -6.27
N SER A 92 7.27 -7.32 -6.78
CA SER A 92 7.11 -7.55 -8.20
C SER A 92 5.73 -7.11 -8.66
N ILE A 93 4.78 -7.20 -7.74
CA ILE A 93 3.42 -6.82 -8.03
C ILE A 93 3.30 -5.29 -8.03
N ILE A 94 3.63 -4.72 -6.88
CA ILE A 94 3.57 -3.27 -6.73
C ILE A 94 4.50 -2.62 -7.77
N SER A 95 5.57 -3.32 -8.08
CA SER A 95 6.54 -2.82 -9.05
C SER A 95 5.89 -2.76 -10.43
N GLN A 96 6.41 -1.84 -11.24
CA GLN A 96 5.89 -1.66 -12.59
C GLN A 96 4.44 -1.17 -12.55
N GLN A 97 3.76 -1.36 -13.67
CA GLN A 97 2.37 -0.93 -13.78
C GLN A 97 2.29 0.59 -13.94
N SER A 98 3.17 1.10 -14.79
CA SER A 98 3.21 2.54 -15.04
C SER A 98 3.43 3.29 -13.73
N GLY A 99 3.31 4.62 -13.83
CA GLY A 99 3.48 5.46 -12.65
C GLY A 99 2.36 5.23 -11.64
N GLU A 100 1.25 5.90 -11.88
CA GLU A 100 0.10 5.78 -10.99
C GLU A 100 -0.14 4.32 -10.63
N ALA A 101 -0.94 4.11 -9.59
CA ALA A 101 -1.25 2.77 -9.14
C ALA A 101 -2.31 2.84 -8.03
N GLU A 102 -2.95 1.71 -7.79
CA GLU A 102 -3.98 1.64 -6.77
C GLU A 102 -3.51 0.74 -5.62
N ILE A 103 -3.77 1.20 -4.41
CA ILE A 103 -3.39 0.46 -3.22
C ILE A 103 -4.61 0.31 -2.31
N CYS A 104 -4.68 -0.85 -1.66
CA CYS A 104 -5.78 -1.14 -0.76
C CYS A 104 -5.20 -1.50 0.61
N VAL A 105 -5.19 -0.50 1.48
CA VAL A 105 -4.66 -0.69 2.82
C VAL A 105 -5.81 -0.60 3.83
N ARG A 106 -5.54 -1.08 5.04
CA ARG A 106 -6.54 -1.06 6.10
C ARG A 106 -6.40 0.21 6.93
N LEU A 107 -7.52 0.65 7.48
CA LEU A 107 -7.53 1.85 8.30
C LEU A 107 -6.94 1.53 9.67
N ASP A 108 -7.74 0.87 10.50
CA ASP A 108 -7.30 0.50 11.83
C ASP A 108 -6.29 -0.64 11.74
N LEU A 109 -5.02 -0.27 11.69
CA LEU A 109 -3.95 -1.24 11.58
C LEU A 109 -2.61 -0.52 11.56
N ASN A 110 -1.75 -0.90 12.49
CA ASN A 110 -0.42 -0.30 12.59
C ASN A 110 0.64 -1.38 12.36
N MET A 111 1.81 -0.93 11.91
CA MET A 111 2.91 -1.85 11.65
C MET A 111 4.25 -1.14 11.85
N SER A 112 4.95 -1.56 12.90
CA SER A 112 6.25 -0.99 13.21
C SER A 112 6.98 -1.89 14.21
N GLY A 113 8.30 -1.68 14.29
CA GLY A 113 9.12 -2.46 15.19
C GLY A 113 10.54 -1.87 15.28
N PRO A 114 11.42 -2.62 15.99
CA PRO A 114 12.80 -2.18 16.16
C PRO A 114 13.60 -2.39 14.87
N SER A 115 14.04 -1.28 14.31
CA SER A 115 14.82 -1.33 13.07
C SER A 115 16.29 -1.02 13.38
N SER A 116 17.11 -2.04 13.23
CA SER A 116 18.54 -1.88 13.48
C SER A 116 19.31 -3.07 12.91
N GLY A 117 20.11 -2.79 11.90
CA GLY A 117 20.90 -3.82 11.26
C GLY A 117 21.60 -3.28 10.00
N GLY A 1 -28.04 -0.12 -14.26
CA GLY A 1 -27.11 0.55 -13.36
C GLY A 1 -27.17 2.07 -13.54
N SER A 2 -27.88 2.73 -12.63
CA SER A 2 -28.01 4.16 -12.67
C SER A 2 -26.69 4.83 -12.27
N SER A 3 -26.26 4.52 -11.07
CA SER A 3 -25.01 5.08 -10.56
C SER A 3 -23.97 3.97 -10.38
N GLY A 4 -24.36 2.96 -9.62
CA GLY A 4 -23.47 1.84 -9.37
C GLY A 4 -23.33 1.57 -7.87
N SER A 5 -23.10 0.31 -7.54
CA SER A 5 -22.95 -0.09 -6.15
C SER A 5 -21.48 -0.42 -5.86
N SER A 6 -21.17 -0.48 -4.57
CA SER A 6 -19.81 -0.78 -4.15
C SER A 6 -19.84 -1.50 -2.80
N GLY A 7 -18.96 -2.50 -2.68
CA GLY A 7 -18.88 -3.27 -1.44
C GLY A 7 -18.00 -2.55 -0.42
N HIS A 8 -17.90 -3.16 0.76
CA HIS A 8 -17.10 -2.60 1.83
C HIS A 8 -16.76 -3.69 2.84
N TYR A 9 -15.48 -3.73 3.20
CA TYR A 9 -15.00 -4.72 4.16
C TYR A 9 -15.67 -4.52 5.52
N ILE A 10 -15.54 -5.54 6.36
CA ILE A 10 -16.11 -5.49 7.69
C ILE A 10 -15.33 -4.48 8.54
N PHE A 11 -14.09 -4.28 8.17
CA PHE A 11 -13.23 -3.35 8.88
C PHE A 11 -13.15 -2.00 8.15
N PRO A 12 -12.70 -0.97 8.90
CA PRO A 12 -12.58 0.37 8.34
C PRO A 12 -11.37 0.47 7.42
N HIS A 13 -11.64 0.74 6.15
CA HIS A 13 -10.58 0.86 5.17
C HIS A 13 -10.90 2.00 4.20
N ALA A 14 -9.95 2.30 3.33
CA ALA A 14 -10.12 3.36 2.37
C ALA A 14 -9.30 3.02 1.10
N ARG A 15 -9.87 3.38 -0.04
CA ARG A 15 -9.22 3.13 -1.31
C ARG A 15 -8.77 4.44 -1.94
N ILE A 16 -7.47 4.72 -1.81
CA ILE A 16 -6.90 5.93 -2.36
C ILE A 16 -5.87 5.56 -3.43
N LYS A 17 -6.22 5.82 -4.67
CA LYS A 17 -5.33 5.53 -5.78
C LYS A 17 -4.35 6.68 -5.97
N ILE A 18 -3.07 6.33 -6.02
CA ILE A 18 -2.03 7.33 -6.20
C ILE A 18 -1.99 7.78 -7.66
N THR A 19 -2.19 9.07 -7.86
CA THR A 19 -2.17 9.63 -9.20
C THR A 19 -0.89 10.40 -9.44
N ARG A 20 -0.30 10.18 -10.61
CA ARG A 20 0.93 10.85 -10.98
C ARG A 20 0.66 11.93 -12.03
N ASP A 21 1.33 13.05 -11.85
CA ASP A 21 1.18 14.17 -12.78
C ASP A 21 1.32 13.65 -14.21
N SER A 22 1.01 14.54 -15.15
CA SER A 22 1.09 14.19 -16.57
C SER A 22 2.44 13.56 -16.86
N LYS A 23 2.43 12.23 -16.96
CA LYS A 23 3.65 11.49 -17.25
C LYS A 23 3.51 10.78 -18.59
N ASP A 24 4.66 10.47 -19.18
CA ASP A 24 4.68 9.79 -20.47
C ASP A 24 3.70 8.61 -20.43
N HIS A 25 3.17 8.29 -21.60
CA HIS A 25 2.23 7.19 -21.73
C HIS A 25 2.93 5.87 -21.37
N THR A 26 3.86 5.49 -22.23
CA THR A 26 4.61 4.26 -22.03
C THR A 26 6.00 4.57 -21.44
N VAL A 27 6.56 3.55 -20.80
CA VAL A 27 7.87 3.70 -20.19
C VAL A 27 7.77 4.64 -18.99
N SER A 28 7.54 5.91 -19.29
CA SER A 28 7.42 6.91 -18.24
C SER A 28 8.77 7.10 -17.53
N GLY A 29 9.10 6.10 -16.73
CA GLY A 29 10.37 6.13 -15.99
C GLY A 29 10.35 7.26 -14.95
N ASN A 30 9.94 6.89 -13.74
CA ASN A 30 9.88 7.86 -12.66
C ASN A 30 9.58 7.13 -11.35
N GLY A 31 8.58 6.26 -11.42
CA GLY A 31 8.17 5.49 -10.25
C GLY A 31 7.52 6.39 -9.20
N LEU A 32 6.30 6.03 -8.83
CA LEU A 32 5.57 6.79 -7.84
C LEU A 32 6.48 7.08 -6.64
N GLY A 33 6.75 6.03 -5.88
CA GLY A 33 7.60 6.15 -4.71
C GLY A 33 6.90 5.59 -3.46
N ILE A 34 7.01 4.27 -3.31
CA ILE A 34 6.40 3.61 -2.17
C ILE A 34 7.13 2.29 -1.91
N ARG A 35 7.56 2.12 -0.66
CA ARG A 35 8.27 0.92 -0.26
C ARG A 35 7.40 0.08 0.67
N ILE A 36 7.00 -1.08 0.18
CA ILE A 36 6.17 -1.98 0.96
C ILE A 36 6.89 -3.31 1.12
N VAL A 37 6.99 -3.75 2.37
CA VAL A 37 7.65 -5.00 2.68
C VAL A 37 6.61 -6.10 2.89
N GLY A 38 6.66 -7.10 2.03
CA GLY A 38 5.72 -8.21 2.11
C GLY A 38 6.25 -9.32 3.01
N GLY A 39 5.55 -10.44 3.01
CA GLY A 39 5.93 -11.58 3.82
C GLY A 39 6.10 -11.17 5.29
N LYS A 40 5.52 -10.03 5.63
CA LYS A 40 5.59 -9.53 6.99
C LYS A 40 4.42 -10.07 7.79
N GLU A 41 4.68 -10.31 9.07
CA GLU A 41 3.66 -10.84 9.96
C GLU A 41 2.66 -9.73 10.33
N ILE A 42 1.39 -10.04 10.13
CA ILE A 42 0.34 -9.09 10.44
C ILE A 42 0.19 -8.96 11.96
N PRO A 43 -0.08 -7.71 12.41
CA PRO A 43 -0.24 -7.44 13.83
C PRO A 43 -1.59 -7.96 14.33
N GLY A 44 -1.81 -9.25 14.14
CA GLY A 44 -3.05 -9.87 14.56
C GLY A 44 -3.69 -10.66 13.41
N HIS A 45 -3.36 -11.94 13.38
CA HIS A 45 -3.89 -12.82 12.35
C HIS A 45 -3.85 -14.27 12.84
N SER A 46 -4.30 -15.17 11.97
CA SER A 46 -4.32 -16.59 12.30
C SER A 46 -3.22 -17.31 11.53
N GLY A 47 -2.01 -16.81 11.69
CA GLY A 47 -0.86 -17.42 11.01
C GLY A 47 -0.87 -17.09 9.52
N GLU A 48 -0.56 -15.84 9.22
CA GLU A 48 -0.53 -15.38 7.84
C GLU A 48 0.69 -14.49 7.60
N ILE A 49 0.55 -13.61 6.62
CA ILE A 49 1.63 -12.70 6.28
C ILE A 49 1.17 -11.75 5.17
N GLY A 50 1.35 -10.46 5.42
CA GLY A 50 0.95 -9.45 4.46
C GLY A 50 2.09 -8.46 4.21
N ALA A 51 1.75 -7.38 3.52
CA ALA A 51 2.73 -6.35 3.21
C ALA A 51 2.29 -5.02 3.83
N TYR A 52 3.27 -4.22 4.20
CA TYR A 52 3.00 -2.92 4.80
C TYR A 52 3.98 -1.86 4.31
N ILE A 53 3.55 -0.62 4.38
CA ILE A 53 4.39 0.50 3.94
C ILE A 53 5.58 0.63 4.89
N ALA A 54 6.76 0.44 4.32
CA ALA A 54 7.99 0.53 5.10
C ALA A 54 8.36 2.01 5.28
N LYS A 55 8.44 2.71 4.15
CA LYS A 55 8.78 4.12 4.17
C LYS A 55 8.19 4.80 2.93
N ILE A 56 7.62 5.98 3.15
CA ILE A 56 7.01 6.73 2.06
C ILE A 56 8.12 7.42 1.26
N LEU A 57 8.59 6.72 0.25
CA LEU A 57 9.64 7.26 -0.60
C LEU A 57 9.40 8.75 -0.83
N PRO A 58 10.53 9.50 -0.86
CA PRO A 58 10.45 10.95 -1.06
C PRO A 58 10.14 11.28 -2.52
N GLY A 59 8.88 11.58 -2.76
CA GLY A 59 8.43 11.91 -4.10
C GLY A 59 7.29 12.94 -4.06
N GLY A 60 6.19 12.52 -3.45
CA GLY A 60 5.02 13.38 -3.34
C GLY A 60 3.80 12.73 -3.98
N SER A 61 3.97 11.49 -4.41
CA SER A 61 2.89 10.75 -5.03
C SER A 61 2.00 10.14 -3.96
N ALA A 62 2.62 9.37 -3.07
CA ALA A 62 1.88 8.73 -1.99
C ALA A 62 2.02 9.56 -0.72
N GLU A 63 3.00 10.45 -0.73
CA GLU A 63 3.25 11.32 0.41
C GLU A 63 2.26 12.48 0.42
N GLN A 64 1.66 12.72 -0.74
CA GLN A 64 0.69 13.79 -0.88
C GLN A 64 -0.64 13.40 -0.25
N THR A 65 -1.13 12.23 -0.64
CA THR A 65 -2.38 11.73 -0.12
C THR A 65 -2.52 12.07 1.36
N GLY A 66 -1.51 11.70 2.12
CA GLY A 66 -1.50 11.95 3.55
C GLY A 66 -2.20 10.83 4.31
N LYS A 67 -3.30 10.36 3.74
CA LYS A 67 -4.07 9.30 4.36
C LYS A 67 -3.19 8.05 4.47
N LEU A 68 -2.09 8.07 3.75
CA LEU A 68 -1.17 6.95 3.76
C LEU A 68 -0.18 7.11 4.92
N MET A 69 0.20 5.99 5.51
CA MET A 69 1.13 6.01 6.62
C MET A 69 1.91 4.69 6.70
N GLU A 70 3.15 4.80 7.15
CA GLU A 70 4.01 3.63 7.28
C GLU A 70 3.42 2.66 8.30
N GLY A 71 3.67 1.37 8.06
CA GLY A 71 3.18 0.34 8.94
C GLY A 71 1.77 -0.11 8.54
N MET A 72 1.19 0.65 7.61
CA MET A 72 -0.14 0.36 7.13
C MET A 72 -0.18 -1.01 6.44
N GLN A 73 -1.00 -1.89 6.98
CA GLN A 73 -1.14 -3.23 6.42
C GLN A 73 -1.77 -3.16 5.04
N VAL A 74 -0.93 -3.28 4.02
CA VAL A 74 -1.40 -3.23 2.64
C VAL A 74 -2.14 -4.52 2.32
N LEU A 75 -3.45 -4.39 2.15
CA LEU A 75 -4.28 -5.54 1.83
C LEU A 75 -4.06 -5.94 0.37
N GLU A 76 -4.24 -4.97 -0.51
CA GLU A 76 -4.06 -5.22 -1.93
C GLU A 76 -3.36 -4.02 -2.58
N TRP A 77 -2.78 -4.28 -3.74
CA TRP A 77 -2.08 -3.25 -4.49
C TRP A 77 -2.39 -3.43 -5.97
N ASN A 78 -3.02 -2.41 -6.54
CA ASN A 78 -3.38 -2.44 -7.94
C ASN A 78 -4.32 -3.62 -8.19
N GLY A 79 -5.08 -3.97 -7.17
CA GLY A 79 -6.01 -5.07 -7.26
C GLY A 79 -5.39 -6.37 -6.74
N ILE A 80 -4.14 -6.58 -7.14
CA ILE A 80 -3.42 -7.77 -6.72
C ILE A 80 -3.16 -7.70 -5.21
N PRO A 81 -3.57 -8.80 -4.51
CA PRO A 81 -3.38 -8.87 -3.07
C PRO A 81 -1.92 -9.15 -2.71
N LEU A 82 -1.56 -8.77 -1.50
CA LEU A 82 -0.20 -8.97 -1.03
C LEU A 82 -0.22 -9.79 0.25
N THR A 83 -1.17 -10.72 0.31
CA THR A 83 -1.32 -11.58 1.47
C THR A 83 -0.80 -12.99 1.16
N SER A 84 -0.11 -13.56 2.13
CA SER A 84 0.45 -14.89 1.98
C SER A 84 1.50 -14.89 0.86
N LYS A 85 2.27 -13.82 0.82
CA LYS A 85 3.31 -13.69 -0.18
C LYS A 85 4.65 -13.43 0.51
N THR A 86 5.65 -13.13 -0.31
CA THR A 86 6.98 -12.87 0.20
C THR A 86 7.50 -11.51 -0.32
N TYR A 87 8.38 -10.92 0.46
CA TYR A 87 8.96 -9.64 0.09
C TYR A 87 9.19 -9.56 -1.41
N GLU A 88 9.92 -10.54 -1.93
CA GLU A 88 10.22 -10.59 -3.35
C GLU A 88 8.93 -10.51 -4.17
N GLU A 89 8.17 -11.61 -4.13
CA GLU A 89 6.92 -11.67 -4.87
C GLU A 89 6.20 -10.33 -4.80
N VAL A 90 5.79 -9.96 -3.60
CA VAL A 90 5.09 -8.70 -3.40
C VAL A 90 5.75 -7.62 -4.25
N GLN A 91 7.02 -7.38 -3.97
CA GLN A 91 7.77 -6.37 -4.70
C GLN A 91 7.51 -6.50 -6.20
N SER A 92 7.50 -7.74 -6.66
CA SER A 92 7.26 -8.01 -8.07
C SER A 92 5.88 -7.51 -8.47
N ILE A 93 4.94 -7.64 -7.55
CA ILE A 93 3.58 -7.21 -7.78
C ILE A 93 3.53 -5.68 -7.83
N ILE A 94 4.34 -5.07 -6.98
CA ILE A 94 4.39 -3.62 -6.91
C ILE A 94 5.32 -3.10 -8.01
N SER A 95 6.60 -3.37 -7.83
CA SER A 95 7.59 -2.92 -8.80
C SER A 95 7.06 -3.13 -10.22
N GLN A 96 7.65 -2.38 -11.14
CA GLN A 96 7.24 -2.47 -12.54
C GLN A 96 5.87 -1.81 -12.74
N GLN A 97 5.84 -0.51 -12.54
CA GLN A 97 4.61 0.25 -12.69
C GLN A 97 4.82 1.43 -13.64
N SER A 98 3.70 2.02 -14.06
CA SER A 98 3.76 3.15 -14.96
C SER A 98 2.48 3.98 -14.84
N GLY A 99 2.59 5.07 -14.09
CA GLY A 99 1.45 5.95 -13.88
C GLY A 99 0.87 5.77 -12.48
N GLU A 100 -0.45 5.95 -12.40
CA GLU A 100 -1.13 5.82 -11.12
C GLU A 100 -0.97 4.38 -10.59
N ALA A 101 -1.65 4.13 -9.47
CA ALA A 101 -1.59 2.82 -8.85
C ALA A 101 -2.57 2.77 -7.68
N GLU A 102 -3.48 1.82 -7.74
CA GLU A 102 -4.48 1.66 -6.69
C GLU A 102 -3.86 0.95 -5.48
N ILE A 103 -4.27 1.39 -4.31
CA ILE A 103 -3.77 0.81 -3.07
C ILE A 103 -4.93 0.66 -2.08
N CYS A 104 -4.77 -0.30 -1.19
CA CYS A 104 -5.79 -0.57 -0.18
C CYS A 104 -5.11 -0.71 1.18
N VAL A 105 -5.57 0.08 2.13
CA VAL A 105 -5.02 0.06 3.47
C VAL A 105 -6.14 0.08 4.49
N ARG A 106 -5.91 -0.60 5.61
CA ARG A 106 -6.91 -0.66 6.67
C ARG A 106 -6.69 0.47 7.66
N LEU A 107 -7.73 1.28 7.84
CA LEU A 107 -7.66 2.40 8.76
C LEU A 107 -7.04 1.93 10.08
N ASP A 108 -7.75 1.04 10.75
CA ASP A 108 -7.30 0.50 12.02
C ASP A 108 -6.11 -0.44 11.77
N LEU A 109 -5.53 -0.91 12.87
CA LEU A 109 -4.40 -1.82 12.78
C LEU A 109 -3.22 -1.09 12.14
N ASN A 110 -2.05 -1.31 12.71
CA ASN A 110 -0.84 -0.68 12.20
C ASN A 110 0.37 -1.53 12.57
N MET A 111 1.21 -1.79 11.58
CA MET A 111 2.40 -2.60 11.80
C MET A 111 3.47 -1.79 12.53
N SER A 112 3.83 -2.28 13.70
CA SER A 112 4.85 -1.61 14.51
C SER A 112 5.99 -1.13 13.62
N GLY A 113 6.14 0.18 13.57
CA GLY A 113 7.18 0.79 12.75
C GLY A 113 8.55 0.17 13.07
N PRO A 114 9.37 0.00 12.00
CA PRO A 114 10.70 -0.57 12.15
C PRO A 114 11.66 0.43 12.78
N SER A 115 12.79 -0.08 13.24
CA SER A 115 13.79 0.76 13.87
C SER A 115 15.19 0.27 13.47
N SER A 116 16.07 1.24 13.24
CA SER A 116 17.44 0.92 12.85
C SER A 116 18.41 1.42 13.92
N GLY A 117 19.14 0.49 14.50
CA GLY A 117 20.11 0.82 15.53
C GLY A 117 21.14 1.82 15.02
N GLY A 1 -35.13 2.43 -0.35
CA GLY A 1 -33.68 2.38 -0.26
C GLY A 1 -33.03 2.66 -1.62
N SER A 2 -32.19 1.72 -2.04
CA SER A 2 -31.51 1.85 -3.31
C SER A 2 -30.80 0.54 -3.67
N SER A 3 -30.49 0.39 -4.95
CA SER A 3 -29.82 -0.81 -5.43
C SER A 3 -28.32 -0.56 -5.52
N GLY A 4 -27.56 -1.65 -5.45
CA GLY A 4 -26.12 -1.56 -5.53
C GLY A 4 -25.46 -2.58 -4.60
N SER A 5 -24.32 -3.09 -5.06
CA SER A 5 -23.58 -4.08 -4.28
C SER A 5 -22.98 -3.43 -3.04
N SER A 6 -22.19 -2.39 -3.26
CA SER A 6 -21.57 -1.66 -2.17
C SER A 6 -20.67 -2.62 -1.38
N GLY A 7 -19.41 -2.65 -1.77
CA GLY A 7 -18.44 -3.51 -1.10
C GLY A 7 -17.73 -2.75 0.03
N HIS A 8 -17.80 -3.34 1.21
CA HIS A 8 -17.16 -2.73 2.38
C HIS A 8 -16.86 -3.82 3.41
N TYR A 9 -15.66 -3.73 3.97
CA TYR A 9 -15.23 -4.68 4.97
C TYR A 9 -15.89 -4.40 6.33
N ILE A 10 -15.59 -5.26 7.30
CA ILE A 10 -16.14 -5.11 8.63
C ILE A 10 -15.34 -4.04 9.38
N PHE A 11 -14.19 -3.70 8.83
CA PHE A 11 -13.32 -2.70 9.44
C PHE A 11 -13.27 -1.43 8.58
N PRO A 12 -12.83 -0.32 9.22
CA PRO A 12 -12.71 0.96 8.52
C PRO A 12 -11.50 0.97 7.59
N HIS A 13 -11.79 1.11 6.31
CA HIS A 13 -10.73 1.15 5.31
C HIS A 13 -11.04 2.24 4.28
N ALA A 14 -10.03 2.53 3.47
CA ALA A 14 -10.17 3.55 2.44
C ALA A 14 -9.31 3.17 1.23
N ARG A 15 -9.88 3.39 0.06
CA ARG A 15 -9.18 3.08 -1.18
C ARG A 15 -8.72 4.36 -1.87
N ILE A 16 -7.44 4.66 -1.69
CA ILE A 16 -6.86 5.86 -2.30
C ILE A 16 -5.84 5.44 -3.36
N LYS A 17 -6.21 5.70 -4.60
CA LYS A 17 -5.33 5.35 -5.71
C LYS A 17 -4.34 6.50 -5.94
N ILE A 18 -3.09 6.12 -6.08
CA ILE A 18 -2.02 7.09 -6.30
C ILE A 18 -2.04 7.54 -7.77
N THR A 19 -2.24 8.83 -7.96
CA THR A 19 -2.28 9.39 -9.30
C THR A 19 -1.03 10.23 -9.58
N ARG A 20 -0.64 10.27 -10.84
CA ARG A 20 0.53 11.02 -11.24
C ARG A 20 0.21 12.52 -11.28
N ASP A 21 -0.87 12.85 -11.98
CA ASP A 21 -1.29 14.23 -12.11
C ASP A 21 -2.65 14.40 -11.41
N SER A 22 -3.70 14.07 -12.15
CA SER A 22 -5.05 14.19 -11.63
C SER A 22 -5.30 15.62 -11.16
N LYS A 23 -5.82 16.43 -12.07
CA LYS A 23 -6.12 17.81 -11.76
C LYS A 23 -4.81 18.60 -11.62
N ASP A 24 -4.14 18.34 -10.51
CA ASP A 24 -2.88 19.02 -10.23
C ASP A 24 -1.95 18.85 -11.44
N HIS A 25 -1.53 19.99 -11.98
CA HIS A 25 -0.65 19.99 -13.13
C HIS A 25 0.79 20.22 -12.67
N THR A 26 1.40 19.14 -12.20
CA THR A 26 2.77 19.21 -11.73
C THR A 26 3.60 18.06 -12.31
N VAL A 27 4.14 18.31 -13.50
CA VAL A 27 4.95 17.31 -14.17
C VAL A 27 6.40 17.81 -14.27
N SER A 28 7.31 16.95 -13.85
CA SER A 28 8.72 17.29 -13.88
C SER A 28 9.57 16.01 -14.02
N GLY A 29 9.45 15.16 -13.01
CA GLY A 29 10.20 13.91 -13.00
C GLY A 29 10.38 13.38 -11.57
N ASN A 30 9.54 12.43 -11.23
CA ASN A 30 9.60 11.84 -9.89
C ASN A 30 8.93 10.46 -9.92
N GLY A 31 7.71 10.44 -10.44
CA GLY A 31 6.97 9.19 -10.53
C GLY A 31 6.52 8.71 -9.15
N LEU A 32 6.04 7.48 -9.11
CA LEU A 32 5.59 6.89 -7.87
C LEU A 32 6.80 6.49 -7.02
N GLY A 33 6.59 6.48 -5.71
CA GLY A 33 7.66 6.12 -4.79
C GLY A 33 7.07 5.62 -3.47
N ILE A 34 7.07 4.30 -3.33
CA ILE A 34 6.54 3.68 -2.12
C ILE A 34 7.29 2.38 -1.86
N ARG A 35 7.61 2.15 -0.59
CA ARG A 35 8.32 0.95 -0.20
C ARG A 35 7.42 0.06 0.67
N ILE A 36 6.94 -1.02 0.06
CA ILE A 36 6.07 -1.95 0.75
C ILE A 36 6.81 -3.27 0.95
N VAL A 37 7.01 -3.63 2.21
CA VAL A 37 7.70 -4.87 2.54
C VAL A 37 6.67 -5.99 2.66
N GLY A 38 7.01 -7.12 2.05
CA GLY A 38 6.13 -8.27 2.07
C GLY A 38 6.66 -9.34 3.04
N GLY A 39 5.84 -10.37 3.23
CA GLY A 39 6.21 -11.46 4.13
C GLY A 39 6.30 -10.97 5.57
N LYS A 40 5.33 -10.16 5.96
CA LYS A 40 5.29 -9.62 7.30
C LYS A 40 3.98 -10.04 7.97
N GLU A 41 4.12 -10.49 9.22
CA GLU A 41 2.95 -10.93 9.98
C GLU A 41 1.99 -9.76 10.20
N ILE A 42 0.72 -10.03 9.93
CA ILE A 42 -0.31 -9.01 10.09
C ILE A 42 -0.91 -9.12 11.49
N PRO A 43 -0.65 -8.08 12.31
CA PRO A 43 -1.16 -8.05 13.67
C PRO A 43 -2.65 -7.73 13.69
N GLY A 44 -3.41 -8.59 13.04
CA GLY A 44 -4.85 -8.41 12.97
C GLY A 44 -5.54 -9.63 12.36
N HIS A 45 -4.92 -10.14 11.30
CA HIS A 45 -5.46 -11.31 10.62
C HIS A 45 -4.95 -12.58 11.30
N SER A 46 -5.15 -12.63 12.60
CA SER A 46 -4.72 -13.78 13.38
C SER A 46 -3.19 -13.86 13.40
N GLY A 47 -2.64 -14.37 12.31
CA GLY A 47 -1.20 -14.50 12.20
C GLY A 47 -0.79 -14.86 10.77
N GLU A 48 -1.24 -14.04 9.83
CA GLU A 48 -0.93 -14.26 8.42
C GLU A 48 0.05 -13.19 7.92
N ILE A 49 0.88 -13.61 6.98
CA ILE A 49 1.86 -12.70 6.41
C ILE A 49 1.20 -11.86 5.31
N GLY A 50 1.80 -10.71 5.05
CA GLY A 50 1.29 -9.81 4.03
C GLY A 50 2.29 -8.70 3.71
N ALA A 51 1.81 -7.70 3.00
CA ALA A 51 2.66 -6.58 2.62
C ALA A 51 2.10 -5.29 3.23
N TYR A 52 3.03 -4.41 3.59
CA TYR A 52 2.64 -3.13 4.18
C TYR A 52 3.67 -2.04 3.85
N ILE A 53 3.22 -0.81 3.98
CA ILE A 53 4.08 0.33 3.69
C ILE A 53 5.22 0.37 4.72
N ALA A 54 6.44 0.27 4.21
CA ALA A 54 7.61 0.29 5.06
C ALA A 54 8.18 1.71 5.11
N LYS A 55 8.41 2.25 3.92
CA LYS A 55 8.96 3.59 3.79
C LYS A 55 8.15 4.37 2.74
N ILE A 56 7.97 5.65 3.03
CA ILE A 56 7.22 6.50 2.11
C ILE A 56 8.13 7.64 1.62
N LEU A 57 8.54 7.51 0.37
CA LEU A 57 9.42 8.51 -0.23
C LEU A 57 8.97 9.90 0.22
N PRO A 58 9.96 10.84 0.23
CA PRO A 58 9.68 12.21 0.62
C PRO A 58 8.92 12.97 -0.48
N GLY A 59 7.97 13.78 -0.04
CA GLY A 59 7.17 14.55 -0.98
C GLY A 59 6.89 13.75 -2.25
N GLY A 60 6.40 12.53 -2.05
CA GLY A 60 6.08 11.66 -3.16
C GLY A 60 4.58 11.71 -3.47
N SER A 61 4.17 10.84 -4.40
CA SER A 61 2.78 10.77 -4.80
C SER A 61 1.95 10.10 -3.70
N ALA A 62 2.56 9.10 -3.07
CA ALA A 62 1.90 8.37 -2.01
C ALA A 62 1.81 9.25 -0.76
N GLU A 63 2.91 9.95 -0.49
CA GLU A 63 2.96 10.84 0.67
C GLU A 63 2.04 12.05 0.44
N GLN A 64 1.74 12.30 -0.82
CA GLN A 64 0.90 13.43 -1.18
C GLN A 64 -0.52 13.21 -0.62
N THR A 65 -1.08 12.06 -0.96
CA THR A 65 -2.42 11.73 -0.51
C THR A 65 -2.64 12.19 0.94
N GLY A 66 -1.62 11.93 1.76
CA GLY A 66 -1.69 12.31 3.16
C GLY A 66 -2.33 11.22 4.00
N LYS A 67 -3.38 10.61 3.44
CA LYS A 67 -4.08 9.54 4.13
C LYS A 67 -3.17 8.33 4.25
N LEU A 68 -2.10 8.34 3.45
CA LEU A 68 -1.14 7.25 3.46
C LEU A 68 -0.04 7.54 4.48
N MET A 69 0.38 6.50 5.18
CA MET A 69 1.42 6.64 6.18
C MET A 69 2.11 5.30 6.45
N GLU A 70 3.34 5.38 6.94
CA GLU A 70 4.10 4.19 7.24
C GLU A 70 3.42 3.38 8.33
N GLY A 71 3.63 2.08 8.29
CA GLY A 71 3.05 1.18 9.28
C GLY A 71 1.67 0.68 8.81
N MET A 72 1.06 1.46 7.93
CA MET A 72 -0.25 1.11 7.40
C MET A 72 -0.19 -0.22 6.65
N GLN A 73 -1.00 -1.16 7.11
CA GLN A 73 -1.06 -2.47 6.49
C GLN A 73 -1.72 -2.38 5.11
N VAL A 74 -1.03 -2.95 4.13
CA VAL A 74 -1.53 -2.94 2.76
C VAL A 74 -2.31 -4.24 2.50
N LEU A 75 -3.61 -4.09 2.37
CA LEU A 75 -4.48 -5.22 2.12
C LEU A 75 -4.26 -5.72 0.69
N GLU A 76 -4.36 -4.79 -0.24
CA GLU A 76 -4.17 -5.11 -1.65
C GLU A 76 -3.49 -3.95 -2.38
N TRP A 77 -2.74 -4.30 -3.41
CA TRP A 77 -2.03 -3.31 -4.19
C TRP A 77 -2.47 -3.46 -5.65
N ASN A 78 -2.79 -2.32 -6.26
CA ASN A 78 -3.22 -2.31 -7.65
C ASN A 78 -4.22 -3.45 -7.87
N GLY A 79 -4.93 -3.79 -6.80
CA GLY A 79 -5.92 -4.86 -6.87
C GLY A 79 -5.27 -6.22 -6.57
N ILE A 80 -4.03 -6.36 -7.00
CA ILE A 80 -3.29 -7.59 -6.79
C ILE A 80 -3.07 -7.80 -5.29
N PRO A 81 -3.55 -8.96 -4.79
CA PRO A 81 -3.40 -9.29 -3.39
C PRO A 81 -1.96 -9.70 -3.06
N LEU A 82 -1.22 -8.75 -2.53
CA LEU A 82 0.17 -9.00 -2.18
C LEU A 82 0.24 -9.65 -0.80
N THR A 83 -0.95 -9.96 -0.28
CA THR A 83 -1.04 -10.59 1.03
C THR A 83 -0.72 -12.09 0.93
N SER A 84 -0.10 -12.60 1.99
CA SER A 84 0.27 -14.00 2.03
C SER A 84 1.31 -14.30 0.94
N LYS A 85 2.12 -13.30 0.63
CA LYS A 85 3.14 -13.43 -0.39
C LYS A 85 4.52 -13.33 0.27
N THR A 86 5.48 -12.91 -0.53
CA THR A 86 6.85 -12.75 -0.05
C THR A 86 7.42 -11.39 -0.45
N TYR A 87 8.30 -10.88 0.39
CA TYR A 87 8.92 -9.59 0.14
C TYR A 87 9.24 -9.41 -1.35
N GLU A 88 9.78 -10.47 -1.93
CA GLU A 88 10.13 -10.45 -3.35
C GLU A 88 8.88 -10.32 -4.21
N GLU A 89 8.07 -11.37 -4.18
CA GLU A 89 6.84 -11.38 -4.95
C GLU A 89 6.17 -10.01 -4.91
N VAL A 90 5.72 -9.64 -3.72
CA VAL A 90 5.06 -8.35 -3.53
C VAL A 90 5.78 -7.29 -4.36
N GLN A 91 7.05 -7.06 -4.01
CA GLN A 91 7.86 -6.09 -4.70
C GLN A 91 7.63 -6.17 -6.21
N SER A 92 8.00 -7.31 -6.77
CA SER A 92 7.84 -7.54 -8.19
C SER A 92 6.45 -7.06 -8.65
N ILE A 93 5.46 -7.41 -7.84
CA ILE A 93 4.09 -7.02 -8.14
C ILE A 93 3.98 -5.50 -8.15
N ILE A 94 4.64 -4.88 -7.17
CA ILE A 94 4.62 -3.44 -7.05
C ILE A 94 5.55 -2.83 -8.11
N SER A 95 6.84 -3.09 -7.93
CA SER A 95 7.83 -2.58 -8.86
C SER A 95 7.57 -3.12 -10.27
N GLN A 96 6.66 -2.45 -10.96
CA GLN A 96 6.31 -2.85 -12.31
C GLN A 96 5.30 -1.87 -12.92
N GLN A 97 4.28 -1.57 -12.12
CA GLN A 97 3.24 -0.66 -12.56
C GLN A 97 3.85 0.69 -12.94
N SER A 98 3.01 1.55 -13.50
CA SER A 98 3.46 2.88 -13.90
C SER A 98 2.25 3.81 -14.04
N GLY A 99 2.50 5.09 -13.78
CA GLY A 99 1.45 6.09 -13.86
C GLY A 99 0.69 6.20 -12.55
N GLU A 100 -0.21 5.25 -12.34
CA GLU A 100 -1.02 5.23 -11.12
C GLU A 100 -1.20 3.79 -10.64
N ALA A 101 -1.33 3.66 -9.32
CA ALA A 101 -1.51 2.35 -8.72
C ALA A 101 -2.53 2.45 -7.58
N GLU A 102 -3.31 1.39 -7.43
CA GLU A 102 -4.33 1.35 -6.39
C GLU A 102 -3.75 0.74 -5.11
N ILE A 103 -4.32 1.15 -3.99
CA ILE A 103 -3.88 0.65 -2.70
C ILE A 103 -5.07 0.60 -1.74
N CYS A 104 -5.00 -0.34 -0.81
CA CYS A 104 -6.06 -0.50 0.17
C CYS A 104 -5.42 -0.64 1.56
N VAL A 105 -5.60 0.39 2.37
CA VAL A 105 -5.04 0.39 3.71
C VAL A 105 -6.18 0.46 4.73
N ARG A 106 -5.97 -0.23 5.84
CA ARG A 106 -6.97 -0.25 6.90
C ARG A 106 -6.77 0.92 7.85
N LEU A 107 -7.81 1.72 7.99
CA LEU A 107 -7.77 2.88 8.86
C LEU A 107 -7.18 2.47 10.21
N ASP A 108 -7.89 1.56 10.87
CA ASP A 108 -7.45 1.09 12.18
C ASP A 108 -6.22 0.20 12.00
N LEU A 109 -5.65 -0.21 13.13
CA LEU A 109 -4.48 -1.06 13.10
C LEU A 109 -3.27 -0.24 12.64
N ASN A 110 -2.10 -0.87 12.73
CA ASN A 110 -0.87 -0.22 12.32
C ASN A 110 0.32 -1.12 12.67
N MET A 111 1.05 -1.50 11.63
CA MET A 111 2.21 -2.35 11.81
C MET A 111 3.41 -1.56 12.35
N SER A 112 4.11 -2.17 13.28
CA SER A 112 5.27 -1.54 13.88
C SER A 112 6.47 -1.63 12.93
N GLY A 113 7.22 -0.54 12.86
CA GLY A 113 8.38 -0.49 12.00
C GLY A 113 9.45 0.43 12.58
N PRO A 114 10.47 0.75 11.73
CA PRO A 114 11.55 1.62 12.15
C PRO A 114 11.09 3.08 12.20
N SER A 115 11.71 3.83 13.11
CA SER A 115 11.38 5.23 13.27
C SER A 115 12.52 6.11 12.74
N SER A 116 13.67 5.48 12.57
CA SER A 116 14.84 6.18 12.06
C SER A 116 15.89 5.18 11.57
N GLY A 117 16.88 5.71 10.88
CA GLY A 117 17.94 4.87 10.35
C GLY A 117 17.38 3.76 9.45
N GLY A 1 -31.42 -0.66 -10.08
CA GLY A 1 -31.34 0.60 -9.36
C GLY A 1 -31.16 0.37 -7.86
N SER A 2 -29.93 0.06 -7.49
CA SER A 2 -29.62 -0.19 -6.08
C SER A 2 -28.11 -0.44 -5.93
N SER A 3 -27.46 0.47 -5.21
CA SER A 3 -26.04 0.36 -4.97
C SER A 3 -25.28 0.48 -6.29
N GLY A 4 -24.00 0.80 -6.19
CA GLY A 4 -23.16 0.95 -7.36
C GLY A 4 -22.05 -0.10 -7.37
N SER A 5 -21.02 0.17 -8.17
CA SER A 5 -19.89 -0.74 -8.27
C SER A 5 -19.02 -0.65 -7.02
N SER A 6 -18.08 -1.56 -6.93
CA SER A 6 -17.18 -1.59 -5.80
C SER A 6 -17.95 -1.85 -4.51
N GLY A 7 -17.28 -2.50 -3.56
CA GLY A 7 -17.91 -2.82 -2.30
C GLY A 7 -17.13 -2.20 -1.13
N HIS A 8 -17.18 -2.88 0.01
CA HIS A 8 -16.48 -2.42 1.19
C HIS A 8 -16.33 -3.56 2.19
N TYR A 9 -15.12 -3.68 2.71
CA TYR A 9 -14.83 -4.74 3.68
C TYR A 9 -15.59 -4.52 4.99
N ILE A 10 -15.49 -5.50 5.87
CA ILE A 10 -16.16 -5.43 7.15
C ILE A 10 -15.37 -4.52 8.09
N PHE A 11 -14.13 -4.27 7.70
CA PHE A 11 -13.27 -3.41 8.50
C PHE A 11 -13.04 -2.06 7.82
N PRO A 12 -12.58 -1.08 8.63
CA PRO A 12 -12.32 0.26 8.12
C PRO A 12 -11.04 0.29 7.30
N HIS A 13 -11.19 0.70 6.04
CA HIS A 13 -10.06 0.78 5.14
C HIS A 13 -10.18 2.04 4.27
N ALA A 14 -9.07 2.40 3.65
CA ALA A 14 -9.03 3.58 2.80
C ALA A 14 -8.44 3.21 1.45
N ARG A 15 -9.32 3.07 0.46
CA ARG A 15 -8.89 2.72 -0.88
C ARG A 15 -8.64 3.98 -1.71
N ILE A 16 -7.40 4.46 -1.63
CA ILE A 16 -7.01 5.65 -2.37
C ILE A 16 -5.92 5.29 -3.38
N LYS A 17 -6.08 5.82 -4.58
CA LYS A 17 -5.12 5.56 -5.65
C LYS A 17 -3.99 6.59 -5.56
N ILE A 18 -2.77 6.10 -5.74
CA ILE A 18 -1.61 6.96 -5.69
C ILE A 18 -1.68 7.97 -6.84
N THR A 19 -1.67 9.24 -6.47
CA THR A 19 -1.72 10.31 -7.45
C THR A 19 -0.43 11.12 -7.43
N ARG A 20 0.03 11.46 -8.63
CA ARG A 20 1.26 12.23 -8.76
C ARG A 20 0.93 13.72 -8.94
N ASP A 21 1.90 14.55 -8.60
CA ASP A 21 1.73 15.99 -8.72
C ASP A 21 2.33 16.47 -10.03
N SER A 22 1.79 17.56 -10.54
CA SER A 22 2.26 18.13 -11.79
C SER A 22 3.80 18.10 -11.83
N LYS A 23 4.33 17.71 -12.98
CA LYS A 23 5.76 17.64 -13.15
C LYS A 23 6.12 18.10 -14.57
N ASP A 24 5.50 17.45 -15.54
CA ASP A 24 5.74 17.77 -16.94
C ASP A 24 7.14 17.33 -17.32
N HIS A 25 8.13 17.96 -16.69
CA HIS A 25 9.52 17.64 -16.96
C HIS A 25 9.77 16.15 -16.70
N THR A 26 10.97 15.72 -17.05
CA THR A 26 11.33 14.33 -16.86
C THR A 26 10.46 13.41 -17.72
N VAL A 27 11.09 12.42 -18.32
CA VAL A 27 10.39 11.47 -19.16
C VAL A 27 9.40 10.67 -18.31
N SER A 28 8.60 9.85 -18.99
CA SER A 28 7.62 9.03 -18.32
C SER A 28 8.15 7.60 -18.18
N GLY A 29 8.86 7.37 -17.08
CA GLY A 29 9.43 6.05 -16.82
C GLY A 29 9.09 5.59 -15.41
N ASN A 30 10.11 5.10 -14.72
CA ASN A 30 9.93 4.62 -13.36
C ASN A 30 9.45 5.77 -12.47
N GLY A 31 8.17 5.71 -12.13
CA GLY A 31 7.57 6.74 -11.30
C GLY A 31 6.98 6.13 -10.02
N LEU A 32 6.45 6.99 -9.17
CA LEU A 32 5.86 6.56 -7.93
C LEU A 32 6.96 6.10 -6.97
N GLY A 33 6.73 6.35 -5.69
CA GLY A 33 7.70 5.97 -4.66
C GLY A 33 6.99 5.48 -3.40
N ILE A 34 7.06 4.17 -3.19
CA ILE A 34 6.44 3.56 -2.03
C ILE A 34 7.17 2.26 -1.68
N ARG A 35 7.58 2.15 -0.44
CA ARG A 35 8.28 0.97 0.03
C ARG A 35 7.34 0.10 0.87
N ILE A 36 6.92 -1.00 0.28
CA ILE A 36 6.02 -1.93 0.96
C ILE A 36 6.72 -3.28 1.10
N VAL A 37 6.91 -3.68 2.35
CA VAL A 37 7.55 -4.96 2.64
C VAL A 37 6.49 -6.05 2.76
N GLY A 38 6.70 -7.13 2.03
CA GLY A 38 5.77 -8.24 2.05
C GLY A 38 6.39 -9.46 2.75
N GLY A 39 5.58 -10.12 3.55
CA GLY A 39 6.02 -11.29 4.28
C GLY A 39 6.03 -11.04 5.79
N LYS A 40 5.52 -9.88 6.16
CA LYS A 40 5.46 -9.51 7.57
C LYS A 40 4.19 -10.08 8.18
N GLU A 41 4.31 -10.49 9.44
CA GLU A 41 3.18 -11.06 10.15
C GLU A 41 2.21 -9.96 10.58
N ILE A 42 0.95 -10.16 10.23
CA ILE A 42 -0.08 -9.19 10.56
C ILE A 42 -0.37 -9.25 12.07
N PRO A 43 -0.08 -8.12 12.74
CA PRO A 43 -0.30 -8.03 14.18
C PRO A 43 -1.79 -7.89 14.50
N GLY A 44 -2.55 -8.90 14.09
CA GLY A 44 -3.98 -8.90 14.32
C GLY A 44 -4.58 -10.28 14.01
N HIS A 45 -4.23 -10.79 12.84
CA HIS A 45 -4.73 -12.09 12.41
C HIS A 45 -4.03 -13.19 13.21
N SER A 46 -4.71 -14.33 13.30
CA SER A 46 -4.17 -15.46 14.04
C SER A 46 -2.69 -15.63 13.71
N GLY A 47 -2.37 -15.44 12.44
CA GLY A 47 -0.99 -15.58 11.99
C GLY A 47 -0.92 -15.71 10.47
N GLU A 48 -0.92 -14.56 9.80
CA GLU A 48 -0.86 -14.54 8.35
C GLU A 48 0.06 -13.41 7.89
N ILE A 49 0.80 -13.70 6.82
CA ILE A 49 1.72 -12.72 6.26
C ILE A 49 1.00 -11.89 5.20
N GLY A 50 1.52 -10.69 4.97
CA GLY A 50 0.94 -9.79 4.00
C GLY A 50 1.97 -8.77 3.51
N ALA A 51 1.59 -7.50 3.61
CA ALA A 51 2.46 -6.43 3.18
C ALA A 51 2.11 -5.15 3.96
N TYR A 52 3.14 -4.36 4.23
CA TYR A 52 2.96 -3.12 4.95
C TYR A 52 3.92 -2.04 4.46
N ILE A 53 3.46 -0.80 4.51
CA ILE A 53 4.27 0.32 4.09
C ILE A 53 5.45 0.50 5.05
N ALA A 54 6.64 0.43 4.48
CA ALA A 54 7.86 0.58 5.28
C ALA A 54 8.20 2.06 5.40
N LYS A 55 8.25 2.73 4.26
CA LYS A 55 8.55 4.15 4.21
C LYS A 55 7.93 4.77 2.98
N ILE A 56 7.51 6.02 3.12
CA ILE A 56 6.89 6.75 2.02
C ILE A 56 7.97 7.51 1.25
N LEU A 57 8.52 6.84 0.25
CA LEU A 57 9.56 7.46 -0.57
C LEU A 57 9.21 8.92 -0.82
N PRO A 58 10.26 9.78 -0.75
CA PRO A 58 10.07 11.20 -0.96
C PRO A 58 9.87 11.52 -2.45
N GLY A 59 8.61 11.66 -2.83
CA GLY A 59 8.28 11.96 -4.22
C GLY A 59 7.12 12.95 -4.30
N GLY A 60 5.98 12.54 -3.74
CA GLY A 60 4.81 13.39 -3.74
C GLY A 60 3.62 12.67 -4.39
N SER A 61 3.85 11.42 -4.75
CA SER A 61 2.82 10.61 -5.37
C SER A 61 1.90 10.02 -4.30
N ALA A 62 2.52 9.32 -3.36
CA ALA A 62 1.77 8.70 -2.27
C ALA A 62 1.83 9.60 -1.04
N GLU A 63 2.87 10.42 -0.99
CA GLU A 63 3.05 11.33 0.13
C GLU A 63 2.00 12.44 0.07
N GLN A 64 1.45 12.64 -1.12
CA GLN A 64 0.43 13.67 -1.31
C GLN A 64 -0.90 13.22 -0.71
N THR A 65 -1.34 12.05 -1.15
CA THR A 65 -2.60 11.50 -0.66
C THR A 65 -2.78 11.82 0.82
N GLY A 66 -1.77 11.45 1.59
CA GLY A 66 -1.81 11.68 3.03
C GLY A 66 -2.45 10.50 3.76
N LYS A 67 -3.51 9.99 3.16
CA LYS A 67 -4.23 8.85 3.74
C LYS A 67 -3.26 7.69 3.94
N LEU A 68 -2.15 7.75 3.21
CA LEU A 68 -1.14 6.71 3.30
C LEU A 68 -0.24 6.98 4.50
N MET A 69 -0.03 5.93 5.28
CA MET A 69 0.80 6.03 6.47
C MET A 69 1.66 4.78 6.66
N GLU A 70 2.84 4.98 7.21
CA GLU A 70 3.76 3.88 7.43
C GLU A 70 3.17 2.90 8.45
N GLY A 71 3.59 1.64 8.33
CA GLY A 71 3.11 0.61 9.22
C GLY A 71 1.72 0.12 8.81
N MET A 72 1.20 0.76 7.77
CA MET A 72 -0.11 0.40 7.26
C MET A 72 -0.07 -0.94 6.53
N GLN A 73 -0.94 -1.85 6.97
CA GLN A 73 -1.01 -3.17 6.37
C GLN A 73 -1.66 -3.08 4.99
N VAL A 74 -0.83 -3.20 3.97
CA VAL A 74 -1.30 -3.15 2.60
C VAL A 74 -2.06 -4.44 2.28
N LEU A 75 -3.36 -4.29 2.11
CA LEU A 75 -4.21 -5.42 1.80
C LEU A 75 -4.06 -5.78 0.33
N GLU A 76 -4.36 -4.80 -0.52
CA GLU A 76 -4.26 -4.98 -1.95
C GLU A 76 -3.51 -3.82 -2.60
N TRP A 77 -2.95 -4.09 -3.77
CA TRP A 77 -2.20 -3.07 -4.49
C TRP A 77 -2.43 -3.30 -5.99
N ASN A 78 -3.09 -2.32 -6.60
CA ASN A 78 -3.38 -2.40 -8.03
C ASN A 78 -4.25 -3.64 -8.30
N GLY A 79 -5.09 -3.96 -7.33
CA GLY A 79 -5.98 -5.11 -7.46
C GLY A 79 -5.31 -6.37 -6.91
N ILE A 80 -4.06 -6.57 -7.32
CA ILE A 80 -3.31 -7.74 -6.88
C ILE A 80 -3.05 -7.63 -5.38
N PRO A 81 -3.53 -8.66 -4.64
CA PRO A 81 -3.35 -8.69 -3.19
C PRO A 81 -1.91 -9.05 -2.82
N LEU A 82 -1.52 -8.64 -1.63
CA LEU A 82 -0.17 -8.90 -1.14
C LEU A 82 -0.26 -9.81 0.09
N THR A 83 -1.23 -10.71 0.06
CA THR A 83 -1.42 -11.63 1.16
C THR A 83 -1.00 -13.04 0.76
N SER A 84 -0.32 -13.71 1.68
CA SER A 84 0.14 -15.08 1.43
C SER A 84 1.24 -15.06 0.38
N LYS A 85 2.04 -14.00 0.41
CA LYS A 85 3.13 -13.86 -0.53
C LYS A 85 4.44 -13.65 0.24
N THR A 86 5.41 -13.08 -0.44
CA THR A 86 6.71 -12.83 0.16
C THR A 86 7.28 -11.50 -0.35
N TYR A 87 8.26 -10.99 0.39
CA TYR A 87 8.90 -9.75 0.03
C TYR A 87 9.08 -9.64 -1.49
N GLU A 88 9.83 -10.58 -2.03
CA GLU A 88 10.09 -10.61 -3.46
C GLU A 88 8.78 -10.51 -4.24
N GLU A 89 8.01 -11.58 -4.18
CA GLU A 89 6.73 -11.62 -4.87
C GLU A 89 6.02 -10.26 -4.77
N VAL A 90 5.63 -9.93 -3.54
CA VAL A 90 4.96 -8.67 -3.30
C VAL A 90 5.61 -7.56 -4.12
N GLN A 91 6.89 -7.35 -3.85
CA GLN A 91 7.64 -6.33 -4.55
C GLN A 91 7.30 -6.36 -6.05
N SER A 92 7.63 -7.47 -6.68
CA SER A 92 7.36 -7.63 -8.11
C SER A 92 5.97 -7.07 -8.44
N ILE A 93 4.99 -7.53 -7.68
CA ILE A 93 3.62 -7.08 -7.89
C ILE A 93 3.58 -5.56 -7.88
N ILE A 94 4.34 -4.98 -6.96
CA ILE A 94 4.40 -3.54 -6.83
C ILE A 94 5.30 -2.97 -7.93
N SER A 95 6.58 -3.35 -7.85
CA SER A 95 7.55 -2.88 -8.82
C SER A 95 7.21 -3.43 -10.21
N GLN A 96 6.45 -2.63 -10.96
CA GLN A 96 6.05 -3.01 -12.29
C GLN A 96 5.10 -1.96 -12.87
N GLN A 97 4.03 -1.69 -12.15
CA GLN A 97 3.05 -0.72 -12.58
C GLN A 97 3.73 0.60 -12.92
N SER A 98 2.92 1.54 -13.40
CA SER A 98 3.44 2.85 -13.77
C SER A 98 2.36 3.92 -13.55
N GLY A 99 2.82 5.13 -13.27
CA GLY A 99 1.91 6.24 -13.03
C GLY A 99 0.93 5.91 -11.90
N GLU A 100 0.02 6.85 -11.66
CA GLU A 100 -0.97 6.68 -10.62
C GLU A 100 -1.47 5.24 -10.58
N ALA A 101 -1.56 4.70 -9.37
CA ALA A 101 -2.02 3.34 -9.20
C ALA A 101 -3.04 3.30 -8.05
N GLU A 102 -3.54 2.09 -7.80
CA GLU A 102 -4.53 1.90 -6.75
C GLU A 102 -3.85 1.39 -5.48
N ILE A 103 -4.50 1.63 -4.35
CA ILE A 103 -3.98 1.21 -3.06
C ILE A 103 -5.13 0.72 -2.19
N CYS A 104 -4.79 -0.17 -1.26
CA CYS A 104 -5.78 -0.73 -0.36
C CYS A 104 -5.08 -1.06 0.96
N VAL A 105 -5.23 -0.16 1.92
CA VAL A 105 -4.63 -0.36 3.23
C VAL A 105 -5.72 -0.33 4.30
N ARG A 106 -5.39 -0.87 5.46
CA ARG A 106 -6.32 -0.92 6.57
C ARG A 106 -6.18 0.34 7.43
N LEU A 107 -7.33 0.93 7.74
CA LEU A 107 -7.36 2.13 8.56
C LEU A 107 -6.85 1.80 9.96
N ASP A 108 -7.57 0.91 10.62
CA ASP A 108 -7.22 0.50 11.96
C ASP A 108 -6.10 -0.54 11.89
N LEU A 109 -5.42 -0.72 13.01
CA LEU A 109 -4.34 -1.68 13.09
C LEU A 109 -3.15 -1.18 12.27
N ASN A 110 -2.00 -1.13 12.91
CA ASN A 110 -0.78 -0.67 12.25
C ASN A 110 0.38 -1.57 12.67
N MET A 111 1.27 -1.81 11.71
CA MET A 111 2.43 -2.65 11.96
C MET A 111 3.62 -1.80 12.44
N SER A 112 4.01 -2.03 13.69
CA SER A 112 5.12 -1.30 14.27
C SER A 112 6.39 -2.17 14.25
N GLY A 113 6.33 -3.25 15.02
CA GLY A 113 7.46 -4.16 15.10
C GLY A 113 8.57 -3.59 15.99
N PRO A 114 9.84 -3.90 15.59
CA PRO A 114 10.99 -3.42 16.35
C PRO A 114 11.23 -1.93 16.10
N SER A 115 11.85 -1.30 17.08
CA SER A 115 12.15 0.13 16.98
C SER A 115 13.56 0.40 17.50
N SER A 116 14.50 0.45 16.57
CA SER A 116 15.89 0.70 16.92
C SER A 116 16.48 -0.51 17.64
N GLY A 117 15.86 -0.84 18.77
CA GLY A 117 16.32 -1.97 19.55
C GLY A 117 17.57 -1.61 20.35
N GLY A 1 -24.20 7.24 -11.27
CA GLY A 1 -23.42 6.07 -11.65
C GLY A 1 -22.21 5.91 -10.73
N SER A 2 -22.46 5.27 -9.59
CA SER A 2 -21.39 5.03 -8.63
C SER A 2 -21.10 3.53 -8.53
N SER A 3 -19.83 3.23 -8.33
CA SER A 3 -19.40 1.85 -8.21
C SER A 3 -18.74 1.62 -6.86
N GLY A 4 -19.38 0.77 -6.05
CA GLY A 4 -18.86 0.46 -4.74
C GLY A 4 -19.17 1.58 -3.74
N SER A 5 -19.88 1.21 -2.69
CA SER A 5 -20.25 2.18 -1.66
C SER A 5 -20.71 1.46 -0.40
N SER A 6 -19.93 1.62 0.66
CA SER A 6 -20.25 0.99 1.93
C SER A 6 -20.43 -0.52 1.73
N GLY A 7 -19.31 -1.22 1.71
CA GLY A 7 -19.33 -2.66 1.54
C GLY A 7 -17.97 -3.17 1.02
N HIS A 8 -16.96 -3.01 1.85
CA HIS A 8 -15.62 -3.44 1.50
C HIS A 8 -15.12 -4.46 2.52
N TYR A 9 -15.05 -4.01 3.77
CA TYR A 9 -14.59 -4.86 4.85
C TYR A 9 -15.28 -4.50 6.17
N ILE A 10 -14.97 -5.28 7.19
CA ILE A 10 -15.56 -5.05 8.51
C ILE A 10 -14.73 -4.00 9.26
N PHE A 11 -13.59 -3.66 8.66
CA PHE A 11 -12.71 -2.67 9.26
C PHE A 11 -12.66 -1.40 8.41
N PRO A 12 -12.19 -0.30 9.05
CA PRO A 12 -12.10 0.98 8.37
C PRO A 12 -10.92 1.00 7.41
N HIS A 13 -11.23 1.23 6.14
CA HIS A 13 -10.20 1.28 5.11
C HIS A 13 -10.41 2.52 4.23
N ALA A 14 -9.37 2.86 3.49
CA ALA A 14 -9.41 4.01 2.62
C ALA A 14 -8.90 3.63 1.24
N ARG A 15 -9.83 3.44 0.32
CA ARG A 15 -9.48 3.06 -1.04
C ARG A 15 -9.16 4.31 -1.87
N ILE A 16 -7.86 4.62 -1.95
CA ILE A 16 -7.41 5.78 -2.69
C ILE A 16 -6.29 5.36 -3.65
N LYS A 17 -6.36 5.89 -4.86
CA LYS A 17 -5.35 5.58 -5.87
C LYS A 17 -4.11 6.43 -5.62
N ILE A 18 -3.09 6.18 -6.42
CA ILE A 18 -1.84 6.92 -6.31
C ILE A 18 -1.41 7.42 -7.69
N THR A 19 -1.21 8.72 -7.78
CA THR A 19 -0.81 9.34 -9.03
C THR A 19 0.63 9.86 -8.93
N ARG A 20 1.31 9.84 -10.06
CA ARG A 20 2.69 10.30 -10.12
C ARG A 20 2.74 11.75 -10.62
N ASP A 21 2.34 11.91 -11.88
CA ASP A 21 2.34 13.23 -12.49
C ASP A 21 3.78 13.73 -12.63
N SER A 22 4.33 13.53 -13.82
CA SER A 22 5.69 13.95 -14.10
C SER A 22 5.74 14.76 -15.39
N LYS A 23 6.95 15.20 -15.74
CA LYS A 23 7.14 15.98 -16.95
C LYS A 23 7.82 15.12 -18.02
N ASP A 24 9.00 14.63 -17.67
CA ASP A 24 9.76 13.80 -18.58
C ASP A 24 8.92 12.57 -18.96
N HIS A 25 9.27 11.99 -20.09
CA HIS A 25 8.56 10.81 -20.58
C HIS A 25 9.12 9.56 -19.90
N THR A 26 10.40 9.30 -20.17
CA THR A 26 11.07 8.15 -19.60
C THR A 26 12.33 8.58 -18.84
N VAL A 27 13.22 9.24 -19.57
CA VAL A 27 14.45 9.72 -18.98
C VAL A 27 14.16 10.35 -17.62
N SER A 28 15.04 10.05 -16.67
CA SER A 28 14.89 10.59 -15.34
C SER A 28 13.52 10.20 -14.76
N GLY A 29 13.56 9.19 -13.90
CA GLY A 29 12.33 8.70 -13.27
C GLY A 29 12.53 8.52 -11.76
N ASN A 30 11.78 9.31 -11.01
CA ASN A 30 11.85 9.25 -9.56
C ASN A 30 11.01 8.07 -9.06
N GLY A 31 9.76 8.05 -9.48
CA GLY A 31 8.86 6.99 -9.09
C GLY A 31 7.80 7.51 -8.11
N LEU A 32 6.80 6.67 -7.85
CA LEU A 32 5.73 7.03 -6.95
C LEU A 32 6.34 7.55 -5.64
N GLY A 33 7.26 6.76 -5.10
CA GLY A 33 7.92 7.12 -3.85
C GLY A 33 7.24 6.45 -2.66
N ILE A 34 7.21 5.13 -2.71
CA ILE A 34 6.60 4.35 -1.64
C ILE A 34 7.37 3.05 -1.46
N ARG A 35 7.63 2.71 -0.19
CA ARG A 35 8.36 1.50 0.13
C ARG A 35 7.43 0.50 0.83
N ILE A 36 7.21 -0.62 0.15
CA ILE A 36 6.36 -1.66 0.68
C ILE A 36 7.16 -2.96 0.81
N VAL A 37 7.07 -3.56 1.98
CA VAL A 37 7.78 -4.81 2.24
C VAL A 37 6.77 -5.91 2.51
N GLY A 38 6.98 -7.05 1.84
CA GLY A 38 6.10 -8.19 2.00
C GLY A 38 6.66 -9.19 3.02
N GLY A 39 5.93 -10.28 3.19
CA GLY A 39 6.34 -11.31 4.12
C GLY A 39 6.62 -10.71 5.51
N LYS A 40 5.65 -9.95 5.99
CA LYS A 40 5.78 -9.33 7.30
C LYS A 40 4.62 -9.78 8.19
N GLU A 41 4.97 -10.17 9.41
CA GLU A 41 3.97 -10.63 10.36
C GLU A 41 3.03 -9.48 10.74
N ILE A 42 1.75 -9.75 10.60
CA ILE A 42 0.74 -8.75 10.92
C ILE A 42 0.40 -8.83 12.41
N PRO A 43 0.20 -7.63 13.02
CA PRO A 43 -0.11 -7.55 14.43
C PRO A 43 -1.57 -7.95 14.69
N GLY A 44 -2.45 -7.40 13.87
CA GLY A 44 -3.87 -7.68 14.00
C GLY A 44 -4.13 -9.19 13.90
N HIS A 45 -3.93 -9.71 12.70
CA HIS A 45 -4.15 -11.14 12.46
C HIS A 45 -3.54 -11.94 13.61
N SER A 46 -3.93 -13.21 13.67
CA SER A 46 -3.45 -14.10 14.70
C SER A 46 -2.01 -14.52 14.40
N GLY A 47 -1.78 -14.86 13.13
CA GLY A 47 -0.46 -15.28 12.70
C GLY A 47 -0.42 -15.45 11.18
N GLU A 48 -0.20 -14.34 10.50
CA GLU A 48 -0.13 -14.36 9.05
C GLU A 48 0.75 -13.22 8.54
N ILE A 49 1.39 -13.45 7.40
CA ILE A 49 2.26 -12.45 6.81
C ILE A 49 1.50 -11.72 5.71
N GLY A 50 1.99 -10.52 5.40
CA GLY A 50 1.37 -9.71 4.36
C GLY A 50 2.34 -8.64 3.86
N ALA A 51 1.76 -7.60 3.26
CA ALA A 51 2.56 -6.50 2.73
C ALA A 51 2.13 -5.19 3.40
N TYR A 52 3.11 -4.35 3.68
CA TYR A 52 2.84 -3.06 4.31
C TYR A 52 3.88 -2.03 3.90
N ILE A 53 3.52 -0.77 4.12
CA ILE A 53 4.41 0.32 3.78
C ILE A 53 5.52 0.43 4.82
N ALA A 54 6.72 0.05 4.41
CA ALA A 54 7.87 0.09 5.30
C ALA A 54 8.11 1.53 5.75
N LYS A 55 8.26 2.40 4.78
CA LYS A 55 8.49 3.81 5.05
C LYS A 55 8.03 4.65 3.86
N ILE A 56 7.28 5.70 4.17
CA ILE A 56 6.78 6.58 3.14
C ILE A 56 7.84 7.63 2.79
N LEU A 57 8.35 7.52 1.57
CA LEU A 57 9.37 8.44 1.11
C LEU A 57 9.03 9.86 1.56
N PRO A 58 10.05 10.75 1.51
CA PRO A 58 9.85 12.14 1.91
C PRO A 58 9.09 12.91 0.84
N GLY A 59 7.80 13.07 1.09
CA GLY A 59 6.95 13.79 0.15
C GLY A 59 6.73 12.99 -1.13
N GLY A 60 6.64 11.68 -0.96
CA GLY A 60 6.44 10.79 -2.11
C GLY A 60 5.04 10.94 -2.67
N SER A 61 4.58 9.88 -3.33
CA SER A 61 3.26 9.87 -3.92
C SER A 61 2.20 9.60 -2.85
N ALA A 62 2.44 8.54 -2.09
CA ALA A 62 1.52 8.16 -1.02
C ALA A 62 1.31 9.35 -0.08
N GLU A 63 2.43 9.99 0.26
CA GLU A 63 2.39 11.14 1.15
C GLU A 63 1.67 12.31 0.47
N GLN A 64 1.79 12.36 -0.85
CA GLN A 64 1.16 13.42 -1.62
C GLN A 64 -0.35 13.40 -1.41
N THR A 65 -0.95 12.26 -1.72
CA THR A 65 -2.38 12.10 -1.57
C THR A 65 -2.85 12.72 -0.25
N GLY A 66 -2.17 12.35 0.82
CA GLY A 66 -2.50 12.86 2.13
C GLY A 66 -3.37 11.87 2.91
N LYS A 67 -3.32 10.62 2.47
CA LYS A 67 -4.08 9.56 3.11
C LYS A 67 -3.15 8.41 3.48
N LEU A 68 -2.27 8.07 2.55
CA LEU A 68 -1.33 7.00 2.77
C LEU A 68 -0.43 7.35 3.95
N MET A 69 -0.17 6.35 4.78
CA MET A 69 0.67 6.54 5.95
C MET A 69 1.68 5.40 6.10
N GLU A 70 2.55 5.54 7.08
CA GLU A 70 3.57 4.52 7.34
C GLU A 70 2.95 3.34 8.09
N GLY A 71 3.70 2.25 8.13
CA GLY A 71 3.24 1.05 8.81
C GLY A 71 1.77 0.78 8.52
N MET A 72 1.41 0.90 7.25
CA MET A 72 0.05 0.68 6.83
C MET A 72 -0.12 -0.69 6.17
N GLN A 73 -0.88 -1.55 6.84
CA GLN A 73 -1.13 -2.89 6.32
C GLN A 73 -1.77 -2.82 4.94
N VAL A 74 -0.99 -3.19 3.93
CA VAL A 74 -1.47 -3.18 2.57
C VAL A 74 -2.23 -4.47 2.29
N LEU A 75 -3.54 -4.35 2.16
CA LEU A 75 -4.39 -5.50 1.89
C LEU A 75 -4.21 -5.92 0.43
N GLU A 76 -4.50 -4.99 -0.46
CA GLU A 76 -4.38 -5.25 -1.88
C GLU A 76 -3.70 -4.08 -2.59
N TRP A 77 -3.00 -4.39 -3.67
CA TRP A 77 -2.30 -3.38 -4.43
C TRP A 77 -2.67 -3.56 -5.90
N ASN A 78 -3.17 -2.48 -6.49
CA ASN A 78 -3.57 -2.51 -7.90
C ASN A 78 -4.55 -3.66 -8.12
N GLY A 79 -5.30 -3.97 -7.07
CA GLY A 79 -6.28 -5.04 -7.15
C GLY A 79 -5.64 -6.39 -6.78
N ILE A 80 -4.41 -6.56 -7.23
CA ILE A 80 -3.67 -7.79 -6.96
C ILE A 80 -3.33 -7.85 -5.47
N PRO A 81 -3.74 -8.97 -4.82
CA PRO A 81 -3.47 -9.16 -3.41
C PRO A 81 -2.01 -9.53 -3.17
N LEU A 82 -1.46 -8.95 -2.10
CA LEU A 82 -0.07 -9.21 -1.76
C LEU A 82 0.00 -9.74 -0.32
N THR A 83 -1.12 -10.28 0.13
CA THR A 83 -1.19 -10.83 1.47
C THR A 83 -0.74 -12.29 1.48
N SER A 84 -0.08 -12.67 2.57
CA SER A 84 0.41 -14.03 2.72
C SER A 84 1.40 -14.35 1.59
N LYS A 85 2.09 -13.30 1.14
CA LYS A 85 3.07 -13.46 0.08
C LYS A 85 4.46 -13.22 0.64
N THR A 86 5.43 -13.18 -0.26
CA THR A 86 6.81 -12.94 0.13
C THR A 86 7.31 -11.61 -0.44
N TYR A 87 8.30 -11.04 0.25
CA TYR A 87 8.87 -9.78 -0.17
C TYR A 87 8.96 -9.70 -1.70
N GLU A 88 9.73 -10.62 -2.27
CA GLU A 88 9.91 -10.66 -3.71
C GLU A 88 8.56 -10.60 -4.41
N GLU A 89 7.77 -11.64 -4.22
CA GLU A 89 6.45 -11.72 -4.83
C GLU A 89 5.79 -10.35 -4.81
N VAL A 90 5.37 -9.94 -3.62
CA VAL A 90 4.71 -8.66 -3.45
C VAL A 90 5.41 -7.62 -4.32
N GLN A 91 6.68 -7.40 -4.03
CA GLN A 91 7.47 -6.44 -4.77
C GLN A 91 7.13 -6.51 -6.26
N SER A 92 7.43 -7.65 -6.85
CA SER A 92 7.15 -7.86 -8.27
C SER A 92 5.79 -7.28 -8.62
N ILE A 93 4.79 -7.68 -7.85
CA ILE A 93 3.43 -7.20 -8.07
C ILE A 93 3.42 -5.68 -8.09
N ILE A 94 4.19 -5.10 -7.18
CA ILE A 94 4.28 -3.66 -7.08
C ILE A 94 5.18 -3.13 -8.20
N SER A 95 6.44 -3.54 -8.13
CA SER A 95 7.41 -3.11 -9.13
C SER A 95 6.86 -3.34 -10.53
N GLN A 96 7.59 -2.84 -11.52
CA GLN A 96 7.18 -2.97 -12.90
C GLN A 96 6.02 -2.02 -13.21
N GLN A 97 4.94 -2.21 -12.46
CA GLN A 97 3.76 -1.38 -12.64
C GLN A 97 4.09 0.09 -12.37
N SER A 98 4.65 0.73 -13.37
CA SER A 98 5.03 2.13 -13.24
C SER A 98 3.79 3.02 -13.41
N GLY A 99 3.95 4.28 -13.05
CA GLY A 99 2.86 5.23 -13.16
C GLY A 99 1.86 5.06 -12.00
N GLU A 100 0.71 5.72 -12.14
CA GLU A 100 -0.32 5.65 -11.13
C GLU A 100 -0.64 4.19 -10.79
N ALA A 101 -1.42 4.01 -9.73
CA ALA A 101 -1.80 2.68 -9.30
C ALA A 101 -2.74 2.79 -8.10
N GLU A 102 -3.52 1.75 -7.90
CA GLU A 102 -4.47 1.72 -6.80
C GLU A 102 -3.85 1.00 -5.59
N ILE A 103 -4.30 1.41 -4.42
CA ILE A 103 -3.81 0.82 -3.18
C ILE A 103 -4.97 0.63 -2.21
N CYS A 104 -4.83 -0.38 -1.36
CA CYS A 104 -5.86 -0.68 -0.38
C CYS A 104 -5.18 -0.93 0.97
N VAL A 105 -5.25 0.07 1.83
CA VAL A 105 -4.65 -0.04 3.14
C VAL A 105 -5.72 0.16 4.22
N ARG A 106 -5.50 -0.47 5.36
CA ARG A 106 -6.44 -0.37 6.46
C ARG A 106 -6.18 0.90 7.27
N LEU A 107 -7.27 1.62 7.53
CA LEU A 107 -7.17 2.86 8.29
C LEU A 107 -6.63 2.56 9.68
N ASP A 108 -7.34 1.71 10.40
CA ASP A 108 -6.95 1.33 11.74
C ASP A 108 -5.87 0.25 11.67
N LEU A 109 -5.04 0.21 12.69
CA LEU A 109 -3.96 -0.77 12.74
C LEU A 109 -2.73 -0.22 12.04
N ASN A 110 -1.58 -0.44 12.64
CA ASN A 110 -0.32 0.03 12.07
C ASN A 110 0.79 -0.97 12.41
N MET A 111 1.73 -1.09 11.49
CA MET A 111 2.84 -2.00 11.67
C MET A 111 4.09 -1.25 12.15
N SER A 112 4.30 -1.30 13.46
CA SER A 112 5.44 -0.62 14.06
C SER A 112 6.69 -0.88 13.22
N GLY A 113 7.34 0.21 12.83
CA GLY A 113 8.55 0.11 12.03
C GLY A 113 9.65 1.01 12.59
N PRO A 114 10.89 0.80 12.08
CA PRO A 114 12.03 1.58 12.52
C PRO A 114 12.00 2.98 11.90
N SER A 115 11.89 3.97 12.78
CA SER A 115 11.86 5.36 12.34
C SER A 115 12.76 6.22 13.23
N SER A 116 13.03 7.42 12.74
CA SER A 116 13.88 8.35 13.48
C SER A 116 13.82 9.74 12.84
N GLY A 117 14.31 10.72 13.58
CA GLY A 117 14.33 12.09 13.10
C GLY A 117 13.03 12.81 13.48
N GLY A 1 -27.37 4.82 -4.52
CA GLY A 1 -27.56 4.68 -3.08
C GLY A 1 -26.73 3.52 -2.53
N SER A 2 -25.64 3.88 -1.86
CA SER A 2 -24.76 2.87 -1.27
C SER A 2 -24.00 3.47 -0.09
N SER A 3 -23.47 4.66 -0.32
CA SER A 3 -22.72 5.36 0.72
C SER A 3 -21.48 4.55 1.09
N GLY A 4 -21.67 3.63 2.04
CA GLY A 4 -20.59 2.79 2.50
C GLY A 4 -21.12 1.57 3.26
N SER A 5 -21.43 0.53 2.50
CA SER A 5 -21.94 -0.70 3.08
C SER A 5 -21.65 -1.88 2.17
N SER A 6 -22.29 -1.86 1.01
CA SER A 6 -22.11 -2.92 0.03
C SER A 6 -20.62 -3.21 -0.16
N GLY A 7 -20.30 -4.50 -0.20
CA GLY A 7 -18.92 -4.91 -0.39
C GLY A 7 -17.97 -4.02 0.42
N HIS A 8 -17.96 -4.25 1.72
CA HIS A 8 -17.11 -3.48 2.61
C HIS A 8 -16.65 -4.36 3.78
N TYR A 9 -15.35 -4.35 4.00
CA TYR A 9 -14.77 -5.15 5.07
C TYR A 9 -15.38 -4.77 6.42
N ILE A 10 -15.25 -5.69 7.37
CA ILE A 10 -15.78 -5.47 8.71
C ILE A 10 -14.99 -4.35 9.39
N PHE A 11 -13.81 -4.10 8.86
CA PHE A 11 -12.94 -3.07 9.40
C PHE A 11 -12.92 -1.83 8.50
N PRO A 12 -12.47 -0.70 9.09
CA PRO A 12 -12.39 0.56 8.35
C PRO A 12 -11.21 0.55 7.39
N HIS A 13 -11.52 0.74 6.11
CA HIS A 13 -10.49 0.77 5.08
C HIS A 13 -10.82 1.86 4.05
N ALA A 14 -9.89 2.04 3.13
CA ALA A 14 -10.05 3.04 2.09
C ALA A 14 -9.18 2.70 0.89
N ARG A 15 -9.78 2.73 -0.28
CA ARG A 15 -9.07 2.42 -1.50
C ARG A 15 -8.56 3.69 -2.16
N ILE A 16 -7.36 4.10 -1.77
CA ILE A 16 -6.75 5.29 -2.31
C ILE A 16 -5.88 4.92 -3.52
N LYS A 17 -5.57 5.93 -4.32
CA LYS A 17 -4.75 5.72 -5.50
C LYS A 17 -3.40 6.43 -5.31
N ILE A 18 -2.55 6.26 -6.30
CA ILE A 18 -1.22 6.88 -6.26
C ILE A 18 -0.88 7.44 -7.64
N THR A 19 -0.69 8.75 -7.68
CA THR A 19 -0.35 9.43 -8.91
C THR A 19 1.16 9.64 -9.02
N ARG A 20 1.63 9.75 -10.26
CA ARG A 20 3.05 9.94 -10.51
C ARG A 20 3.53 11.22 -9.84
N ASP A 21 4.79 11.19 -9.41
CA ASP A 21 5.37 12.35 -8.75
C ASP A 21 5.36 13.55 -9.70
N SER A 22 5.56 14.72 -9.13
CA SER A 22 5.58 15.94 -9.92
C SER A 22 7.00 16.49 -10.01
N LYS A 23 7.77 15.89 -10.89
CA LYS A 23 9.15 16.30 -11.09
C LYS A 23 9.73 15.61 -12.33
N ASP A 24 10.68 16.28 -12.95
CA ASP A 24 11.30 15.74 -14.15
C ASP A 24 12.66 16.44 -14.37
N HIS A 25 13.64 15.65 -14.77
CA HIS A 25 14.97 16.19 -15.02
C HIS A 25 15.28 16.10 -16.52
N THR A 26 15.45 14.88 -17.00
CA THR A 26 15.75 14.65 -18.40
C THR A 26 14.85 13.56 -18.97
N VAL A 27 14.80 12.45 -18.25
CA VAL A 27 13.99 11.32 -18.67
C VAL A 27 13.05 10.93 -17.53
N SER A 28 11.82 11.43 -17.62
CA SER A 28 10.82 11.14 -16.61
C SER A 28 11.19 11.83 -15.29
N GLY A 29 12.26 11.32 -14.67
CA GLY A 29 12.72 11.87 -13.41
C GLY A 29 12.25 11.01 -12.24
N ASN A 30 11.95 11.69 -11.13
CA ASN A 30 11.49 11.01 -9.94
C ASN A 30 10.38 10.02 -10.31
N GLY A 31 10.23 9.01 -9.47
CA GLY A 31 9.22 7.99 -9.70
C GLY A 31 8.32 7.82 -8.47
N LEU A 32 7.44 6.83 -8.55
CA LEU A 32 6.53 6.54 -7.45
C LEU A 32 7.34 6.32 -6.17
N GLY A 33 7.56 7.41 -5.45
CA GLY A 33 8.32 7.34 -4.21
C GLY A 33 7.49 6.66 -3.11
N ILE A 34 7.38 5.35 -3.23
CA ILE A 34 6.62 4.57 -2.26
C ILE A 34 7.37 3.27 -1.97
N ARG A 35 7.51 2.98 -0.69
CA ARG A 35 8.20 1.77 -0.26
C ARG A 35 7.22 0.81 0.41
N ILE A 36 6.87 -0.23 -0.33
CA ILE A 36 5.95 -1.23 0.18
C ILE A 36 6.65 -2.58 0.26
N VAL A 37 6.41 -3.27 1.37
CA VAL A 37 7.02 -4.57 1.58
C VAL A 37 5.95 -5.67 1.45
N GLY A 38 6.33 -6.87 1.83
CA GLY A 38 5.41 -8.00 1.76
C GLY A 38 5.99 -9.22 2.50
N GLY A 39 5.11 -10.18 2.76
CA GLY A 39 5.52 -11.39 3.44
C GLY A 39 5.99 -11.08 4.87
N LYS A 40 5.74 -9.85 5.29
CA LYS A 40 6.12 -9.42 6.62
C LYS A 40 5.04 -9.82 7.62
N GLU A 41 5.48 -10.40 8.72
CA GLU A 41 4.55 -10.83 9.76
C GLU A 41 3.65 -9.67 10.19
N ILE A 42 2.37 -9.99 10.35
CA ILE A 42 1.40 -8.98 10.76
C ILE A 42 1.33 -8.92 12.29
N PRO A 43 1.22 -7.68 12.81
CA PRO A 43 1.13 -7.47 14.24
C PRO A 43 -0.24 -7.87 14.79
N GLY A 44 -0.40 -9.17 14.99
CA GLY A 44 -1.66 -9.69 15.50
C GLY A 44 -2.55 -10.19 14.35
N HIS A 45 -2.27 -11.41 13.92
CA HIS A 45 -3.03 -12.02 12.85
C HIS A 45 -2.82 -13.54 12.86
N SER A 46 -2.94 -14.11 14.04
CA SER A 46 -2.76 -15.55 14.20
C SER A 46 -1.54 -16.02 13.40
N GLY A 47 -0.49 -15.21 13.45
CA GLY A 47 0.73 -15.53 12.74
C GLY A 47 0.48 -15.62 11.23
N GLU A 48 0.19 -14.46 10.64
CA GLU A 48 -0.07 -14.39 9.22
C GLU A 48 0.82 -13.33 8.57
N ILE A 49 1.33 -13.66 7.39
CA ILE A 49 2.19 -12.74 6.66
C ILE A 49 1.32 -11.83 5.80
N GLY A 50 1.71 -10.55 5.77
CA GLY A 50 0.99 -9.57 4.99
C GLY A 50 1.94 -8.53 4.40
N ALA A 51 1.35 -7.43 3.95
CA ALA A 51 2.14 -6.35 3.36
C ALA A 51 1.90 -5.06 4.15
N TYR A 52 2.99 -4.35 4.39
CA TYR A 52 2.90 -3.09 5.13
C TYR A 52 3.90 -2.07 4.57
N ILE A 53 3.46 -0.82 4.53
CA ILE A 53 4.30 0.26 4.04
C ILE A 53 5.50 0.42 4.96
N ALA A 54 6.65 0.01 4.45
CA ALA A 54 7.88 0.11 5.21
C ALA A 54 8.10 1.56 5.65
N LYS A 55 8.12 2.44 4.65
CA LYS A 55 8.31 3.85 4.92
C LYS A 55 7.75 4.68 3.76
N ILE A 56 7.26 5.86 4.09
CA ILE A 56 6.69 6.74 3.08
C ILE A 56 7.70 7.83 2.73
N LEU A 57 8.16 7.79 1.48
CA LEU A 57 9.13 8.77 1.02
C LEU A 57 8.74 10.16 1.53
N PRO A 58 9.78 11.00 1.77
CA PRO A 58 9.55 12.35 2.25
C PRO A 58 9.02 13.26 1.13
N GLY A 59 7.75 13.58 1.23
CA GLY A 59 7.12 14.43 0.23
C GLY A 59 7.16 13.78 -1.15
N GLY A 60 6.58 12.60 -1.23
CA GLY A 60 6.52 11.86 -2.48
C GLY A 60 5.10 11.75 -3.01
N SER A 61 4.86 10.71 -3.80
CA SER A 61 3.55 10.48 -4.37
C SER A 61 2.63 9.85 -3.32
N ALA A 62 3.20 8.93 -2.55
CA ALA A 62 2.45 8.26 -1.51
C ALA A 62 2.06 9.26 -0.42
N GLU A 63 3.03 10.09 -0.06
CA GLU A 63 2.80 11.10 0.97
C GLU A 63 1.93 12.22 0.42
N GLN A 64 1.94 12.34 -0.91
CA GLN A 64 1.16 13.38 -1.57
C GLN A 64 -0.33 13.18 -1.27
N THR A 65 -0.79 11.95 -1.44
CA THR A 65 -2.19 11.63 -1.20
C THR A 65 -2.63 12.20 0.15
N GLY A 66 -1.84 11.94 1.17
CA GLY A 66 -2.14 12.42 2.50
C GLY A 66 -2.67 11.29 3.38
N LYS A 67 -3.61 10.54 2.84
CA LYS A 67 -4.21 9.43 3.56
C LYS A 67 -3.12 8.41 3.89
N LEU A 68 -2.47 7.91 2.84
CA LEU A 68 -1.41 6.93 3.02
C LEU A 68 -0.54 7.33 4.22
N MET A 69 -0.29 6.35 5.08
CA MET A 69 0.52 6.58 6.26
C MET A 69 1.50 5.43 6.50
N GLU A 70 2.54 5.71 7.26
CA GLU A 70 3.55 4.71 7.56
C GLU A 70 2.97 3.66 8.52
N GLY A 71 3.58 2.48 8.48
CA GLY A 71 3.14 1.39 9.34
C GLY A 71 1.71 0.99 9.02
N MET A 72 1.36 1.12 7.74
CA MET A 72 0.02 0.77 7.30
C MET A 72 0.03 -0.55 6.51
N GLN A 73 -0.73 -1.50 7.01
CA GLN A 73 -0.82 -2.80 6.37
C GLN A 73 -1.57 -2.70 5.04
N VAL A 74 -0.85 -2.93 3.97
CA VAL A 74 -1.43 -2.87 2.63
C VAL A 74 -2.15 -4.18 2.33
N LEU A 75 -3.47 -4.11 2.28
CA LEU A 75 -4.28 -5.28 2.00
C LEU A 75 -4.00 -5.76 0.57
N GLU A 76 -4.25 -4.87 -0.37
CA GLU A 76 -4.03 -5.19 -1.78
C GLU A 76 -3.39 -4.00 -2.49
N TRP A 77 -2.80 -4.28 -3.64
CA TRP A 77 -2.15 -3.26 -4.43
C TRP A 77 -2.50 -3.48 -5.90
N ASN A 78 -3.30 -2.58 -6.43
CA ASN A 78 -3.71 -2.68 -7.82
C ASN A 78 -4.64 -3.88 -7.99
N GLY A 79 -5.36 -4.19 -6.92
CA GLY A 79 -6.28 -5.30 -6.92
C GLY A 79 -5.60 -6.59 -6.49
N ILE A 80 -4.40 -6.80 -7.02
CA ILE A 80 -3.63 -7.98 -6.69
C ILE A 80 -3.37 -8.03 -5.18
N PRO A 81 -3.73 -9.19 -4.57
CA PRO A 81 -3.55 -9.36 -3.14
C PRO A 81 -2.07 -9.60 -2.80
N LEU A 82 -1.67 -9.03 -1.67
CA LEU A 82 -0.29 -9.17 -1.23
C LEU A 82 -0.24 -10.15 -0.05
N THR A 83 -1.28 -10.12 0.76
CA THR A 83 -1.37 -11.00 1.92
C THR A 83 -1.19 -12.45 1.49
N SER A 84 -0.29 -13.13 2.19
CA SER A 84 0.00 -14.52 1.90
C SER A 84 1.04 -14.62 0.77
N LYS A 85 1.92 -13.63 0.74
CA LYS A 85 2.96 -13.60 -0.27
C LYS A 85 4.31 -13.35 0.40
N THR A 86 5.34 -13.24 -0.43
CA THR A 86 6.68 -13.00 0.07
C THR A 86 7.14 -11.59 -0.29
N TYR A 87 7.86 -10.98 0.65
CA TYR A 87 8.37 -9.64 0.44
C TYR A 87 8.81 -9.42 -1.01
N GLU A 88 9.39 -10.48 -1.58
CA GLU A 88 9.85 -10.44 -2.95
C GLU A 88 8.67 -10.37 -3.92
N GLU A 89 7.91 -11.46 -3.96
CA GLU A 89 6.75 -11.54 -4.82
C GLU A 89 5.99 -10.22 -4.80
N VAL A 90 5.54 -9.85 -3.60
CA VAL A 90 4.78 -8.62 -3.43
C VAL A 90 5.41 -7.52 -4.31
N GLN A 91 6.66 -7.22 -4.03
CA GLN A 91 7.37 -6.20 -4.79
C GLN A 91 6.99 -6.27 -6.26
N SER A 92 7.32 -7.39 -6.88
CA SER A 92 7.01 -7.60 -8.29
C SER A 92 5.62 -7.04 -8.60
N ILE A 93 4.64 -7.53 -7.86
CA ILE A 93 3.27 -7.09 -8.04
C ILE A 93 3.22 -5.56 -8.05
N ILE A 94 3.97 -4.97 -7.13
CA ILE A 94 4.03 -3.52 -7.02
C ILE A 94 4.86 -2.96 -8.17
N SER A 95 6.10 -3.42 -8.24
CA SER A 95 7.02 -2.97 -9.28
C SER A 95 6.55 -3.49 -10.64
N GLN A 96 5.37 -3.03 -11.04
CA GLN A 96 4.81 -3.43 -12.31
C GLN A 96 3.45 -2.74 -12.54
N GLN A 97 3.53 -1.48 -12.92
CA GLN A 97 2.33 -0.70 -13.17
C GLN A 97 2.52 0.19 -14.41
N SER A 98 1.39 0.67 -14.92
CA SER A 98 1.42 1.52 -16.11
C SER A 98 0.96 2.93 -15.73
N GLY A 99 1.80 3.60 -14.94
CA GLY A 99 1.48 4.95 -14.51
C GLY A 99 0.29 4.97 -13.56
N GLU A 100 0.57 5.25 -12.29
CA GLU A 100 -0.47 5.30 -11.29
C GLU A 100 -0.91 3.88 -10.92
N ALA A 101 -1.33 3.74 -9.67
CA ALA A 101 -1.78 2.44 -9.18
C ALA A 101 -2.75 2.66 -8.01
N GLU A 102 -3.50 1.61 -7.71
CA GLU A 102 -4.47 1.67 -6.62
C GLU A 102 -3.96 0.88 -5.43
N ILE A 103 -4.10 1.48 -4.26
CA ILE A 103 -3.66 0.84 -3.03
C ILE A 103 -4.86 0.68 -2.08
N CYS A 104 -4.77 -0.32 -1.23
CA CYS A 104 -5.83 -0.60 -0.28
C CYS A 104 -5.19 -0.90 1.08
N VAL A 105 -5.39 0.02 2.01
CA VAL A 105 -4.84 -0.13 3.34
C VAL A 105 -5.99 -0.24 4.35
N ARG A 106 -5.61 -0.40 5.61
CA ARG A 106 -6.59 -0.52 6.68
C ARG A 106 -6.43 0.61 7.68
N LEU A 107 -7.45 1.45 7.76
CA LEU A 107 -7.43 2.58 8.69
C LEU A 107 -6.93 2.10 10.05
N ASP A 108 -7.73 1.25 10.68
CA ASP A 108 -7.37 0.72 11.99
C ASP A 108 -6.27 -0.32 11.82
N LEU A 109 -5.03 0.17 11.86
CA LEU A 109 -3.88 -0.70 11.72
C LEU A 109 -2.60 0.13 11.89
N ASN A 110 -1.59 -0.52 12.43
CA ASN A 110 -0.30 0.14 12.64
C ASN A 110 0.81 -0.90 12.68
N MET A 111 1.85 -0.64 11.91
CA MET A 111 2.98 -1.55 11.85
C MET A 111 4.28 -0.85 12.28
N SER A 112 5.03 -1.53 13.12
CA SER A 112 6.29 -0.99 13.61
C SER A 112 7.37 -1.15 12.55
N GLY A 113 8.19 -0.11 12.42
CA GLY A 113 9.27 -0.13 11.44
C GLY A 113 10.63 -0.02 12.14
N PRO A 114 11.68 -0.51 11.42
CA PRO A 114 13.02 -0.48 11.96
C PRO A 114 13.61 0.93 11.89
N SER A 115 14.50 1.22 12.84
CA SER A 115 15.13 2.53 12.90
C SER A 115 16.62 2.37 13.19
N SER A 116 17.39 3.36 12.75
CA SER A 116 18.83 3.34 12.94
C SER A 116 19.26 4.59 13.72
N GLY A 117 18.98 5.74 13.13
CA GLY A 117 19.33 7.01 13.75
C GLY A 117 19.27 8.16 12.74
N GLY A 1 -29.86 -9.14 -10.34
CA GLY A 1 -30.61 -7.95 -10.71
C GLY A 1 -30.58 -6.90 -9.61
N SER A 2 -29.81 -5.85 -9.84
CA SER A 2 -29.70 -4.77 -8.87
C SER A 2 -28.73 -3.71 -9.39
N SER A 3 -29.10 -2.46 -9.16
CA SER A 3 -28.27 -1.35 -9.60
C SER A 3 -27.41 -0.85 -8.43
N GLY A 4 -26.13 -1.21 -8.50
CA GLY A 4 -25.19 -0.82 -7.47
C GLY A 4 -24.45 -2.03 -6.91
N SER A 5 -23.15 -2.06 -7.13
CA SER A 5 -22.33 -3.16 -6.66
C SER A 5 -21.76 -2.83 -5.27
N SER A 6 -22.05 -3.71 -4.32
CA SER A 6 -21.58 -3.53 -2.97
C SER A 6 -20.27 -4.29 -2.75
N GLY A 7 -19.17 -3.55 -2.88
CA GLY A 7 -17.86 -4.15 -2.71
C GLY A 7 -17.05 -3.40 -1.63
N HIS A 8 -17.13 -3.93 -0.42
CA HIS A 8 -16.43 -3.32 0.70
C HIS A 8 -16.22 -4.37 1.80
N TYR A 9 -15.00 -4.43 2.29
CA TYR A 9 -14.66 -5.39 3.35
C TYR A 9 -15.51 -5.14 4.60
N ILE A 10 -15.45 -6.09 5.51
CA ILE A 10 -16.21 -5.99 6.74
C ILE A 10 -15.50 -5.04 7.69
N PHE A 11 -14.22 -4.84 7.43
CA PHE A 11 -13.41 -3.95 8.26
C PHE A 11 -13.22 -2.59 7.58
N PRO A 12 -12.84 -1.58 8.41
CA PRO A 12 -12.63 -0.24 7.89
C PRO A 12 -11.31 -0.15 7.12
N HIS A 13 -11.43 0.19 5.85
CA HIS A 13 -10.27 0.32 4.99
C HIS A 13 -10.30 1.67 4.27
N ALA A 14 -9.16 2.03 3.70
CA ALA A 14 -9.04 3.28 2.98
C ALA A 14 -8.46 3.01 1.58
N ARG A 15 -9.35 3.06 0.60
CA ARG A 15 -8.94 2.83 -0.77
C ARG A 15 -8.60 4.15 -1.46
N ILE A 16 -7.32 4.48 -1.44
CA ILE A 16 -6.85 5.71 -2.05
C ILE A 16 -6.05 5.37 -3.31
N LYS A 17 -5.88 6.39 -4.15
CA LYS A 17 -5.14 6.21 -5.39
C LYS A 17 -3.79 6.94 -5.28
N ILE A 18 -2.95 6.71 -6.28
CA ILE A 18 -1.64 7.33 -6.31
C ILE A 18 -1.48 8.09 -7.62
N THR A 19 -1.32 9.41 -7.49
CA THR A 19 -1.16 10.26 -8.66
C THR A 19 0.21 10.95 -8.62
N ARG A 20 0.81 11.09 -9.79
CA ARG A 20 2.10 11.74 -9.90
C ARG A 20 2.03 12.93 -10.85
N ASP A 21 2.21 14.11 -10.29
CA ASP A 21 2.16 15.33 -11.08
C ASP A 21 3.58 15.71 -11.51
N SER A 22 3.82 15.57 -12.81
CA SER A 22 5.12 15.89 -13.37
C SER A 22 5.05 15.90 -14.90
N LYS A 23 6.14 16.34 -15.50
CA LYS A 23 6.21 16.40 -16.96
C LYS A 23 6.79 15.08 -17.48
N ASP A 24 6.66 14.89 -18.80
CA ASP A 24 7.16 13.69 -19.43
C ASP A 24 8.60 13.93 -19.89
N HIS A 25 9.54 13.42 -19.12
CA HIS A 25 10.95 13.58 -19.43
C HIS A 25 11.65 12.22 -19.33
N THR A 26 11.48 11.42 -20.37
CA THR A 26 12.09 10.10 -20.42
C THR A 26 11.95 9.40 -19.06
N VAL A 27 12.74 8.37 -18.87
CA VAL A 27 12.72 7.61 -17.63
C VAL A 27 13.97 7.93 -16.82
N SER A 28 13.77 8.70 -15.76
CA SER A 28 14.87 9.08 -14.89
C SER A 28 14.97 8.12 -13.71
N GLY A 29 13.86 7.98 -13.00
CA GLY A 29 13.81 7.09 -11.86
C GLY A 29 12.76 7.56 -10.84
N ASN A 30 12.74 6.88 -9.71
CA ASN A 30 11.79 7.22 -8.65
C ASN A 30 10.37 7.10 -9.20
N GLY A 31 9.77 5.94 -8.98
CA GLY A 31 8.43 5.68 -9.44
C GLY A 31 7.41 5.86 -8.31
N LEU A 32 6.70 6.98 -8.37
CA LEU A 32 5.70 7.29 -7.35
C LEU A 32 6.40 7.60 -6.03
N GLY A 33 7.00 6.56 -5.45
CA GLY A 33 7.70 6.72 -4.19
C GLY A 33 6.95 6.04 -3.05
N ILE A 34 7.10 4.73 -2.99
CA ILE A 34 6.43 3.95 -1.96
C ILE A 34 7.22 2.66 -1.71
N ARG A 35 7.41 2.35 -0.43
CA ARG A 35 8.13 1.15 -0.05
C ARG A 35 7.24 0.22 0.76
N ILE A 36 6.82 -0.86 0.12
CA ILE A 36 5.96 -1.84 0.77
C ILE A 36 6.75 -3.13 1.01
N VAL A 37 6.83 -3.50 2.27
CA VAL A 37 7.55 -4.71 2.65
C VAL A 37 6.54 -5.85 2.87
N GLY A 38 6.79 -6.95 2.19
CA GLY A 38 5.92 -8.12 2.30
C GLY A 38 6.46 -9.10 3.35
N GLY A 39 5.91 -10.31 3.30
CA GLY A 39 6.32 -11.34 4.23
C GLY A 39 6.52 -10.78 5.64
N LYS A 40 5.54 -10.00 6.07
CA LYS A 40 5.59 -9.38 7.39
C LYS A 40 4.37 -9.82 8.20
N GLU A 41 4.62 -10.16 9.45
CA GLU A 41 3.57 -10.60 10.34
C GLU A 41 2.50 -9.51 10.46
N ILE A 42 1.26 -9.95 10.65
CA ILE A 42 0.15 -9.03 10.78
C ILE A 42 -0.38 -9.09 12.21
N PRO A 43 -0.33 -7.91 12.89
CA PRO A 43 -0.79 -7.81 14.26
C PRO A 43 -2.32 -7.81 14.32
N GLY A 44 -2.89 -8.97 14.03
CA GLY A 44 -4.34 -9.13 14.04
C GLY A 44 -4.78 -10.23 13.09
N HIS A 45 -4.07 -11.33 13.13
CA HIS A 45 -4.38 -12.46 12.27
C HIS A 45 -3.76 -13.74 12.86
N SER A 46 -4.35 -14.87 12.48
CA SER A 46 -3.87 -16.16 12.95
C SER A 46 -2.51 -16.47 12.33
N GLY A 47 -1.48 -15.82 12.85
CA GLY A 47 -0.13 -16.02 12.36
C GLY A 47 -0.09 -15.97 10.83
N GLU A 48 -0.37 -14.78 10.31
CA GLU A 48 -0.37 -14.58 8.87
C GLU A 48 0.51 -13.38 8.49
N ILE A 49 1.18 -13.51 7.37
CA ILE A 49 2.05 -12.46 6.89
C ILE A 49 1.33 -11.66 5.79
N GLY A 50 1.82 -10.44 5.58
CA GLY A 50 1.24 -9.58 4.56
C GLY A 50 2.22 -8.49 4.14
N ALA A 51 1.70 -7.51 3.43
CA ALA A 51 2.53 -6.40 2.95
C ALA A 51 1.99 -5.10 3.53
N TYR A 52 2.91 -4.24 3.95
CA TYR A 52 2.55 -2.96 4.52
C TYR A 52 3.53 -1.87 4.09
N ILE A 53 3.09 -0.63 4.24
CA ILE A 53 3.91 0.51 3.86
C ILE A 53 5.07 0.62 4.85
N ALA A 54 6.24 0.20 4.38
CA ALA A 54 7.44 0.25 5.21
C ALA A 54 7.91 1.71 5.31
N LYS A 55 8.16 2.30 4.17
CA LYS A 55 8.62 3.68 4.11
C LYS A 55 7.95 4.40 2.95
N ILE A 56 7.66 5.67 3.16
CA ILE A 56 7.02 6.48 2.13
C ILE A 56 8.02 7.51 1.60
N LEU A 57 8.50 7.25 0.39
CA LEU A 57 9.46 8.15 -0.24
C LEU A 57 9.06 9.59 0.04
N PRO A 58 10.10 10.48 0.09
CA PRO A 58 9.86 11.90 0.35
C PRO A 58 9.28 12.58 -0.88
N GLY A 59 8.47 13.60 -0.62
CA GLY A 59 7.85 14.36 -1.69
C GLY A 59 7.36 13.43 -2.80
N GLY A 60 7.02 12.21 -2.41
CA GLY A 60 6.53 11.22 -3.36
C GLY A 60 5.03 11.37 -3.59
N SER A 61 4.49 10.41 -4.34
CA SER A 61 3.07 10.43 -4.64
C SER A 61 2.26 9.93 -3.44
N ALA A 62 2.62 8.74 -2.99
CA ALA A 62 1.96 8.13 -1.85
C ALA A 62 2.05 9.08 -0.65
N GLU A 63 3.06 9.93 -0.69
CA GLU A 63 3.27 10.89 0.39
C GLU A 63 2.35 12.10 0.22
N GLN A 64 1.84 12.24 -0.99
CA GLN A 64 0.94 13.34 -1.31
C GLN A 64 -0.48 13.02 -0.84
N THR A 65 -0.90 11.80 -1.14
CA THR A 65 -2.23 11.36 -0.76
C THR A 65 -2.60 11.89 0.63
N GLY A 66 -1.60 11.86 1.51
CA GLY A 66 -1.81 12.34 2.87
C GLY A 66 -2.34 11.22 3.77
N LYS A 67 -3.26 10.45 3.21
CA LYS A 67 -3.85 9.34 3.95
C LYS A 67 -2.77 8.28 4.22
N LEU A 68 -2.29 7.69 3.14
CA LEU A 68 -1.26 6.67 3.24
C LEU A 68 -0.25 7.07 4.31
N MET A 69 -0.03 6.16 5.25
CA MET A 69 0.92 6.42 6.32
C MET A 69 1.76 5.18 6.60
N GLU A 70 3.04 5.42 6.90
CA GLU A 70 3.96 4.34 7.19
C GLU A 70 3.39 3.45 8.31
N GLY A 71 3.65 2.15 8.17
CA GLY A 71 3.18 1.20 9.16
C GLY A 71 1.83 0.61 8.75
N MET A 72 1.07 1.41 8.02
CA MET A 72 -0.24 0.98 7.55
C MET A 72 -0.15 -0.36 6.82
N GLN A 73 -1.13 -1.21 7.08
CA GLN A 73 -1.18 -2.52 6.46
C GLN A 73 -1.87 -2.45 5.10
N VAL A 74 -1.19 -2.96 4.10
CA VAL A 74 -1.72 -2.95 2.74
C VAL A 74 -2.31 -4.33 2.42
N LEU A 75 -3.62 -4.38 2.34
CA LEU A 75 -4.31 -5.63 2.04
C LEU A 75 -4.04 -6.02 0.59
N GLU A 76 -4.33 -5.08 -0.31
CA GLU A 76 -4.12 -5.31 -1.73
C GLU A 76 -3.47 -4.09 -2.38
N TRP A 77 -3.00 -4.29 -3.60
CA TRP A 77 -2.35 -3.22 -4.33
C TRP A 77 -2.69 -3.38 -5.81
N ASN A 78 -3.25 -2.34 -6.38
CA ASN A 78 -3.62 -2.35 -7.80
C ASN A 78 -4.53 -3.56 -8.05
N GLY A 79 -5.32 -3.89 -7.05
CA GLY A 79 -6.24 -5.01 -7.15
C GLY A 79 -5.55 -6.32 -6.78
N ILE A 80 -4.33 -6.47 -7.26
CA ILE A 80 -3.55 -7.67 -6.99
C ILE A 80 -3.19 -7.70 -5.49
N PRO A 81 -3.60 -8.81 -4.83
CA PRO A 81 -3.33 -8.98 -3.41
C PRO A 81 -1.86 -9.33 -3.17
N LEU A 82 -1.32 -8.78 -2.09
CA LEU A 82 0.07 -9.03 -1.75
C LEU A 82 0.14 -9.59 -0.32
N THR A 83 -0.99 -10.10 0.13
CA THR A 83 -1.07 -10.67 1.47
C THR A 83 -0.66 -12.15 1.45
N SER A 84 0.03 -12.55 2.50
CA SER A 84 0.49 -13.93 2.62
C SER A 84 1.47 -14.25 1.49
N LYS A 85 2.19 -13.22 1.06
CA LYS A 85 3.17 -13.38 0.00
C LYS A 85 4.57 -13.17 0.57
N THR A 86 5.50 -12.89 -0.34
CA THR A 86 6.88 -12.66 0.06
C THR A 86 7.35 -11.30 -0.43
N TYR A 87 8.29 -10.72 0.32
CA TYR A 87 8.83 -9.43 -0.02
C TYR A 87 9.03 -9.29 -1.53
N GLU A 88 9.76 -10.25 -2.09
CA GLU A 88 10.02 -10.26 -3.52
C GLU A 88 8.71 -10.24 -4.30
N GLU A 89 7.95 -11.32 -4.15
CA GLU A 89 6.67 -11.43 -4.84
C GLU A 89 5.92 -10.11 -4.78
N VAL A 90 5.51 -9.74 -3.58
CA VAL A 90 4.78 -8.50 -3.38
C VAL A 90 5.38 -7.41 -4.26
N GLN A 91 6.67 -7.16 -4.04
CA GLN A 91 7.37 -6.14 -4.81
C GLN A 91 7.07 -6.30 -6.30
N SER A 92 7.40 -7.47 -6.82
CA SER A 92 7.17 -7.76 -8.22
C SER A 92 5.78 -7.26 -8.64
N ILE A 93 4.82 -7.51 -7.78
CA ILE A 93 3.44 -7.09 -8.05
C ILE A 93 3.38 -5.57 -8.10
N ILE A 94 4.11 -4.95 -7.18
CA ILE A 94 4.15 -3.49 -7.11
C ILE A 94 5.07 -2.96 -8.21
N SER A 95 6.36 -3.24 -8.04
CA SER A 95 7.35 -2.79 -9.00
C SER A 95 7.01 -1.39 -9.49
N GLN A 96 7.01 -0.45 -8.57
CA GLN A 96 6.70 0.94 -8.90
C GLN A 96 5.77 0.99 -10.10
N GLN A 97 4.57 0.46 -9.89
CA GLN A 97 3.57 0.44 -10.96
C GLN A 97 3.58 1.78 -11.71
N SER A 98 3.94 1.69 -12.99
CA SER A 98 3.99 2.87 -13.83
C SER A 98 2.66 3.62 -13.77
N GLY A 99 2.76 4.95 -13.78
CA GLY A 99 1.57 5.79 -13.73
C GLY A 99 0.80 5.57 -12.43
N GLU A 100 -0.46 5.99 -12.44
CA GLU A 100 -1.30 5.84 -11.26
C GLU A 100 -1.33 4.39 -10.82
N ALA A 101 -1.50 4.21 -9.52
CA ALA A 101 -1.55 2.87 -8.94
C ALA A 101 -2.45 2.89 -7.71
N GLU A 102 -3.52 2.09 -7.79
CA GLU A 102 -4.47 2.01 -6.69
C GLU A 102 -3.90 1.14 -5.56
N ILE A 103 -4.07 1.64 -4.35
CA ILE A 103 -3.58 0.93 -3.17
C ILE A 103 -4.74 0.65 -2.23
N CYS A 104 -4.74 -0.57 -1.69
CA CYS A 104 -5.79 -0.98 -0.78
C CYS A 104 -5.16 -1.26 0.59
N VAL A 105 -5.41 -0.34 1.51
CA VAL A 105 -4.87 -0.46 2.85
C VAL A 105 -6.02 -0.46 3.86
N ARG A 106 -5.72 -0.91 5.07
CA ARG A 106 -6.71 -0.97 6.12
C ARG A 106 -6.59 0.26 7.04
N LEU A 107 -7.73 0.66 7.58
CA LEU A 107 -7.75 1.81 8.47
C LEU A 107 -7.25 1.40 9.85
N ASP A 108 -8.05 0.59 10.53
CA ASP A 108 -7.70 0.12 11.86
C ASP A 108 -6.48 -0.80 11.77
N LEU A 109 -6.11 -1.35 12.90
CA LEU A 109 -4.97 -2.25 12.96
C LEU A 109 -3.69 -1.44 12.76
N ASN A 110 -3.40 -1.13 11.51
CA ASN A 110 -2.21 -0.37 11.18
C ASN A 110 -1.02 -0.90 11.98
N MET A 111 -0.32 -1.86 11.37
CA MET A 111 0.83 -2.45 12.01
C MET A 111 1.62 -1.42 12.81
N SER A 112 1.76 -0.24 12.23
CA SER A 112 2.48 0.84 12.86
C SER A 112 3.85 0.35 13.33
N GLY A 113 4.86 0.67 12.52
CA GLY A 113 6.21 0.26 12.84
C GLY A 113 7.09 1.48 13.14
N PRO A 114 8.43 1.23 13.19
CA PRO A 114 9.38 2.29 13.47
C PRO A 114 9.56 3.19 12.25
N SER A 115 10.37 4.23 12.43
CA SER A 115 10.64 5.18 11.37
C SER A 115 11.98 5.86 11.59
N SER A 116 12.09 6.52 12.74
CA SER A 116 13.31 7.22 13.09
C SER A 116 13.61 7.03 14.58
N GLY A 117 14.83 7.42 14.96
CA GLY A 117 15.25 7.30 16.34
C GLY A 117 16.47 6.38 16.46
N GLY A 1 -36.65 2.88 -4.68
CA GLY A 1 -35.49 3.70 -4.96
C GLY A 1 -35.54 5.01 -4.18
N SER A 2 -34.78 5.06 -3.09
CA SER A 2 -34.73 6.24 -2.25
C SER A 2 -33.37 6.34 -1.57
N SER A 3 -33.05 5.31 -0.81
CA SER A 3 -31.78 5.27 -0.09
C SER A 3 -30.80 4.36 -0.82
N GLY A 4 -29.54 4.44 -0.40
CA GLY A 4 -28.50 3.62 -1.00
C GLY A 4 -28.15 2.43 -0.11
N SER A 5 -26.88 2.07 -0.13
CA SER A 5 -26.39 0.96 0.66
C SER A 5 -24.99 1.27 1.20
N SER A 6 -24.60 0.50 2.21
CA SER A 6 -23.30 0.68 2.82
C SER A 6 -22.71 -0.68 3.23
N GLY A 7 -21.42 -0.68 3.47
CA GLY A 7 -20.74 -1.90 3.87
C GLY A 7 -19.62 -2.26 2.88
N HIS A 8 -18.57 -2.86 3.41
CA HIS A 8 -17.43 -3.25 2.59
C HIS A 8 -16.55 -4.25 3.37
N TYR A 9 -15.72 -3.70 4.23
CA TYR A 9 -14.82 -4.51 5.03
C TYR A 9 -15.23 -4.46 6.51
N ILE A 10 -15.02 -5.58 7.18
CA ILE A 10 -15.34 -5.68 8.60
C ILE A 10 -14.59 -4.59 9.36
N PHE A 11 -13.46 -4.19 8.81
CA PHE A 11 -12.63 -3.17 9.43
C PHE A 11 -12.65 -1.89 8.60
N PRO A 12 -12.26 -0.76 9.26
CA PRO A 12 -12.22 0.52 8.60
C PRO A 12 -11.00 0.63 7.67
N HIS A 13 -11.29 0.83 6.39
CA HIS A 13 -10.24 0.95 5.40
C HIS A 13 -10.62 2.02 4.37
N ALA A 14 -9.65 2.37 3.54
CA ALA A 14 -9.86 3.37 2.53
C ALA A 14 -9.13 2.97 1.25
N ARG A 15 -9.82 3.12 0.13
CA ARG A 15 -9.25 2.77 -1.16
C ARG A 15 -8.92 4.04 -1.96
N ILE A 16 -7.69 4.50 -1.80
CA ILE A 16 -7.26 5.70 -2.50
C ILE A 16 -6.35 5.30 -3.65
N LYS A 17 -6.28 6.19 -4.65
CA LYS A 17 -5.46 5.93 -5.81
C LYS A 17 -4.18 6.78 -5.73
N ILE A 18 -3.20 6.40 -6.53
CA ILE A 18 -1.94 7.10 -6.56
C ILE A 18 -1.58 7.45 -8.00
N THR A 19 -1.38 8.75 -8.24
CA THR A 19 -1.04 9.21 -9.57
C THR A 19 0.43 9.64 -9.62
N ARG A 20 1.07 9.33 -10.73
CA ARG A 20 2.47 9.68 -10.91
C ARG A 20 2.65 11.20 -10.90
N ASP A 21 2.03 11.84 -11.88
CA ASP A 21 2.10 13.29 -11.98
C ASP A 21 3.57 13.72 -11.98
N SER A 22 4.15 13.76 -13.18
CA SER A 22 5.54 14.14 -13.32
C SER A 22 5.66 15.26 -14.36
N LYS A 23 6.74 16.02 -14.23
CA LYS A 23 6.99 17.13 -15.15
C LYS A 23 8.25 16.84 -15.95
N ASP A 24 8.06 16.43 -17.20
CA ASP A 24 9.17 16.12 -18.07
C ASP A 24 10.07 15.07 -17.41
N HIS A 25 9.87 13.83 -17.81
CA HIS A 25 10.65 12.73 -17.26
C HIS A 25 10.34 11.45 -18.03
N THR A 26 11.40 10.85 -18.57
CA THR A 26 11.25 9.62 -19.33
C THR A 26 10.54 8.55 -18.49
N VAL A 27 10.35 7.39 -19.11
CA VAL A 27 9.70 6.29 -18.43
C VAL A 27 10.64 5.08 -18.39
N SER A 28 11.20 4.86 -17.21
CA SER A 28 12.13 3.74 -17.02
C SER A 28 12.33 3.48 -15.54
N GLY A 29 11.39 2.76 -14.96
CA GLY A 29 11.46 2.44 -13.53
C GLY A 29 10.92 3.59 -12.68
N ASN A 30 11.52 3.76 -11.51
CA ASN A 30 11.12 4.82 -10.60
C ASN A 30 9.74 4.46 -10.01
N GLY A 31 8.76 4.40 -10.89
CA GLY A 31 7.40 4.09 -10.47
C GLY A 31 6.76 5.28 -9.75
N LEU A 32 6.06 4.96 -8.68
CA LEU A 32 5.39 5.98 -7.89
C LEU A 32 6.38 6.58 -6.89
N GLY A 33 6.96 5.70 -6.09
CA GLY A 33 7.92 6.13 -5.08
C GLY A 33 7.51 5.65 -3.68
N ILE A 34 7.03 4.42 -3.63
CA ILE A 34 6.60 3.83 -2.37
C ILE A 34 7.13 2.40 -2.27
N ARG A 35 7.73 2.11 -1.12
CA ARG A 35 8.27 0.78 -0.88
C ARG A 35 7.32 -0.03 0.00
N ILE A 36 6.63 -0.96 -0.63
CA ILE A 36 5.69 -1.82 0.08
C ILE A 36 6.27 -3.23 0.19
N VAL A 37 6.44 -3.68 1.42
CA VAL A 37 6.98 -5.00 1.67
C VAL A 37 5.92 -6.05 1.36
N GLY A 38 6.07 -7.21 1.98
CA GLY A 38 5.12 -8.29 1.78
C GLY A 38 5.63 -9.59 2.42
N GLY A 39 4.69 -10.47 2.73
CA GLY A 39 5.03 -11.74 3.35
C GLY A 39 5.49 -11.55 4.79
N LYS A 40 5.41 -10.30 5.24
CA LYS A 40 5.83 -9.97 6.60
C LYS A 40 4.66 -10.25 7.55
N GLU A 41 4.98 -10.94 8.64
CA GLU A 41 3.99 -11.28 9.64
C GLU A 41 3.05 -10.08 9.88
N ILE A 42 1.82 -10.41 10.26
CA ILE A 42 0.83 -9.38 10.52
C ILE A 42 0.49 -9.37 12.02
N PRO A 43 0.32 -8.14 12.56
CA PRO A 43 -0.01 -7.98 13.97
C PRO A 43 -1.48 -8.33 14.23
N GLY A 44 -1.69 -9.04 15.33
CA GLY A 44 -3.04 -9.46 15.70
C GLY A 44 -3.50 -10.64 14.85
N HIS A 45 -3.42 -10.45 13.55
CA HIS A 45 -3.83 -11.50 12.61
C HIS A 45 -3.38 -12.86 13.15
N SER A 46 -4.22 -13.86 12.90
CA SER A 46 -3.92 -15.22 13.34
C SER A 46 -2.86 -15.84 12.44
N GLY A 47 -1.60 -15.69 12.86
CA GLY A 47 -0.49 -16.23 12.10
C GLY A 47 -0.72 -16.07 10.60
N GLU A 48 -0.53 -14.85 10.12
CA GLU A 48 -0.70 -14.56 8.71
C GLU A 48 0.33 -13.54 8.24
N ILE A 49 0.71 -13.66 6.98
CA ILE A 49 1.68 -12.75 6.40
C ILE A 49 0.97 -11.77 5.47
N GLY A 50 1.48 -10.55 5.44
CA GLY A 50 0.91 -9.52 4.60
C GLY A 50 1.98 -8.50 4.16
N ALA A 51 1.52 -7.32 3.80
CA ALA A 51 2.41 -6.27 3.37
C ALA A 51 2.10 -4.98 4.13
N TYR A 52 3.16 -4.31 4.56
CA TYR A 52 3.02 -3.07 5.31
C TYR A 52 3.93 -1.98 4.75
N ILE A 53 3.41 -0.76 4.75
CA ILE A 53 4.17 0.37 4.24
C ILE A 53 5.52 0.45 4.97
N ALA A 54 6.57 0.13 4.23
CA ALA A 54 7.91 0.17 4.80
C ALA A 54 8.32 1.62 5.04
N LYS A 55 8.27 2.40 3.96
CA LYS A 55 8.63 3.80 4.04
C LYS A 55 8.13 4.53 2.79
N ILE A 56 7.43 5.63 3.03
CA ILE A 56 6.89 6.42 1.94
C ILE A 56 8.02 7.22 1.28
N LEU A 57 8.75 6.55 0.41
CA LEU A 57 9.86 7.18 -0.28
C LEU A 57 9.45 8.60 -0.69
N PRO A 58 10.48 9.48 -0.81
CA PRO A 58 10.24 10.86 -1.19
C PRO A 58 9.93 10.98 -2.68
N GLY A 59 8.64 11.02 -2.98
CA GLY A 59 8.18 11.13 -4.35
C GLY A 59 7.08 12.18 -4.49
N GLY A 60 6.01 11.97 -3.74
CA GLY A 60 4.89 12.89 -3.76
C GLY A 60 3.65 12.21 -4.34
N SER A 61 3.79 10.93 -4.63
CA SER A 61 2.69 10.16 -5.19
C SER A 61 1.76 9.67 -4.07
N ALA A 62 2.37 8.99 -3.11
CA ALA A 62 1.62 8.45 -1.98
C ALA A 62 1.77 9.40 -0.79
N GLU A 63 2.91 10.09 -0.75
CA GLU A 63 3.19 11.02 0.32
C GLU A 63 2.22 12.21 0.26
N GLN A 64 1.61 12.36 -0.91
CA GLN A 64 0.67 13.45 -1.12
C GLN A 64 -0.70 13.09 -0.53
N THR A 65 -1.21 11.95 -0.97
CA THR A 65 -2.49 11.48 -0.50
C THR A 65 -2.68 11.81 0.99
N GLY A 66 -1.66 11.49 1.76
CA GLY A 66 -1.70 11.75 3.19
C GLY A 66 -2.35 10.59 3.95
N LYS A 67 -3.41 10.06 3.35
CA LYS A 67 -4.12 8.95 3.95
C LYS A 67 -3.17 7.77 4.13
N LEU A 68 -2.07 7.81 3.40
CA LEU A 68 -1.07 6.75 3.47
C LEU A 68 -0.04 7.11 4.53
N MET A 69 0.10 6.22 5.50
CA MET A 69 1.05 6.43 6.58
C MET A 69 1.78 5.14 6.92
N GLU A 70 3.09 5.26 7.11
CA GLU A 70 3.90 4.10 7.44
C GLU A 70 3.24 3.29 8.56
N GLY A 71 3.62 2.01 8.63
CA GLY A 71 3.08 1.13 9.63
C GLY A 71 1.71 0.60 9.21
N MET A 72 1.22 1.12 8.09
CA MET A 72 -0.07 0.71 7.57
C MET A 72 0.04 -0.60 6.78
N GLN A 73 -0.79 -1.55 7.16
CA GLN A 73 -0.80 -2.85 6.51
C GLN A 73 -1.56 -2.76 5.18
N VAL A 74 -0.80 -2.86 4.10
CA VAL A 74 -1.38 -2.79 2.77
C VAL A 74 -2.16 -4.08 2.50
N LEU A 75 -3.44 -3.92 2.23
CA LEU A 75 -4.29 -5.06 1.95
C LEU A 75 -4.06 -5.54 0.52
N GLU A 76 -4.17 -4.61 -0.41
CA GLU A 76 -3.97 -4.92 -1.82
C GLU A 76 -3.27 -3.76 -2.53
N TRP A 77 -2.64 -4.07 -3.65
CA TRP A 77 -1.94 -3.07 -4.42
C TRP A 77 -2.31 -3.27 -5.89
N ASN A 78 -2.61 -2.15 -6.55
CA ASN A 78 -2.98 -2.18 -7.95
C ASN A 78 -3.94 -3.36 -8.19
N GLY A 79 -4.69 -3.69 -7.14
CA GLY A 79 -5.65 -4.79 -7.24
C GLY A 79 -5.00 -6.11 -6.85
N ILE A 80 -3.73 -6.24 -7.20
CA ILE A 80 -2.98 -7.45 -6.90
C ILE A 80 -2.76 -7.54 -5.40
N PRO A 81 -3.15 -8.73 -4.84
CA PRO A 81 -3.00 -8.96 -3.41
C PRO A 81 -1.54 -9.23 -3.05
N LEU A 82 -1.18 -8.85 -1.83
CA LEU A 82 0.17 -9.05 -1.35
C LEU A 82 0.17 -10.11 -0.26
N THR A 83 -0.98 -10.26 0.39
CA THR A 83 -1.12 -11.23 1.46
C THR A 83 -0.93 -12.65 0.91
N SER A 84 -0.32 -13.48 1.75
CA SER A 84 -0.08 -14.86 1.36
C SER A 84 1.01 -14.92 0.29
N LYS A 85 1.91 -13.95 0.35
CA LYS A 85 3.00 -13.87 -0.60
C LYS A 85 4.31 -13.66 0.15
N THR A 86 5.38 -13.46 -0.62
CA THR A 86 6.69 -13.25 -0.04
C THR A 86 7.20 -11.85 -0.36
N TYR A 87 7.90 -11.26 0.60
CA TYR A 87 8.45 -9.92 0.44
C TYR A 87 8.93 -9.71 -1.01
N GLU A 88 9.80 -10.60 -1.45
CA GLU A 88 10.34 -10.51 -2.79
C GLU A 88 9.21 -10.44 -3.81
N GLU A 89 8.34 -11.44 -3.77
CA GLU A 89 7.22 -11.49 -4.69
C GLU A 89 6.43 -10.18 -4.64
N VAL A 90 5.94 -9.87 -3.44
CA VAL A 90 5.17 -8.66 -3.25
C VAL A 90 5.90 -7.48 -3.89
N GLN A 91 7.18 -7.34 -3.53
CA GLN A 91 8.00 -6.27 -4.07
C GLN A 91 7.78 -6.14 -5.57
N SER A 92 7.75 -7.28 -6.24
CA SER A 92 7.55 -7.30 -7.68
C SER A 92 6.19 -6.72 -8.03
N ILE A 93 5.23 -6.96 -7.15
CA ILE A 93 3.88 -6.46 -7.35
C ILE A 93 3.88 -4.93 -7.22
N ILE A 94 4.75 -4.44 -6.35
CA ILE A 94 4.86 -3.01 -6.13
C ILE A 94 5.80 -2.41 -7.16
N SER A 95 7.02 -2.95 -7.19
CA SER A 95 8.03 -2.48 -8.13
C SER A 95 7.71 -2.99 -9.54
N GLN A 96 6.52 -2.66 -10.00
CA GLN A 96 6.09 -3.08 -11.32
C GLN A 96 4.69 -2.53 -11.62
N GLN A 97 4.66 -1.27 -12.04
CA GLN A 97 3.40 -0.61 -12.35
C GLN A 97 3.54 0.19 -13.65
N SER A 98 2.44 0.82 -14.03
CA SER A 98 2.42 1.62 -15.24
C SER A 98 1.90 3.03 -14.94
N GLY A 99 2.60 3.71 -14.03
CA GLY A 99 2.23 5.05 -13.65
C GLY A 99 1.44 5.04 -12.34
N GLU A 100 0.13 5.27 -12.47
CA GLU A 100 -0.75 5.29 -11.32
C GLU A 100 -0.72 3.93 -10.61
N ALA A 101 -1.56 3.82 -9.58
CA ALA A 101 -1.63 2.59 -8.81
C ALA A 101 -2.69 2.75 -7.72
N GLU A 102 -3.29 1.62 -7.35
CA GLU A 102 -4.31 1.61 -6.33
C GLU A 102 -3.81 0.89 -5.08
N ILE A 103 -4.14 1.47 -3.93
CA ILE A 103 -3.73 0.89 -2.66
C ILE A 103 -4.96 0.67 -1.78
N CYS A 104 -4.87 -0.34 -0.93
CA CYS A 104 -5.96 -0.67 -0.03
C CYS A 104 -5.39 -0.90 1.37
N VAL A 105 -5.30 0.19 2.12
CA VAL A 105 -4.78 0.12 3.47
C VAL A 105 -5.93 0.18 4.47
N ARG A 106 -5.68 -0.34 5.66
CA ARG A 106 -6.69 -0.35 6.70
C ARG A 106 -6.43 0.79 7.70
N LEU A 107 -7.51 1.50 8.01
CA LEU A 107 -7.42 2.63 8.93
C LEU A 107 -6.86 2.13 10.27
N ASP A 108 -7.68 1.35 10.96
CA ASP A 108 -7.28 0.81 12.25
C ASP A 108 -6.17 -0.23 12.04
N LEU A 109 -4.95 0.18 12.36
CA LEU A 109 -3.80 -0.69 12.21
C LEU A 109 -2.53 0.13 12.36
N ASN A 110 -1.45 -0.56 12.69
CA ASN A 110 -0.16 0.08 12.87
C ASN A 110 0.91 -0.98 13.13
N MET A 111 1.75 -1.19 12.13
CA MET A 111 2.82 -2.17 12.24
C MET A 111 4.03 -1.58 12.97
N SER A 112 4.31 -2.12 14.14
CA SER A 112 5.43 -1.67 14.93
C SER A 112 6.73 -1.86 14.16
N GLY A 113 7.62 -0.89 14.31
CA GLY A 113 8.91 -0.93 13.63
C GLY A 113 10.01 -0.33 14.50
N PRO A 114 11.27 -0.73 14.18
CA PRO A 114 12.42 -0.24 14.93
C PRO A 114 12.75 1.20 14.54
N SER A 115 13.76 1.74 15.20
CA SER A 115 14.19 3.10 14.93
C SER A 115 15.32 3.12 13.91
N SER A 116 15.30 4.13 13.06
CA SER A 116 16.31 4.27 12.03
C SER A 116 17.60 4.86 12.63
N GLY A 117 18.58 3.99 12.82
CA GLY A 117 19.84 4.40 13.39
C GLY A 117 19.70 4.73 14.88
N GLY A 1 -20.31 4.92 -8.17
CA GLY A 1 -19.72 6.14 -8.69
C GLY A 1 -19.87 7.30 -7.71
N SER A 2 -19.17 7.19 -6.59
CA SER A 2 -19.23 8.21 -5.57
C SER A 2 -20.56 8.13 -4.81
N SER A 3 -21.63 8.43 -5.53
CA SER A 3 -22.95 8.39 -4.95
C SER A 3 -23.11 7.13 -4.09
N GLY A 4 -22.95 5.99 -4.73
CA GLY A 4 -23.07 4.72 -4.04
C GLY A 4 -21.72 4.01 -3.96
N SER A 5 -21.21 3.93 -2.74
CA SER A 5 -19.92 3.29 -2.51
C SER A 5 -19.92 1.89 -3.14
N SER A 6 -18.80 1.56 -3.76
CA SER A 6 -18.66 0.28 -4.41
C SER A 6 -17.78 -0.64 -3.55
N GLY A 7 -18.44 -1.51 -2.80
CA GLY A 7 -17.75 -2.44 -1.93
C GLY A 7 -17.08 -1.72 -0.76
N HIS A 8 -17.17 -2.34 0.41
CA HIS A 8 -16.60 -1.76 1.61
C HIS A 8 -16.53 -2.83 2.71
N TYR A 9 -15.37 -2.92 3.32
CA TYR A 9 -15.16 -3.88 4.39
C TYR A 9 -15.76 -3.39 5.70
N ILE A 10 -16.00 -4.34 6.59
CA ILE A 10 -16.58 -4.02 7.89
C ILE A 10 -15.68 -3.00 8.61
N PHE A 11 -14.38 -3.27 8.55
CA PHE A 11 -13.41 -2.39 9.18
C PHE A 11 -13.18 -1.13 8.35
N PRO A 12 -12.60 -0.10 9.02
CA PRO A 12 -12.33 1.16 8.35
C PRO A 12 -11.11 1.04 7.44
N HIS A 13 -11.36 1.25 6.14
CA HIS A 13 -10.28 1.17 5.16
C HIS A 13 -10.35 2.39 4.24
N ALA A 14 -9.25 2.61 3.53
CA ALA A 14 -9.16 3.73 2.63
C ALA A 14 -8.66 3.24 1.27
N ARG A 15 -9.51 3.38 0.27
CA ARG A 15 -9.17 2.95 -1.09
C ARG A 15 -8.85 4.17 -1.96
N ILE A 16 -7.59 4.59 -1.89
CA ILE A 16 -7.15 5.74 -2.67
C ILE A 16 -5.96 5.33 -3.53
N LYS A 17 -6.11 5.54 -4.82
CA LYS A 17 -5.06 5.20 -5.77
C LYS A 17 -4.02 6.33 -5.79
N ILE A 18 -2.75 5.93 -5.74
CA ILE A 18 -1.66 6.88 -5.77
C ILE A 18 -1.52 7.47 -7.18
N THR A 19 -1.72 8.78 -7.27
CA THR A 19 -1.62 9.46 -8.54
C THR A 19 -0.26 10.17 -8.66
N ARG A 20 0.43 9.87 -9.74
CA ARG A 20 1.73 10.46 -9.99
C ARG A 20 1.59 11.72 -10.84
N ASP A 21 2.24 12.78 -10.37
CA ASP A 21 2.19 14.05 -11.07
C ASP A 21 3.10 13.98 -12.31
N SER A 22 2.83 14.88 -13.25
CA SER A 22 3.60 14.93 -14.48
C SER A 22 4.24 16.32 -14.64
N LYS A 23 5.14 16.41 -15.61
CA LYS A 23 5.83 17.67 -15.87
C LYS A 23 6.58 18.11 -14.62
N ASP A 24 7.88 17.87 -14.64
CA ASP A 24 8.72 18.24 -13.51
C ASP A 24 8.14 17.64 -12.23
N HIS A 25 8.72 16.53 -11.81
CA HIS A 25 8.27 15.86 -10.60
C HIS A 25 9.19 14.68 -10.30
N THR A 26 10.42 15.00 -9.91
CA THR A 26 11.40 13.97 -9.59
C THR A 26 11.72 13.99 -8.09
N VAL A 27 11.65 12.81 -7.50
CA VAL A 27 11.92 12.67 -6.08
C VAL A 27 13.01 11.62 -5.88
N SER A 28 12.78 10.46 -6.46
CA SER A 28 13.73 9.36 -6.36
C SER A 28 13.30 8.21 -7.29
N GLY A 29 14.24 7.32 -7.52
CA GLY A 29 13.99 6.17 -8.39
C GLY A 29 13.35 6.62 -9.70
N ASN A 30 12.14 6.10 -9.93
CA ASN A 30 11.41 6.43 -11.15
C ASN A 30 9.92 6.14 -10.93
N GLY A 31 9.66 4.97 -10.37
CA GLY A 31 8.29 4.56 -10.11
C GLY A 31 7.60 5.53 -9.16
N LEU A 32 6.69 4.99 -8.36
CA LEU A 32 5.95 5.78 -7.41
C LEU A 32 6.72 5.84 -6.09
N GLY A 33 6.77 7.03 -5.51
CA GLY A 33 7.47 7.23 -4.26
C GLY A 33 6.74 6.55 -3.10
N ILE A 34 6.77 5.22 -3.12
CA ILE A 34 6.11 4.44 -2.08
C ILE A 34 6.92 3.16 -1.82
N ARG A 35 7.17 2.92 -0.55
CA ARG A 35 7.93 1.74 -0.15
C ARG A 35 7.02 0.74 0.56
N ILE A 36 7.10 -0.51 0.12
CA ILE A 36 6.30 -1.57 0.71
C ILE A 36 7.15 -2.83 0.85
N VAL A 37 7.04 -3.45 2.02
CA VAL A 37 7.79 -4.66 2.29
C VAL A 37 6.81 -5.82 2.56
N GLY A 38 6.91 -6.84 1.73
CA GLY A 38 6.05 -8.00 1.87
C GLY A 38 6.66 -9.03 2.83
N GLY A 39 5.94 -10.12 3.02
CA GLY A 39 6.40 -11.18 3.89
C GLY A 39 6.56 -10.68 5.33
N LYS A 40 5.51 -10.00 5.80
CA LYS A 40 5.53 -9.45 7.15
C LYS A 40 4.27 -9.91 7.88
N GLU A 41 4.47 -10.43 9.09
CA GLU A 41 3.37 -10.91 9.90
C GLU A 41 2.37 -9.77 10.16
N ILE A 42 1.10 -10.11 10.09
CA ILE A 42 0.04 -9.13 10.32
C ILE A 42 -0.36 -9.16 11.79
N PRO A 43 -0.47 -7.92 12.37
CA PRO A 43 -0.85 -7.79 13.76
C PRO A 43 -2.34 -8.06 13.96
N GLY A 44 -2.71 -9.33 13.79
CA GLY A 44 -4.10 -9.73 13.94
C GLY A 44 -4.32 -11.15 13.41
N HIS A 45 -4.31 -11.25 12.09
CA HIS A 45 -4.51 -12.54 11.44
C HIS A 45 -3.77 -13.63 12.21
N SER A 46 -4.30 -14.83 12.14
CA SER A 46 -3.71 -15.96 12.82
C SER A 46 -2.40 -16.37 12.14
N GLY A 47 -1.30 -15.90 12.71
CA GLY A 47 0.02 -16.20 12.16
C GLY A 47 -0.02 -16.18 10.63
N GLU A 48 -0.06 -14.98 10.09
CA GLU A 48 -0.09 -14.82 8.64
C GLU A 48 0.79 -13.63 8.22
N ILE A 49 1.41 -13.79 7.06
CA ILE A 49 2.29 -12.75 6.54
C ILE A 49 1.53 -11.94 5.48
N GLY A 50 1.92 -10.68 5.35
CA GLY A 50 1.29 -9.80 4.38
C GLY A 50 2.26 -8.73 3.90
N ALA A 51 1.70 -7.63 3.42
CA ALA A 51 2.50 -6.52 2.93
C ALA A 51 2.13 -5.24 3.68
N TYR A 52 3.07 -4.33 3.76
CA TYR A 52 2.85 -3.07 4.44
C TYR A 52 3.80 -1.98 3.92
N ILE A 53 3.42 -0.75 4.17
CA ILE A 53 4.23 0.39 3.73
C ILE A 53 5.43 0.55 4.66
N ALA A 54 6.60 0.29 4.11
CA ALA A 54 7.83 0.41 4.87
C ALA A 54 7.93 1.81 5.46
N LYS A 55 7.81 2.80 4.58
CA LYS A 55 7.89 4.19 4.99
C LYS A 55 7.50 5.09 3.82
N ILE A 56 6.52 5.94 4.07
CA ILE A 56 6.06 6.86 3.05
C ILE A 56 7.21 7.76 2.62
N LEU A 57 7.67 7.53 1.39
CA LEU A 57 8.76 8.31 0.84
C LEU A 57 8.59 9.78 1.25
N PRO A 58 9.74 10.50 1.31
CA PRO A 58 9.73 11.90 1.68
C PRO A 58 9.21 12.77 0.53
N GLY A 59 7.96 13.17 0.66
CA GLY A 59 7.34 14.00 -0.36
C GLY A 59 7.19 13.23 -1.67
N GLY A 60 6.93 11.95 -1.55
CA GLY A 60 6.77 11.10 -2.71
C GLY A 60 5.31 11.03 -3.14
N SER A 61 4.93 9.88 -3.68
CA SER A 61 3.56 9.68 -4.12
C SER A 61 2.67 9.33 -2.94
N ALA A 62 3.17 8.44 -2.09
CA ALA A 62 2.42 8.02 -0.92
C ALA A 62 2.11 9.24 -0.05
N GLU A 63 3.11 10.10 0.10
CA GLU A 63 2.95 11.30 0.89
C GLU A 63 2.06 12.31 0.14
N GLN A 64 2.12 12.24 -1.18
CA GLN A 64 1.34 13.14 -2.01
C GLN A 64 -0.14 13.08 -1.62
N THR A 65 -0.70 11.89 -1.76
CA THR A 65 -2.10 11.68 -1.42
C THR A 65 -2.40 12.20 -0.01
N GLY A 66 -1.40 12.08 0.85
CA GLY A 66 -1.53 12.53 2.22
C GLY A 66 -2.75 11.89 2.89
N LYS A 67 -3.11 10.72 2.40
CA LYS A 67 -4.26 10.00 2.94
C LYS A 67 -3.78 8.64 3.47
N LEU A 68 -2.51 8.36 3.25
CA LEU A 68 -1.93 7.10 3.70
C LEU A 68 -0.73 7.39 4.60
N MET A 69 -0.34 6.38 5.35
CA MET A 69 0.80 6.51 6.24
C MET A 69 1.67 5.24 6.23
N GLU A 70 2.72 5.28 7.03
CA GLU A 70 3.63 4.16 7.11
C GLU A 70 3.01 3.04 7.96
N GLY A 71 3.59 1.85 7.82
CA GLY A 71 3.11 0.70 8.57
C GLY A 71 1.63 0.43 8.28
N MET A 72 1.19 0.96 7.14
CA MET A 72 -0.20 0.78 6.74
C MET A 72 -0.40 -0.55 6.01
N GLN A 73 -0.82 -1.56 6.78
CA GLN A 73 -1.04 -2.88 6.21
C GLN A 73 -1.76 -2.76 4.87
N VAL A 74 -1.02 -3.09 3.81
CA VAL A 74 -1.57 -3.03 2.47
C VAL A 74 -2.39 -4.30 2.20
N LEU A 75 -3.70 -4.11 2.12
CA LEU A 75 -4.60 -5.23 1.87
C LEU A 75 -4.44 -5.69 0.42
N GLU A 76 -4.63 -4.75 -0.49
CA GLU A 76 -4.51 -5.06 -1.91
C GLU A 76 -3.79 -3.92 -2.64
N TRP A 77 -3.13 -4.28 -3.72
CA TRP A 77 -2.39 -3.30 -4.51
C TRP A 77 -2.76 -3.52 -5.98
N ASN A 78 -3.50 -2.56 -6.52
CA ASN A 78 -3.92 -2.64 -7.91
C ASN A 78 -4.78 -3.89 -8.11
N GLY A 79 -5.48 -4.27 -7.05
CA GLY A 79 -6.33 -5.44 -7.11
C GLY A 79 -5.62 -6.66 -6.56
N ILE A 80 -4.41 -6.89 -7.05
CA ILE A 80 -3.62 -8.02 -6.62
C ILE A 80 -3.36 -7.92 -5.11
N PRO A 81 -3.72 -9.02 -4.40
CA PRO A 81 -3.53 -9.05 -2.95
C PRO A 81 -2.07 -9.25 -2.59
N LEU A 82 -1.71 -8.80 -1.40
CA LEU A 82 -0.35 -8.91 -0.92
C LEU A 82 -0.34 -9.69 0.39
N THR A 83 -1.24 -10.65 0.49
CA THR A 83 -1.35 -11.46 1.69
C THR A 83 -0.81 -12.87 1.43
N SER A 84 -0.12 -13.41 2.42
CA SER A 84 0.44 -14.74 2.31
C SER A 84 1.46 -14.79 1.17
N LYS A 85 2.23 -13.72 1.06
CA LYS A 85 3.24 -13.62 0.02
C LYS A 85 4.60 -13.32 0.66
N THR A 86 5.56 -13.00 -0.20
CA THR A 86 6.90 -12.69 0.28
C THR A 86 7.39 -11.37 -0.32
N TYR A 87 8.45 -10.84 0.26
CA TYR A 87 9.01 -9.58 -0.20
C TYR A 87 9.09 -9.54 -1.73
N GLU A 88 9.93 -10.40 -2.26
CA GLU A 88 10.10 -10.47 -3.71
C GLU A 88 8.74 -10.45 -4.41
N GLU A 89 8.00 -11.53 -4.23
CA GLU A 89 6.69 -11.66 -4.84
C GLU A 89 5.97 -10.30 -4.79
N VAL A 90 5.54 -9.94 -3.59
CA VAL A 90 4.84 -8.68 -3.39
C VAL A 90 5.49 -7.60 -4.26
N GLN A 91 6.76 -7.35 -3.98
CA GLN A 91 7.51 -6.34 -4.72
C GLN A 91 7.16 -6.41 -6.21
N SER A 92 7.50 -7.54 -6.81
CA SER A 92 7.23 -7.75 -8.23
C SER A 92 5.85 -7.18 -8.59
N ILE A 93 4.85 -7.62 -7.84
CA ILE A 93 3.49 -7.16 -8.06
C ILE A 93 3.47 -5.63 -8.10
N ILE A 94 4.19 -5.04 -7.15
CA ILE A 94 4.26 -3.59 -7.07
C ILE A 94 5.17 -3.07 -8.19
N SER A 95 6.42 -3.51 -8.14
CA SER A 95 7.39 -3.08 -9.14
C SER A 95 6.72 -2.98 -10.52
N GLN A 96 5.91 -3.99 -10.82
CA GLN A 96 5.20 -4.02 -12.08
C GLN A 96 3.97 -3.11 -12.04
N GLN A 97 4.05 -2.02 -12.78
CA GLN A 97 2.95 -1.07 -12.83
C GLN A 97 3.25 0.03 -13.87
N SER A 98 2.30 0.95 -13.99
CA SER A 98 2.45 2.04 -14.93
C SER A 98 1.30 3.04 -14.75
N GLY A 99 1.68 4.27 -14.39
CA GLY A 99 0.70 5.32 -14.19
C GLY A 99 -0.15 5.03 -12.93
N GLU A 100 0.05 5.87 -11.93
CA GLU A 100 -0.68 5.73 -10.68
C GLU A 100 -0.72 4.26 -10.25
N ALA A 101 -1.51 4.00 -9.22
CA ALA A 101 -1.64 2.65 -8.71
C ALA A 101 -2.66 2.63 -7.57
N GLU A 102 -3.42 1.55 -7.50
CA GLU A 102 -4.43 1.41 -6.47
C GLU A 102 -3.83 0.72 -5.23
N ILE A 103 -4.11 1.30 -4.07
CA ILE A 103 -3.61 0.76 -2.83
C ILE A 103 -4.76 0.70 -1.81
N CYS A 104 -4.99 -0.50 -1.30
CA CYS A 104 -6.04 -0.71 -0.32
C CYS A 104 -5.39 -0.99 1.03
N VAL A 105 -5.49 -0.01 1.91
CA VAL A 105 -4.92 -0.13 3.24
C VAL A 105 -6.05 -0.12 4.28
N ARG A 106 -5.66 -0.37 5.52
CA ARG A 106 -6.62 -0.40 6.61
C ARG A 106 -6.34 0.73 7.61
N LEU A 107 -7.30 1.62 7.74
CA LEU A 107 -7.15 2.75 8.65
C LEU A 107 -6.79 2.23 10.04
N ASP A 108 -7.66 1.38 10.56
CA ASP A 108 -7.45 0.80 11.88
C ASP A 108 -6.06 0.15 11.93
N LEU A 109 -5.96 -0.99 11.27
CA LEU A 109 -4.70 -1.71 11.22
C LEU A 109 -3.56 -0.74 10.97
N ASN A 110 -2.51 -0.87 11.78
CA ASN A 110 -1.35 -0.01 11.65
C ASN A 110 -0.11 -0.75 12.13
N MET A 111 0.52 -1.46 11.19
CA MET A 111 1.72 -2.22 11.51
C MET A 111 2.77 -1.33 12.18
N SER A 112 3.31 -1.85 13.28
CA SER A 112 4.33 -1.11 14.01
C SER A 112 5.70 -1.37 13.40
N GLY A 113 6.05 -0.55 12.43
CA GLY A 113 7.32 -0.67 11.75
C GLY A 113 8.36 0.27 12.37
N PRO A 114 9.62 -0.25 12.48
CA PRO A 114 10.70 0.54 13.05
C PRO A 114 11.19 1.60 12.05
N SER A 115 12.19 2.35 12.48
CA SER A 115 12.75 3.40 11.64
C SER A 115 13.98 4.01 12.32
N SER A 116 14.99 4.29 11.51
CA SER A 116 16.21 4.88 12.02
C SER A 116 16.71 5.97 11.07
N GLY A 117 16.62 7.20 11.54
CA GLY A 117 17.05 8.34 10.74
C GLY A 117 17.09 9.62 11.59
N GLY A 1 -29.19 -4.79 -13.80
CA GLY A 1 -29.87 -3.51 -13.92
C GLY A 1 -30.40 -3.05 -12.55
N SER A 2 -29.48 -2.60 -11.72
CA SER A 2 -29.84 -2.13 -10.38
C SER A 2 -28.63 -1.47 -9.72
N SER A 3 -28.92 -0.43 -8.95
CA SER A 3 -27.87 0.29 -8.25
C SER A 3 -27.79 -0.16 -6.80
N GLY A 4 -26.58 -0.09 -6.25
CA GLY A 4 -26.36 -0.49 -4.87
C GLY A 4 -25.01 -1.20 -4.72
N SER A 5 -25.06 -2.51 -4.76
CA SER A 5 -23.85 -3.31 -4.64
C SER A 5 -23.43 -3.40 -3.16
N SER A 6 -23.23 -2.24 -2.57
CA SER A 6 -22.83 -2.17 -1.17
C SER A 6 -21.53 -2.95 -0.96
N GLY A 7 -20.42 -2.26 -1.18
CA GLY A 7 -19.11 -2.88 -1.02
C GLY A 7 -18.29 -2.14 0.04
N HIS A 8 -18.40 -2.63 1.27
CA HIS A 8 -17.68 -2.02 2.38
C HIS A 8 -17.39 -3.09 3.44
N TYR A 9 -16.11 -3.26 3.71
CA TYR A 9 -15.68 -4.25 4.70
C TYR A 9 -16.26 -3.92 6.08
N ILE A 10 -16.04 -4.84 7.01
CA ILE A 10 -16.53 -4.66 8.37
C ILE A 10 -15.60 -3.71 9.12
N PHE A 11 -14.42 -3.52 8.56
CA PHE A 11 -13.43 -2.64 9.17
C PHE A 11 -13.25 -1.37 8.34
N PRO A 12 -12.66 -0.34 8.99
CA PRO A 12 -12.42 0.93 8.32
C PRO A 12 -11.25 0.82 7.34
N HIS A 13 -11.55 1.10 6.08
CA HIS A 13 -10.53 1.04 5.04
C HIS A 13 -10.69 2.24 4.11
N ALA A 14 -9.74 2.37 3.20
CA ALA A 14 -9.75 3.47 2.24
C ALA A 14 -8.97 3.06 0.98
N ARG A 15 -9.55 3.38 -0.16
CA ARG A 15 -8.92 3.06 -1.43
C ARG A 15 -8.42 4.32 -2.11
N ILE A 16 -7.19 4.69 -1.77
CA ILE A 16 -6.58 5.88 -2.34
C ILE A 16 -5.65 5.47 -3.49
N LYS A 17 -5.81 6.16 -4.61
CA LYS A 17 -5.00 5.88 -5.78
C LYS A 17 -3.74 6.75 -5.74
N ILE A 18 -2.75 6.31 -6.49
CA ILE A 18 -1.48 7.03 -6.55
C ILE A 18 -1.10 7.27 -8.01
N THR A 19 -0.96 8.55 -8.35
CA THR A 19 -0.60 8.93 -9.70
C THR A 19 0.87 9.29 -9.78
N ARG A 20 1.48 8.96 -10.92
CA ARG A 20 2.89 9.23 -11.13
C ARG A 20 3.07 10.63 -11.73
N ASP A 21 3.80 11.45 -11.01
CA ASP A 21 4.06 12.82 -11.45
C ASP A 21 4.96 13.52 -10.43
N SER A 22 4.40 13.75 -9.25
CA SER A 22 5.13 14.41 -8.19
C SER A 22 5.63 15.78 -8.67
N LYS A 23 4.97 16.81 -8.16
CA LYS A 23 5.34 18.18 -8.53
C LYS A 23 5.57 18.25 -10.03
N ASP A 24 4.48 18.45 -10.76
CA ASP A 24 4.56 18.54 -12.20
C ASP A 24 5.01 19.95 -12.60
N HIS A 25 6.18 20.02 -13.21
CA HIS A 25 6.73 21.28 -13.63
C HIS A 25 7.79 21.05 -14.72
N THR A 26 8.79 20.26 -14.37
CA THR A 26 9.86 19.94 -15.31
C THR A 26 10.61 18.69 -14.86
N VAL A 27 10.97 18.68 -13.58
CA VAL A 27 11.69 17.55 -13.01
C VAL A 27 10.93 16.26 -13.33
N SER A 28 11.70 15.20 -13.56
CA SER A 28 11.12 13.91 -13.87
C SER A 28 12.00 12.79 -13.32
N GLY A 29 11.35 11.71 -12.91
CA GLY A 29 12.06 10.57 -12.36
C GLY A 29 11.30 9.98 -11.16
N ASN A 30 11.23 10.77 -10.09
CA ASN A 30 10.54 10.33 -8.89
C ASN A 30 9.05 10.63 -9.03
N GLY A 31 8.25 9.65 -8.62
CA GLY A 31 6.81 9.79 -8.69
C GLY A 31 6.13 9.09 -7.52
N LEU A 32 5.69 7.86 -7.77
CA LEU A 32 5.03 7.07 -6.75
C LEU A 32 5.77 7.24 -5.43
N GLY A 33 6.94 6.64 -5.35
CA GLY A 33 7.76 6.72 -4.15
C GLY A 33 7.05 6.06 -2.96
N ILE A 34 7.15 4.75 -2.91
CA ILE A 34 6.52 3.99 -1.83
C ILE A 34 7.29 2.67 -1.63
N ARG A 35 7.65 2.43 -0.37
CA ARG A 35 8.38 1.23 -0.02
C ARG A 35 7.49 0.29 0.80
N ILE A 36 7.21 -0.87 0.20
CA ILE A 36 6.38 -1.86 0.86
C ILE A 36 7.20 -3.13 1.09
N VAL A 37 7.02 -3.72 2.27
CA VAL A 37 7.72 -4.93 2.62
C VAL A 37 6.71 -6.06 2.86
N GLY A 38 6.83 -7.10 2.04
CA GLY A 38 5.94 -8.24 2.16
C GLY A 38 6.47 -9.26 3.17
N GLY A 39 5.92 -10.45 3.09
CA GLY A 39 6.33 -11.52 4.00
C GLY A 39 6.56 -10.99 5.41
N LYS A 40 5.57 -10.25 5.90
CA LYS A 40 5.66 -9.68 7.23
C LYS A 40 4.46 -10.13 8.06
N GLU A 41 4.76 -10.63 9.25
CA GLU A 41 3.71 -11.11 10.14
C GLU A 41 2.70 -9.99 10.40
N ILE A 42 1.42 -10.37 10.32
CA ILE A 42 0.34 -9.42 10.54
C ILE A 42 -0.16 -9.55 11.97
N PRO A 43 -0.22 -8.37 12.67
CA PRO A 43 -0.68 -8.34 14.05
C PRO A 43 -2.20 -8.51 14.13
N GLY A 44 -2.62 -9.46 14.94
CA GLY A 44 -4.04 -9.74 15.11
C GLY A 44 -4.41 -11.11 14.53
N HIS A 45 -3.74 -11.46 13.45
CA HIS A 45 -3.98 -12.74 12.80
C HIS A 45 -3.18 -13.83 13.50
N SER A 46 -3.81 -15.00 13.60
CA SER A 46 -3.16 -16.14 14.25
C SER A 46 -1.69 -16.20 13.84
N GLY A 47 -1.44 -15.91 12.57
CA GLY A 47 -0.08 -15.92 12.05
C GLY A 47 -0.08 -15.96 10.52
N GLU A 48 -0.28 -14.78 9.94
CA GLU A 48 -0.31 -14.66 8.50
C GLU A 48 0.63 -13.55 8.03
N ILE A 49 1.33 -13.80 6.94
CA ILE A 49 2.24 -12.83 6.39
C ILE A 49 1.52 -11.95 5.37
N GLY A 50 1.98 -10.72 5.27
CA GLY A 50 1.38 -9.76 4.34
C GLY A 50 2.40 -8.70 3.90
N ALA A 51 1.88 -7.56 3.50
CA ALA A 51 2.72 -6.47 3.05
C ALA A 51 2.22 -5.16 3.66
N TYR A 52 3.16 -4.27 3.93
CA TYR A 52 2.82 -2.98 4.51
C TYR A 52 3.78 -1.88 4.02
N ILE A 53 3.35 -0.64 4.19
CA ILE A 53 4.15 0.49 3.77
C ILE A 53 5.27 0.73 4.80
N ALA A 54 6.47 0.30 4.44
CA ALA A 54 7.61 0.47 5.32
C ALA A 54 7.87 1.96 5.55
N LYS A 55 8.08 2.66 4.44
CA LYS A 55 8.34 4.09 4.50
C LYS A 55 7.98 4.73 3.16
N ILE A 56 7.33 5.88 3.23
CA ILE A 56 6.94 6.60 2.04
C ILE A 56 8.03 7.59 1.65
N LEU A 57 8.41 7.55 0.38
CA LEU A 57 9.45 8.44 -0.12
C LEU A 57 9.05 9.89 0.17
N PRO A 58 10.09 10.75 0.35
CA PRO A 58 9.86 12.15 0.64
C PRO A 58 9.43 12.90 -0.63
N GLY A 59 8.34 13.65 -0.49
CA GLY A 59 7.82 14.41 -1.61
C GLY A 59 7.31 13.49 -2.71
N GLY A 60 6.65 12.42 -2.29
CA GLY A 60 6.10 11.46 -3.23
C GLY A 60 4.59 11.60 -3.36
N SER A 61 4.03 10.87 -4.31
CA SER A 61 2.59 10.91 -4.53
C SER A 61 1.85 10.25 -3.36
N ALA A 62 2.48 9.21 -2.82
CA ALA A 62 1.89 8.48 -1.70
C ALA A 62 1.76 9.43 -0.51
N GLU A 63 2.75 10.29 -0.36
CA GLU A 63 2.76 11.25 0.74
C GLU A 63 1.84 12.43 0.41
N GLN A 64 1.75 12.72 -0.87
CA GLN A 64 0.92 13.83 -1.33
C GLN A 64 -0.55 13.55 -1.02
N THR A 65 -0.96 12.32 -1.30
CA THR A 65 -2.33 11.90 -1.05
C THR A 65 -2.83 12.50 0.26
N GLY A 66 -1.93 12.56 1.23
CA GLY A 66 -2.28 13.09 2.54
C GLY A 66 -3.40 12.27 3.19
N LYS A 67 -3.49 11.02 2.78
CA LYS A 67 -4.50 10.12 3.31
C LYS A 67 -3.84 8.86 3.85
N LEU A 68 -2.89 8.35 3.09
CA LEU A 68 -2.17 7.15 3.47
C LEU A 68 -1.30 7.45 4.69
N MET A 69 -0.85 6.39 5.34
CA MET A 69 -0.01 6.54 6.52
C MET A 69 0.91 5.32 6.68
N GLU A 70 2.21 5.60 6.62
CA GLU A 70 3.19 4.54 6.77
C GLU A 70 2.78 3.56 7.87
N GLY A 71 3.19 2.31 7.68
CA GLY A 71 2.87 1.27 8.65
C GLY A 71 1.44 0.76 8.45
N MET A 72 0.86 1.16 7.31
CA MET A 72 -0.50 0.75 6.99
C MET A 72 -0.50 -0.55 6.18
N GLN A 73 -0.93 -1.61 6.84
CA GLN A 73 -0.98 -2.91 6.18
C GLN A 73 -1.71 -2.81 4.85
N VAL A 74 -1.01 -3.18 3.79
CA VAL A 74 -1.58 -3.12 2.45
C VAL A 74 -2.36 -4.42 2.18
N LEU A 75 -3.67 -4.28 2.14
CA LEU A 75 -4.54 -5.41 1.89
C LEU A 75 -4.38 -5.87 0.44
N GLU A 76 -4.61 -4.92 -0.47
CA GLU A 76 -4.49 -5.21 -1.89
C GLU A 76 -3.75 -4.07 -2.60
N TRP A 77 -3.32 -4.36 -3.82
CA TRP A 77 -2.61 -3.38 -4.62
C TRP A 77 -2.98 -3.59 -6.08
N ASN A 78 -3.75 -2.64 -6.60
CA ASN A 78 -4.20 -2.71 -7.99
C ASN A 78 -4.98 -4.01 -8.21
N GLY A 79 -5.67 -4.42 -7.16
CA GLY A 79 -6.46 -5.65 -7.22
C GLY A 79 -5.70 -6.82 -6.60
N ILE A 80 -4.51 -7.06 -7.13
CA ILE A 80 -3.67 -8.15 -6.65
C ILE A 80 -3.42 -7.96 -5.15
N PRO A 81 -3.78 -9.01 -4.37
CA PRO A 81 -3.59 -8.98 -2.93
C PRO A 81 -2.12 -9.16 -2.56
N LEU A 82 -1.75 -8.56 -1.45
CA LEU A 82 -0.37 -8.64 -0.97
C LEU A 82 -0.35 -9.45 0.32
N THR A 83 -1.26 -10.40 0.41
CA THR A 83 -1.34 -11.26 1.58
C THR A 83 -0.91 -12.69 1.23
N SER A 84 -0.18 -13.29 2.16
CA SER A 84 0.29 -14.65 1.97
C SER A 84 1.35 -14.68 0.86
N LYS A 85 2.08 -13.58 0.76
CA LYS A 85 3.13 -13.47 -0.25
C LYS A 85 4.46 -13.15 0.43
N THR A 86 5.48 -12.97 -0.39
CA THR A 86 6.81 -12.66 0.13
C THR A 86 7.30 -11.33 -0.43
N TYR A 87 8.23 -10.73 0.29
CA TYR A 87 8.80 -9.46 -0.12
C TYR A 87 8.97 -9.40 -1.63
N GLU A 88 9.79 -10.31 -2.14
CA GLU A 88 10.05 -10.37 -3.57
C GLU A 88 8.74 -10.37 -4.35
N GLU A 89 8.01 -11.46 -4.23
CA GLU A 89 6.73 -11.60 -4.90
C GLU A 89 5.97 -10.28 -4.89
N VAL A 90 5.62 -9.85 -3.68
CA VAL A 90 4.89 -8.62 -3.50
C VAL A 90 5.55 -7.51 -4.34
N GLN A 91 6.83 -7.29 -4.06
CA GLN A 91 7.58 -6.27 -4.78
C GLN A 91 7.25 -6.33 -6.28
N SER A 92 7.15 -7.54 -6.78
CA SER A 92 6.83 -7.74 -8.18
C SER A 92 5.42 -7.22 -8.49
N ILE A 93 4.52 -7.51 -7.57
CA ILE A 93 3.13 -7.08 -7.72
C ILE A 93 3.08 -5.54 -7.73
N ILE A 94 3.95 -4.95 -6.93
CA ILE A 94 4.01 -3.50 -6.83
C ILE A 94 4.84 -2.95 -8.00
N SER A 95 6.08 -3.38 -8.05
CA SER A 95 6.99 -2.95 -9.10
C SER A 95 6.24 -2.88 -10.43
N GLN A 96 6.74 -2.01 -11.31
CA GLN A 96 6.12 -1.84 -12.62
C GLN A 96 4.87 -0.99 -12.51
N GLN A 97 4.12 -0.93 -13.60
CA GLN A 97 2.90 -0.16 -13.64
C GLN A 97 3.21 1.34 -13.65
N SER A 98 3.88 1.77 -14.71
CA SER A 98 4.25 3.16 -14.86
C SER A 98 3.06 3.97 -15.38
N GLY A 99 2.10 4.19 -14.49
CA GLY A 99 0.91 4.95 -14.86
C GLY A 99 -0.09 5.00 -13.69
N GLU A 100 0.46 5.20 -12.49
CA GLU A 100 -0.36 5.26 -11.30
C GLU A 100 -0.54 3.87 -10.70
N ALA A 101 -1.06 3.85 -9.49
CA ALA A 101 -1.30 2.59 -8.79
C ALA A 101 -2.32 2.81 -7.67
N GLU A 102 -2.90 1.71 -7.23
CA GLU A 102 -3.90 1.75 -6.17
C GLU A 102 -3.45 0.90 -4.98
N ILE A 103 -3.69 1.43 -3.79
CA ILE A 103 -3.33 0.73 -2.57
C ILE A 103 -4.54 0.66 -1.64
N CYS A 104 -4.80 -0.54 -1.15
CA CYS A 104 -5.93 -0.76 -0.26
C CYS A 104 -5.39 -1.14 1.12
N VAL A 105 -5.42 -0.18 2.03
CA VAL A 105 -4.93 -0.41 3.38
C VAL A 105 -6.12 -0.46 4.34
N ARG A 106 -5.80 -0.66 5.62
CA ARG A 106 -6.83 -0.74 6.64
C ARG A 106 -6.60 0.35 7.70
N LEU A 107 -7.48 1.34 7.68
CA LEU A 107 -7.38 2.44 8.63
C LEU A 107 -7.17 1.88 10.04
N ASP A 108 -8.15 1.09 10.48
CA ASP A 108 -8.08 0.48 11.80
C ASP A 108 -6.65 0.01 12.07
N LEU A 109 -6.34 -1.15 11.52
CA LEU A 109 -5.01 -1.73 11.69
C LEU A 109 -3.96 -0.73 11.18
N ASN A 110 -2.71 -1.07 11.42
CA ASN A 110 -1.60 -0.23 11.00
C ASN A 110 -0.28 -0.87 11.42
N MET A 111 -0.24 -2.19 11.30
CA MET A 111 0.95 -2.94 11.65
C MET A 111 1.62 -2.34 12.89
N SER A 112 1.13 -2.77 14.05
CA SER A 112 1.67 -2.28 15.31
C SER A 112 1.06 -0.93 15.65
N GLY A 113 1.46 0.08 14.88
CA GLY A 113 0.95 1.42 15.09
C GLY A 113 1.74 2.44 14.26
N PRO A 114 1.41 3.73 14.48
CA PRO A 114 2.09 4.80 13.75
C PRO A 114 3.51 5.03 14.29
N SER A 115 4.47 4.57 13.53
CA SER A 115 5.86 4.71 13.92
C SER A 115 6.25 6.19 13.93
N SER A 116 7.22 6.50 14.77
CA SER A 116 7.69 7.87 14.91
C SER A 116 9.21 7.92 14.76
N GLY A 117 9.72 9.12 14.50
CA GLY A 117 11.15 9.31 14.34
C GLY A 117 11.51 9.50 12.87
N GLY A 1 -26.82 1.17 -14.95
CA GLY A 1 -27.10 1.17 -13.53
C GLY A 1 -27.31 -0.25 -13.01
N SER A 2 -27.24 -0.38 -11.70
CA SER A 2 -27.42 -1.67 -11.06
C SER A 2 -27.49 -1.50 -9.54
N SER A 3 -28.60 -1.96 -8.97
CA SER A 3 -28.79 -1.86 -7.53
C SER A 3 -29.09 -3.25 -6.95
N GLY A 4 -28.44 -3.55 -5.85
CA GLY A 4 -28.62 -4.83 -5.19
C GLY A 4 -28.21 -4.76 -3.72
N SER A 5 -26.89 -4.79 -3.51
CA SER A 5 -26.35 -4.73 -2.16
C SER A 5 -24.83 -4.70 -2.21
N SER A 6 -24.29 -3.51 -1.97
CA SER A 6 -22.84 -3.34 -1.97
C SER A 6 -22.35 -2.96 -0.58
N GLY A 7 -21.13 -3.38 -0.28
CA GLY A 7 -20.53 -3.08 1.01
C GLY A 7 -19.02 -3.33 0.99
N HIS A 8 -18.40 -3.13 2.14
CA HIS A 8 -16.97 -3.31 2.26
C HIS A 8 -16.67 -4.23 3.44
N TYR A 9 -15.39 -4.32 3.78
CA TYR A 9 -14.96 -5.15 4.89
C TYR A 9 -15.62 -4.71 6.19
N ILE A 10 -15.47 -5.55 7.21
CA ILE A 10 -16.04 -5.27 8.52
C ILE A 10 -15.22 -4.18 9.20
N PHE A 11 -13.95 -4.12 8.85
CA PHE A 11 -13.05 -3.13 9.41
C PHE A 11 -13.01 -1.87 8.55
N PRO A 12 -12.52 -0.76 9.19
CA PRO A 12 -12.42 0.51 8.49
C PRO A 12 -11.25 0.51 7.51
N HIS A 13 -11.58 0.75 6.25
CA HIS A 13 -10.57 0.79 5.21
C HIS A 13 -10.83 1.97 4.28
N ALA A 14 -9.87 2.21 3.39
CA ALA A 14 -9.98 3.31 2.45
C ALA A 14 -8.99 3.09 1.30
N ARG A 15 -9.55 2.81 0.14
CA ARG A 15 -8.73 2.57 -1.06
C ARG A 15 -8.40 3.90 -1.73
N ILE A 16 -7.11 4.14 -1.90
CA ILE A 16 -6.65 5.36 -2.53
C ILE A 16 -5.84 5.01 -3.78
N LYS A 17 -5.75 5.97 -4.69
CA LYS A 17 -5.01 5.77 -5.92
C LYS A 17 -3.75 6.64 -5.89
N ILE A 18 -2.64 6.03 -6.30
CA ILE A 18 -1.37 6.74 -6.33
C ILE A 18 -1.22 7.44 -7.68
N THR A 19 -1.20 8.76 -7.63
CA THR A 19 -1.06 9.56 -8.83
C THR A 19 0.37 10.11 -8.95
N ARG A 20 0.96 9.88 -10.12
CA ARG A 20 2.32 10.34 -10.36
C ARG A 20 2.31 11.80 -10.80
N ASP A 21 3.38 12.50 -10.45
CA ASP A 21 3.51 13.90 -10.81
C ASP A 21 4.21 14.02 -12.16
N SER A 22 4.12 15.21 -12.73
CA SER A 22 4.73 15.47 -14.02
C SER A 22 6.24 15.24 -13.94
N LYS A 23 6.65 14.05 -14.34
CA LYS A 23 8.06 13.69 -14.31
C LYS A 23 8.36 12.69 -15.44
N ASP A 24 9.53 12.86 -16.02
CA ASP A 24 9.94 11.98 -17.12
C ASP A 24 11.47 11.90 -17.14
N HIS A 25 11.97 10.81 -16.59
CA HIS A 25 13.42 10.59 -16.54
C HIS A 25 13.73 9.13 -16.85
N THR A 26 13.83 8.84 -18.15
CA THR A 26 14.12 7.49 -18.59
C THR A 26 12.98 6.54 -18.19
N VAL A 27 12.84 5.48 -18.97
CA VAL A 27 11.81 4.49 -18.71
C VAL A 27 11.89 4.04 -17.25
N SER A 28 13.11 4.05 -16.72
CA SER A 28 13.33 3.65 -15.34
C SER A 28 12.83 2.22 -15.13
N GLY A 29 11.58 2.12 -14.71
CA GLY A 29 10.97 0.82 -14.47
C GLY A 29 9.77 0.96 -13.53
N ASN A 30 10.07 1.10 -12.25
CA ASN A 30 9.04 1.24 -11.24
C ASN A 30 8.79 2.72 -10.97
N GLY A 31 7.52 3.09 -10.97
CA GLY A 31 7.13 4.47 -10.73
C GLY A 31 6.69 4.67 -9.27
N LEU A 32 6.12 5.83 -9.01
CA LEU A 32 5.66 6.15 -7.67
C LEU A 32 6.82 6.04 -6.69
N GLY A 33 6.53 6.37 -5.44
CA GLY A 33 7.55 6.31 -4.40
C GLY A 33 6.96 5.76 -3.09
N ILE A 34 7.03 4.45 -2.94
CA ILE A 34 6.51 3.80 -1.75
C ILE A 34 7.25 2.48 -1.53
N ARG A 35 7.69 2.29 -0.29
CA ARG A 35 8.41 1.07 0.06
C ARG A 35 7.53 0.18 0.94
N ILE A 36 7.06 -0.91 0.32
CA ILE A 36 6.22 -1.86 1.03
C ILE A 36 6.97 -3.18 1.18
N VAL A 37 6.98 -3.69 2.41
CA VAL A 37 7.65 -4.94 2.69
C VAL A 37 6.61 -6.03 2.91
N GLY A 38 6.62 -6.99 2.00
CA GLY A 38 5.68 -8.11 2.07
C GLY A 38 6.25 -9.25 2.92
N GLY A 39 5.53 -10.36 2.91
CA GLY A 39 5.95 -11.52 3.67
C GLY A 39 6.26 -11.15 5.12
N LYS A 40 5.65 -10.07 5.56
CA LYS A 40 5.85 -9.59 6.92
C LYS A 40 4.69 -10.05 7.80
N GLU A 41 5.04 -10.55 8.98
CA GLU A 41 4.03 -11.02 9.92
C GLU A 41 3.05 -9.90 10.25
N ILE A 42 1.77 -10.20 10.06
CA ILE A 42 0.72 -9.24 10.33
C ILE A 42 0.56 -9.08 11.84
N PRO A 43 0.31 -7.82 12.27
CA PRO A 43 0.13 -7.52 13.68
C PRO A 43 -1.24 -7.99 14.17
N GLY A 44 -1.47 -9.29 14.02
CA GLY A 44 -2.73 -9.87 14.44
C GLY A 44 -3.34 -10.72 13.32
N HIS A 45 -3.05 -12.01 13.37
CA HIS A 45 -3.55 -12.93 12.36
C HIS A 45 -3.49 -14.37 12.90
N SER A 46 -3.92 -15.30 12.07
CA SER A 46 -3.91 -16.70 12.45
C SER A 46 -2.81 -17.44 11.69
N GLY A 47 -1.60 -16.91 11.82
CA GLY A 47 -0.45 -17.52 11.16
C GLY A 47 -0.47 -17.22 9.65
N GLU A 48 -0.19 -15.98 9.32
CA GLU A 48 -0.18 -15.56 7.93
C GLU A 48 0.99 -14.61 7.68
N ILE A 49 0.81 -13.75 6.69
CA ILE A 49 1.84 -12.79 6.33
C ILE A 49 1.28 -11.79 5.31
N GLY A 50 1.57 -10.53 5.54
CA GLY A 50 1.09 -9.47 4.65
C GLY A 50 2.20 -8.45 4.38
N ALA A 51 1.81 -7.37 3.72
CA ALA A 51 2.76 -6.32 3.39
C ALA A 51 2.33 -5.02 4.08
N TYR A 52 3.31 -4.16 4.32
CA TYR A 52 3.05 -2.89 4.96
C TYR A 52 3.98 -1.79 4.42
N ILE A 53 3.53 -0.56 4.54
CA ILE A 53 4.30 0.57 4.07
C ILE A 53 5.48 0.80 5.02
N ALA A 54 6.62 0.24 4.66
CA ALA A 54 7.82 0.38 5.46
C ALA A 54 8.12 1.87 5.67
N LYS A 55 8.32 2.55 4.56
CA LYS A 55 8.62 3.97 4.60
C LYS A 55 8.24 4.62 3.27
N ILE A 56 7.45 5.67 3.36
CA ILE A 56 7.00 6.39 2.18
C ILE A 56 8.12 7.32 1.69
N LEU A 57 8.33 7.30 0.39
CA LEU A 57 9.35 8.14 -0.21
C LEU A 57 9.14 9.59 0.22
N PRO A 58 10.25 10.38 0.15
CA PRO A 58 10.19 11.77 0.52
C PRO A 58 9.49 12.61 -0.56
N GLY A 59 8.33 13.13 -0.20
CA GLY A 59 7.56 13.94 -1.12
C GLY A 59 7.23 13.16 -2.40
N GLY A 60 6.70 11.96 -2.20
CA GLY A 60 6.34 11.10 -3.32
C GLY A 60 4.83 11.15 -3.58
N SER A 61 4.36 10.16 -4.33
CA SER A 61 2.95 10.07 -4.66
C SER A 61 2.17 9.59 -3.44
N ALA A 62 2.66 8.51 -2.84
CA ALA A 62 2.03 7.94 -1.68
C ALA A 62 1.95 8.99 -0.57
N GLU A 63 2.94 9.87 -0.58
CA GLU A 63 3.01 10.92 0.42
C GLU A 63 2.06 12.07 0.05
N GLN A 64 1.87 12.22 -1.25
CA GLN A 64 0.98 13.27 -1.75
C GLN A 64 -0.45 13.01 -1.30
N THR A 65 -0.88 11.77 -1.45
CA THR A 65 -2.22 11.39 -1.06
C THR A 65 -2.64 12.11 0.21
N GLY A 66 -1.80 11.98 1.24
CA GLY A 66 -2.07 12.61 2.51
C GLY A 66 -3.15 11.86 3.29
N LYS A 67 -3.39 10.62 2.86
CA LYS A 67 -4.38 9.79 3.50
C LYS A 67 -3.71 8.53 4.05
N LEU A 68 -2.79 7.99 3.26
CA LEU A 68 -2.08 6.79 3.65
C LEU A 68 -1.24 7.10 4.89
N MET A 69 -0.74 6.04 5.51
CA MET A 69 0.08 6.17 6.70
C MET A 69 0.98 4.95 6.89
N GLU A 70 2.27 5.20 7.02
CA GLU A 70 3.23 4.14 7.21
C GLU A 70 2.74 3.17 8.29
N GLY A 71 3.13 1.91 8.13
CA GLY A 71 2.73 0.88 9.07
C GLY A 71 1.34 0.34 8.75
N MET A 72 0.77 0.87 7.67
CA MET A 72 -0.55 0.46 7.24
C MET A 72 -0.49 -0.84 6.42
N GLN A 73 -1.04 -1.89 6.99
CA GLN A 73 -1.05 -3.19 6.33
C GLN A 73 -1.78 -3.09 4.99
N VAL A 74 -1.00 -3.11 3.92
CA VAL A 74 -1.56 -3.03 2.57
C VAL A 74 -2.27 -4.34 2.24
N LEU A 75 -3.60 -4.27 2.18
CA LEU A 75 -4.40 -5.44 1.88
C LEU A 75 -4.12 -5.88 0.44
N GLU A 76 -4.38 -4.97 -0.48
CA GLU A 76 -4.16 -5.25 -1.90
C GLU A 76 -3.53 -4.04 -2.58
N TRP A 77 -3.01 -4.28 -3.78
CA TRP A 77 -2.38 -3.22 -4.55
C TRP A 77 -2.70 -3.46 -6.03
N ASN A 78 -3.46 -2.53 -6.59
CA ASN A 78 -3.84 -2.63 -7.99
C ASN A 78 -4.71 -3.87 -8.20
N GLY A 79 -5.44 -4.23 -7.14
CA GLY A 79 -6.31 -5.39 -7.19
C GLY A 79 -5.62 -6.62 -6.62
N ILE A 80 -4.41 -6.86 -7.09
CA ILE A 80 -3.63 -8.00 -6.64
C ILE A 80 -3.36 -7.85 -5.15
N PRO A 81 -3.79 -8.89 -4.37
CA PRO A 81 -3.60 -8.89 -2.93
C PRO A 81 -2.14 -9.19 -2.58
N LEU A 82 -1.67 -8.55 -1.53
CA LEU A 82 -0.30 -8.73 -1.07
C LEU A 82 -0.31 -9.58 0.20
N THR A 83 -1.35 -10.40 0.33
CA THR A 83 -1.48 -11.26 1.49
C THR A 83 -1.01 -12.68 1.16
N SER A 84 -0.20 -13.22 2.05
CA SER A 84 0.33 -14.56 1.86
C SER A 84 1.33 -14.58 0.70
N LYS A 85 2.00 -13.44 0.53
CA LYS A 85 2.99 -13.31 -0.53
C LYS A 85 4.37 -13.17 0.09
N THR A 86 5.35 -12.92 -0.77
CA THR A 86 6.72 -12.75 -0.32
C THR A 86 7.24 -11.36 -0.70
N TYR A 87 8.19 -10.89 0.11
CA TYR A 87 8.77 -9.58 -0.12
C TYR A 87 8.93 -9.31 -1.62
N GLU A 88 9.65 -10.20 -2.28
CA GLU A 88 9.89 -10.06 -3.71
C GLU A 88 8.57 -9.90 -4.45
N GLU A 89 7.78 -10.97 -4.43
CA GLU A 89 6.49 -10.96 -5.10
C GLU A 89 5.80 -9.61 -4.91
N VAL A 90 5.38 -9.35 -3.69
CA VAL A 90 4.71 -8.11 -3.36
C VAL A 90 5.40 -6.96 -4.13
N GLN A 91 6.68 -6.80 -3.86
CA GLN A 91 7.44 -5.75 -4.50
C GLN A 91 7.28 -5.83 -6.02
N SER A 92 7.41 -7.05 -6.53
CA SER A 92 7.28 -7.28 -7.96
C SER A 92 5.88 -6.85 -8.44
N ILE A 93 4.90 -7.11 -7.59
CA ILE A 93 3.53 -6.77 -7.91
C ILE A 93 3.38 -5.25 -7.90
N ILE A 94 3.66 -4.66 -6.75
CA ILE A 94 3.56 -3.22 -6.60
C ILE A 94 4.46 -2.54 -7.64
N SER A 95 5.66 -3.09 -7.79
CA SER A 95 6.62 -2.54 -8.74
C SER A 95 6.13 -2.80 -10.17
N GLN A 96 6.97 -2.40 -11.12
CA GLN A 96 6.63 -2.58 -12.53
C GLN A 96 5.16 -2.26 -12.77
N GLN A 97 4.91 -1.00 -13.10
CA GLN A 97 3.55 -0.55 -13.35
C GLN A 97 3.56 0.62 -14.33
N SER A 98 2.59 0.60 -15.25
CA SER A 98 2.49 1.65 -16.24
C SER A 98 2.60 3.02 -15.57
N GLY A 99 1.68 3.29 -14.66
CA GLY A 99 1.68 4.55 -13.95
C GLY A 99 0.90 4.44 -12.64
N GLU A 100 0.03 5.42 -12.42
CA GLU A 100 -0.78 5.44 -11.20
C GLU A 100 -1.24 4.03 -10.85
N ALA A 101 -1.34 3.78 -9.57
CA ALA A 101 -1.77 2.48 -9.08
C ALA A 101 -2.70 2.66 -7.88
N GLU A 102 -3.55 1.67 -7.67
CA GLU A 102 -4.49 1.71 -6.56
C GLU A 102 -3.96 0.90 -5.39
N ILE A 103 -4.03 1.51 -4.22
CA ILE A 103 -3.56 0.86 -3.00
C ILE A 103 -4.69 0.82 -1.97
N CYS A 104 -4.91 -0.36 -1.41
CA CYS A 104 -5.95 -0.54 -0.42
C CYS A 104 -5.29 -0.67 0.96
N VAL A 105 -5.53 0.33 1.80
CA VAL A 105 -4.96 0.35 3.13
C VAL A 105 -6.09 0.15 4.16
N ARG A 106 -5.70 -0.28 5.35
CA ARG A 106 -6.66 -0.51 6.41
C ARG A 106 -6.47 0.55 7.52
N LEU A 107 -7.47 1.42 7.62
CA LEU A 107 -7.43 2.47 8.62
C LEU A 107 -6.86 1.91 9.93
N ASP A 108 -7.55 0.90 10.44
CA ASP A 108 -7.13 0.26 11.68
C ASP A 108 -6.03 -0.76 11.38
N LEU A 109 -5.23 -1.05 12.40
CA LEU A 109 -4.14 -2.00 12.25
C LEU A 109 -2.89 -1.27 11.74
N ASN A 110 -1.85 -1.32 12.55
CA ASN A 110 -0.60 -0.67 12.20
C ASN A 110 0.57 -1.58 12.59
N MET A 111 1.54 -1.67 11.68
CA MET A 111 2.70 -2.50 11.91
C MET A 111 3.77 -1.73 12.71
N SER A 112 4.11 -0.55 12.21
CA SER A 112 5.10 0.27 12.87
C SER A 112 4.56 1.70 13.04
N GLY A 113 5.04 2.36 14.08
CA GLY A 113 4.62 3.73 14.37
C GLY A 113 5.40 4.30 15.55
N PRO A 114 5.44 5.66 15.60
CA PRO A 114 6.14 6.34 16.67
C PRO A 114 5.35 6.30 17.96
N SER A 115 4.07 6.60 17.85
CA SER A 115 3.19 6.59 19.00
C SER A 115 3.23 5.22 19.69
N SER A 116 3.39 5.27 21.00
CA SER A 116 3.46 4.05 21.79
C SER A 116 2.33 4.02 22.81
N GLY A 117 1.88 2.81 23.11
CA GLY A 117 0.79 2.63 24.07
C GLY A 117 -0.56 2.96 23.43
N GLY A 1 -37.69 -7.61 3.66
CA GLY A 1 -36.76 -6.72 4.32
C GLY A 1 -36.01 -7.44 5.45
N SER A 2 -34.70 -7.49 5.31
CA SER A 2 -33.86 -8.15 6.29
C SER A 2 -32.38 -7.94 5.95
N SER A 3 -31.58 -7.77 6.99
CA SER A 3 -30.15 -7.56 6.81
C SER A 3 -29.91 -6.32 5.96
N GLY A 4 -28.72 -5.76 6.13
CA GLY A 4 -28.35 -4.56 5.39
C GLY A 4 -27.87 -4.93 3.98
N SER A 5 -26.68 -4.45 3.66
CA SER A 5 -26.09 -4.71 2.35
C SER A 5 -24.72 -5.35 2.52
N SER A 6 -24.26 -5.98 1.44
CA SER A 6 -22.96 -6.62 1.45
C SER A 6 -21.88 -5.69 0.90
N GLY A 7 -20.64 -6.08 1.10
CA GLY A 7 -19.52 -5.28 0.64
C GLY A 7 -18.83 -4.55 1.79
N HIS A 8 -17.66 -4.03 1.50
CA HIS A 8 -16.89 -3.31 2.51
C HIS A 8 -16.35 -4.31 3.54
N TYR A 9 -15.13 -4.04 3.98
CA TYR A 9 -14.49 -4.90 4.96
C TYR A 9 -15.04 -4.64 6.37
N ILE A 10 -14.96 -5.66 7.20
CA ILE A 10 -15.45 -5.56 8.56
C ILE A 10 -14.57 -4.58 9.34
N PHE A 11 -13.41 -4.30 8.77
CA PHE A 11 -12.47 -3.39 9.41
C PHE A 11 -12.40 -2.06 8.64
N PRO A 12 -11.86 -1.03 9.34
CA PRO A 12 -11.73 0.30 8.74
C PRO A 12 -10.58 0.33 7.73
N HIS A 13 -10.93 0.66 6.50
CA HIS A 13 -9.94 0.72 5.43
C HIS A 13 -10.20 1.97 4.57
N ALA A 14 -9.28 2.22 3.65
CA ALA A 14 -9.39 3.37 2.77
C ALA A 14 -8.77 3.02 1.42
N ARG A 15 -9.51 3.35 0.37
CA ARG A 15 -9.05 3.07 -0.98
C ARG A 15 -8.60 4.37 -1.66
N ILE A 16 -7.29 4.63 -1.56
CA ILE A 16 -6.73 5.83 -2.15
C ILE A 16 -5.87 5.44 -3.35
N LYS A 17 -6.20 6.03 -4.50
CA LYS A 17 -5.46 5.75 -5.72
C LYS A 17 -4.30 6.73 -5.84
N ILE A 18 -3.11 6.15 -6.00
CA ILE A 18 -1.90 6.95 -6.12
C ILE A 18 -1.75 7.40 -7.57
N THR A 19 -1.69 8.70 -7.76
CA THR A 19 -1.54 9.27 -9.09
C THR A 19 -0.16 9.91 -9.24
N ARG A 20 0.53 9.50 -10.30
CA ARG A 20 1.87 10.02 -10.56
C ARG A 20 1.78 11.48 -11.01
N ASP A 21 1.96 12.38 -10.04
CA ASP A 21 1.91 13.80 -10.32
C ASP A 21 2.43 14.57 -9.12
N SER A 22 2.81 15.82 -9.36
CA SER A 22 3.33 16.66 -8.31
C SER A 22 3.49 18.09 -8.82
N LYS A 23 3.49 19.03 -7.89
CA LYS A 23 3.64 20.44 -8.23
C LYS A 23 4.55 21.12 -7.21
N ASP A 24 4.20 20.95 -5.94
CA ASP A 24 4.97 21.54 -4.86
C ASP A 24 6.36 20.90 -4.83
N HIS A 25 7.35 21.67 -5.25
CA HIS A 25 8.73 21.19 -5.27
C HIS A 25 8.78 19.85 -6.01
N THR A 26 9.10 19.93 -7.29
CA THR A 26 9.19 18.74 -8.12
C THR A 26 10.08 17.70 -7.44
N VAL A 27 9.47 16.56 -7.13
CA VAL A 27 10.20 15.48 -6.48
C VAL A 27 11.59 15.35 -7.11
N SER A 28 11.61 15.45 -8.42
CA SER A 28 12.86 15.36 -9.16
C SER A 28 13.38 13.91 -9.12
N GLY A 29 13.29 13.26 -10.27
CA GLY A 29 13.74 11.88 -10.38
C GLY A 29 13.31 11.07 -9.16
N ASN A 30 12.16 10.42 -9.30
CA ASN A 30 11.63 9.60 -8.22
C ASN A 30 10.16 9.28 -8.50
N GLY A 31 9.88 7.99 -8.60
CA GLY A 31 8.52 7.54 -8.87
C GLY A 31 7.64 7.67 -7.62
N LEU A 32 6.70 6.75 -7.50
CA LEU A 32 5.79 6.75 -6.37
C LEU A 32 6.60 6.79 -5.07
N GLY A 33 7.83 6.31 -5.17
CA GLY A 33 8.72 6.28 -4.01
C GLY A 33 7.99 5.73 -2.78
N ILE A 34 7.62 4.46 -2.87
CA ILE A 34 6.92 3.81 -1.78
C ILE A 34 7.62 2.48 -1.47
N ARG A 35 7.80 2.24 -0.18
CA ARG A 35 8.45 1.02 0.27
C ARG A 35 7.46 0.15 1.05
N ILE A 36 7.06 -0.95 0.42
CA ILE A 36 6.13 -1.87 1.04
C ILE A 36 6.84 -3.20 1.36
N VAL A 37 6.89 -3.52 2.64
CA VAL A 37 7.54 -4.75 3.07
C VAL A 37 6.50 -5.87 3.13
N GLY A 38 6.72 -6.88 2.30
CA GLY A 38 5.82 -8.02 2.25
C GLY A 38 6.29 -9.14 3.17
N GLY A 39 5.55 -10.23 3.16
CA GLY A 39 5.88 -11.37 3.99
C GLY A 39 6.12 -10.95 5.43
N LYS A 40 5.19 -10.17 5.95
CA LYS A 40 5.29 -9.69 7.32
C LYS A 40 4.09 -10.20 8.12
N GLU A 41 4.38 -10.62 9.35
CA GLU A 41 3.34 -11.13 10.22
C GLU A 41 2.35 -10.01 10.59
N ILE A 42 1.08 -10.35 10.59
CA ILE A 42 0.03 -9.40 10.91
C ILE A 42 -0.56 -9.74 12.27
N PRO A 43 -0.52 -8.73 13.19
CA PRO A 43 -1.05 -8.91 14.53
C PRO A 43 -2.58 -8.89 14.52
N GLY A 44 -3.14 -10.02 14.11
CA GLY A 44 -4.59 -10.14 14.04
C GLY A 44 -5.06 -10.60 12.66
N HIS A 45 -4.76 -11.86 12.37
CA HIS A 45 -5.13 -12.45 11.10
C HIS A 45 -4.68 -13.90 11.04
N SER A 46 -4.89 -14.60 12.14
CA SER A 46 -4.51 -16.00 12.23
C SER A 46 -3.11 -16.19 11.67
N GLY A 47 -2.15 -15.54 12.30
CA GLY A 47 -0.76 -15.63 11.87
C GLY A 47 -0.66 -15.67 10.35
N GLU A 48 -0.99 -14.54 9.73
CA GLU A 48 -0.94 -14.43 8.29
C GLU A 48 0.10 -13.39 7.88
N ILE A 49 0.76 -13.67 6.77
CA ILE A 49 1.78 -12.78 6.25
C ILE A 49 1.18 -11.92 5.13
N GLY A 50 1.57 -10.65 5.13
CA GLY A 50 1.09 -9.72 4.12
C GLY A 50 2.13 -8.65 3.80
N ALA A 51 1.65 -7.45 3.53
CA ALA A 51 2.53 -6.34 3.23
C ALA A 51 2.05 -5.09 3.96
N TYR A 52 2.94 -4.11 4.05
CA TYR A 52 2.62 -2.87 4.72
C TYR A 52 3.67 -1.79 4.41
N ILE A 53 3.20 -0.56 4.30
CA ILE A 53 4.08 0.55 4.01
C ILE A 53 5.18 0.62 5.06
N ALA A 54 6.41 0.66 4.58
CA ALA A 54 7.57 0.72 5.46
C ALA A 54 8.19 2.12 5.39
N LYS A 55 8.44 2.55 4.17
CA LYS A 55 9.04 3.86 3.94
C LYS A 55 8.16 4.66 2.99
N ILE A 56 8.04 5.95 3.27
CA ILE A 56 7.23 6.84 2.45
C ILE A 56 8.02 8.11 2.15
N LEU A 57 8.91 8.01 1.17
CA LEU A 57 9.72 9.14 0.78
C LEU A 57 8.83 10.35 0.54
N PRO A 58 9.43 11.56 0.69
CA PRO A 58 8.70 12.80 0.50
C PRO A 58 8.47 13.07 -1.00
N GLY A 59 7.32 13.66 -1.28
CA GLY A 59 6.96 13.97 -2.65
C GLY A 59 6.21 12.81 -3.31
N GLY A 60 6.62 11.61 -2.94
CA GLY A 60 5.99 10.41 -3.49
C GLY A 60 4.49 10.61 -3.64
N SER A 61 3.95 10.02 -4.70
CA SER A 61 2.52 10.12 -4.98
C SER A 61 1.72 9.58 -3.80
N ALA A 62 2.36 8.71 -3.04
CA ALA A 62 1.72 8.11 -1.87
C ALA A 62 1.57 9.18 -0.79
N GLU A 63 2.69 9.78 -0.43
CA GLU A 63 2.69 10.81 0.60
C GLU A 63 1.91 12.04 0.11
N GLN A 64 1.93 12.23 -1.20
CA GLN A 64 1.24 13.36 -1.80
C GLN A 64 -0.20 13.43 -1.29
N THR A 65 -0.93 12.34 -1.52
CA THR A 65 -2.32 12.27 -1.10
C THR A 65 -2.45 12.71 0.36
N GLY A 66 -1.49 12.29 1.16
CA GLY A 66 -1.48 12.63 2.58
C GLY A 66 -2.49 11.78 3.34
N LYS A 67 -2.68 10.56 2.86
CA LYS A 67 -3.61 9.63 3.49
C LYS A 67 -2.85 8.41 3.99
N LEU A 68 -1.93 7.96 3.15
CA LEU A 68 -1.12 6.79 3.48
C LEU A 68 -0.18 7.14 4.63
N MET A 69 0.25 6.10 5.34
CA MET A 69 1.15 6.30 6.46
C MET A 69 1.86 4.98 6.81
N GLU A 70 3.12 5.12 7.21
CA GLU A 70 3.92 3.97 7.58
C GLU A 70 3.17 3.10 8.59
N GLY A 71 3.45 1.80 8.54
CA GLY A 71 2.82 0.86 9.44
C GLY A 71 1.47 0.39 8.88
N MET A 72 1.12 0.95 7.74
CA MET A 72 -0.14 0.60 7.09
C MET A 72 0.02 -0.68 6.26
N GLN A 73 -0.78 -1.67 6.60
CA GLN A 73 -0.74 -2.95 5.88
C GLN A 73 -1.45 -2.82 4.53
N VAL A 74 -0.74 -3.19 3.48
CA VAL A 74 -1.28 -3.13 2.14
C VAL A 74 -2.04 -4.42 1.85
N LEU A 75 -3.36 -4.29 1.77
CA LEU A 75 -4.20 -5.44 1.49
C LEU A 75 -4.11 -5.79 0.01
N GLU A 76 -4.47 -4.82 -0.82
CA GLU A 76 -4.42 -5.02 -2.26
C GLU A 76 -3.69 -3.86 -2.93
N TRP A 77 -3.09 -4.16 -4.07
CA TRP A 77 -2.36 -3.15 -4.82
C TRP A 77 -2.67 -3.34 -6.31
N ASN A 78 -3.46 -2.42 -6.84
CA ASN A 78 -3.84 -2.47 -8.24
C ASN A 78 -4.64 -3.74 -8.49
N GLY A 79 -5.36 -4.17 -7.46
CA GLY A 79 -6.17 -5.37 -7.56
C GLY A 79 -5.44 -6.59 -6.97
N ILE A 80 -4.22 -6.78 -7.45
CA ILE A 80 -3.41 -7.89 -6.97
C ILE A 80 -3.23 -7.79 -5.46
N PRO A 81 -3.65 -8.87 -4.75
CA PRO A 81 -3.54 -8.90 -3.31
C PRO A 81 -2.09 -9.13 -2.87
N LEU A 82 -1.74 -8.52 -1.75
CA LEU A 82 -0.40 -8.64 -1.22
C LEU A 82 -0.43 -9.48 0.06
N THR A 83 -1.42 -10.37 0.11
CA THR A 83 -1.58 -11.24 1.27
C THR A 83 -1.09 -12.65 0.95
N SER A 84 -0.41 -13.25 1.91
CA SER A 84 0.11 -14.59 1.74
C SER A 84 1.21 -14.60 0.68
N LYS A 85 2.00 -13.52 0.68
CA LYS A 85 3.09 -13.40 -0.27
C LYS A 85 4.39 -13.12 0.49
N THR A 86 5.42 -12.78 -0.27
CA THR A 86 6.72 -12.49 0.31
C THR A 86 7.24 -11.14 -0.21
N TYR A 87 8.19 -10.60 0.52
CA TYR A 87 8.78 -9.32 0.16
C TYR A 87 9.05 -9.26 -1.35
N GLU A 88 9.74 -10.27 -1.84
CA GLU A 88 10.06 -10.34 -3.26
C GLU A 88 8.78 -10.28 -4.09
N GLU A 89 8.02 -11.36 -4.03
CA GLU A 89 6.77 -11.44 -4.78
C GLU A 89 6.04 -10.09 -4.73
N VAL A 90 5.63 -9.71 -3.54
CA VAL A 90 4.93 -8.45 -3.35
C VAL A 90 5.57 -7.38 -4.21
N GLN A 91 6.84 -7.11 -3.93
CA GLN A 91 7.58 -6.10 -4.67
C GLN A 91 7.22 -6.17 -6.15
N SER A 92 7.48 -7.33 -6.75
CA SER A 92 7.18 -7.53 -8.15
C SER A 92 5.80 -6.97 -8.48
N ILE A 93 4.82 -7.39 -7.68
CA ILE A 93 3.45 -6.95 -7.88
C ILE A 93 3.41 -5.42 -7.90
N ILE A 94 4.20 -4.83 -7.01
CA ILE A 94 4.27 -3.38 -6.93
C ILE A 94 5.13 -2.84 -8.07
N SER A 95 6.40 -3.22 -8.03
CA SER A 95 7.35 -2.78 -9.05
C SER A 95 6.75 -3.02 -10.44
N GLN A 96 7.22 -2.23 -11.40
CA GLN A 96 6.76 -2.34 -12.77
C GLN A 96 5.31 -1.86 -12.88
N GLN A 97 5.17 -0.63 -13.38
CA GLN A 97 3.86 -0.04 -13.55
C GLN A 97 3.93 1.18 -14.47
N SER A 98 2.77 1.58 -14.97
CA SER A 98 2.69 2.72 -15.85
C SER A 98 2.92 4.02 -15.07
N GLY A 99 2.06 4.22 -14.08
CA GLY A 99 2.16 5.41 -13.25
C GLY A 99 1.26 5.30 -12.01
N GLU A 100 0.00 5.67 -12.20
CA GLU A 100 -0.97 5.60 -11.12
C GLU A 100 -1.22 4.16 -10.71
N ALA A 101 -1.90 4.00 -9.59
CA ALA A 101 -2.22 2.67 -9.08
C ALA A 101 -3.06 2.81 -7.81
N GLU A 102 -3.83 1.76 -7.53
CA GLU A 102 -4.68 1.75 -6.35
C GLU A 102 -4.03 0.92 -5.24
N ILE A 103 -4.14 1.44 -4.02
CA ILE A 103 -3.57 0.77 -2.87
C ILE A 103 -4.63 0.67 -1.77
N CYS A 104 -4.89 -0.56 -1.36
CA CYS A 104 -5.88 -0.81 -0.32
C CYS A 104 -5.14 -1.13 0.98
N VAL A 105 -5.22 -0.21 1.92
CA VAL A 105 -4.56 -0.39 3.20
C VAL A 105 -5.62 -0.72 4.26
N ARG A 106 -5.18 -0.69 5.51
CA ARG A 106 -6.07 -0.99 6.62
C ARG A 106 -5.76 -0.06 7.80
N LEU A 107 -6.74 0.78 8.12
CA LEU A 107 -6.60 1.72 9.22
C LEU A 107 -6.32 0.95 10.51
N ASP A 108 -7.35 0.24 10.97
CA ASP A 108 -7.23 -0.54 12.19
C ASP A 108 -5.88 -1.26 12.20
N LEU A 109 -5.56 -1.84 13.34
CA LEU A 109 -4.31 -2.57 13.50
C LEU A 109 -3.17 -1.57 13.67
N ASN A 110 -1.95 -2.09 13.57
CA ASN A 110 -0.76 -1.26 13.71
C ASN A 110 0.48 -2.15 13.73
N MET A 111 1.06 -2.33 12.56
CA MET A 111 2.24 -3.16 12.43
C MET A 111 3.49 -2.38 12.85
N SER A 112 4.29 -3.01 13.71
CA SER A 112 5.51 -2.39 14.19
C SER A 112 5.22 -0.97 14.68
N GLY A 113 5.06 -0.85 15.99
CA GLY A 113 4.78 0.44 16.60
C GLY A 113 5.93 0.87 17.51
N PRO A 114 6.58 1.99 17.13
CA PRO A 114 7.69 2.52 17.90
C PRO A 114 7.19 3.22 19.18
N SER A 115 7.53 2.62 20.30
CA SER A 115 7.13 3.16 21.59
C SER A 115 8.31 3.85 22.26
N SER A 116 8.00 4.90 23.02
CA SER A 116 9.04 5.64 23.72
C SER A 116 9.30 5.01 25.09
N GLY A 117 10.49 5.30 25.62
CA GLY A 117 10.88 4.76 26.90
C GLY A 117 11.29 3.29 26.79
#